data_2L4N
#
_entry.id   2L4N
#
_entity_poly.entity_id   1
_entity_poly.type   'polypeptide(L)'
_entity_poly.pdbx_seq_one_letter_code
;SDGGAQDCCLKYSQRKIPAKVVRSYRKQEPSLGCSIPAILFLPRKRSQAELCADPKELWVQQLMQHLDKTPSPQKPAQGC
RKDRGASKTGKKGKGSKGCKRTERSQTPKGPKL
;
_entity_poly.pdbx_strand_id   A
#
# COMPACT_ATOMS: atom_id res chain seq x y z
N SER A 1 -3.89 -11.64 -9.84
CA SER A 1 -4.75 -12.48 -10.64
C SER A 1 -4.26 -12.44 -12.07
N ASP A 2 -4.51 -13.49 -12.83
CA ASP A 2 -4.09 -13.53 -14.22
C ASP A 2 -4.87 -12.50 -15.01
N GLY A 3 -4.23 -11.42 -15.31
CA GLY A 3 -4.86 -10.35 -16.01
C GLY A 3 -4.58 -9.04 -15.32
N GLY A 4 -4.25 -9.12 -14.04
CA GLY A 4 -3.97 -7.94 -13.27
C GLY A 4 -4.52 -8.02 -11.87
N ALA A 5 -4.93 -6.90 -11.34
CA ALA A 5 -5.50 -6.83 -10.03
C ALA A 5 -6.86 -6.16 -10.12
N GLN A 6 -7.89 -6.95 -10.14
CA GLN A 6 -9.25 -6.45 -10.26
C GLN A 6 -9.80 -6.13 -8.90
N ASP A 7 -9.56 -7.03 -7.99
CA ASP A 7 -10.05 -6.89 -6.64
C ASP A 7 -9.20 -5.90 -5.91
N CYS A 8 -9.82 -5.10 -5.10
CA CYS A 8 -9.12 -4.07 -4.37
C CYS A 8 -8.25 -4.67 -3.30
N CYS A 9 -7.00 -4.18 -3.26
CA CYS A 9 -5.99 -4.61 -2.33
C CYS A 9 -5.56 -6.06 -2.66
N LEU A 10 -4.37 -6.19 -3.22
CA LEU A 10 -3.86 -7.47 -3.69
C LEU A 10 -3.29 -8.36 -2.57
N LYS A 11 -2.74 -7.74 -1.57
CA LYS A 11 -2.15 -8.44 -0.49
C LYS A 11 -2.35 -7.58 0.72
N TYR A 12 -2.24 -8.14 1.88
CA TYR A 12 -2.29 -7.37 3.09
C TYR A 12 -1.00 -7.52 3.84
N SER A 13 -0.72 -6.57 4.67
CA SER A 13 0.51 -6.52 5.41
C SER A 13 0.67 -7.67 6.41
N GLN A 14 1.43 -8.68 6.02
CA GLN A 14 1.76 -9.79 6.89
C GLN A 14 3.07 -9.47 7.60
N ARG A 15 3.84 -8.63 6.95
CA ARG A 15 5.06 -8.14 7.49
C ARG A 15 4.96 -6.65 7.64
N LYS A 16 5.70 -6.11 8.54
CA LYS A 16 5.69 -4.70 8.78
C LYS A 16 6.73 -4.05 7.92
N ILE A 17 6.31 -3.21 7.03
CA ILE A 17 7.19 -2.61 6.07
C ILE A 17 7.32 -1.11 6.36
N PRO A 18 8.48 -0.69 6.88
CA PRO A 18 8.73 0.70 7.23
C PRO A 18 8.87 1.63 6.02
N ALA A 19 8.57 2.93 6.22
CA ALA A 19 8.72 3.96 5.17
C ALA A 19 10.18 4.20 4.80
N LYS A 20 11.07 3.59 5.53
CA LYS A 20 12.49 3.66 5.28
C LYS A 20 12.86 2.84 4.06
N VAL A 21 12.19 1.72 3.92
CA VAL A 21 12.51 0.76 2.87
C VAL A 21 11.62 0.91 1.64
N VAL A 22 10.60 1.74 1.75
CA VAL A 22 9.76 2.05 0.64
C VAL A 22 9.95 3.50 0.28
N ARG A 23 9.70 3.85 -0.94
CA ARG A 23 9.90 5.19 -1.36
C ARG A 23 8.60 5.95 -1.38
N SER A 24 7.59 5.33 -1.93
CA SER A 24 6.33 5.97 -2.07
C SER A 24 5.23 4.92 -2.01
N TYR A 25 4.01 5.40 -1.92
CA TYR A 25 2.88 4.52 -1.89
C TYR A 25 2.00 4.82 -3.08
N ARG A 26 1.01 4.02 -3.29
CA ARG A 26 0.14 4.18 -4.41
C ARG A 26 -1.26 4.09 -3.89
N LYS A 27 -2.05 5.06 -4.22
CA LYS A 27 -3.39 5.14 -3.76
C LYS A 27 -4.37 4.38 -4.61
N GLN A 28 -5.31 3.77 -3.96
CA GLN A 28 -6.34 3.03 -4.62
C GLN A 28 -7.59 3.89 -4.70
N GLU A 29 -8.13 4.02 -5.88
CA GLU A 29 -9.30 4.84 -6.14
C GLU A 29 -10.52 4.25 -5.36
N PRO A 30 -11.01 4.94 -4.30
CA PRO A 30 -12.07 4.43 -3.44
C PRO A 30 -13.50 4.74 -3.89
N SER A 31 -13.68 5.19 -5.08
CA SER A 31 -15.01 5.53 -5.52
C SER A 31 -15.57 4.46 -6.45
N LEU A 32 -14.78 4.08 -7.43
CA LEU A 32 -15.18 3.06 -8.39
C LEU A 32 -14.77 1.68 -7.94
N GLY A 33 -13.65 1.61 -7.24
CA GLY A 33 -13.15 0.33 -6.80
C GLY A 33 -13.84 -0.16 -5.55
N CYS A 34 -13.37 0.30 -4.42
CA CYS A 34 -13.92 -0.11 -3.15
C CYS A 34 -14.02 1.09 -2.26
N SER A 35 -14.98 1.07 -1.36
CA SER A 35 -15.27 2.22 -0.50
C SER A 35 -14.11 2.56 0.44
N ILE A 36 -13.25 1.60 0.69
CA ILE A 36 -12.12 1.83 1.54
C ILE A 36 -10.84 1.89 0.72
N PRO A 37 -10.10 3.01 0.83
CA PRO A 37 -8.83 3.20 0.14
C PRO A 37 -7.78 2.20 0.59
N ALA A 38 -6.76 2.06 -0.20
CA ALA A 38 -5.72 1.12 0.09
C ALA A 38 -4.38 1.75 -0.12
N ILE A 39 -3.42 1.33 0.64
CA ILE A 39 -2.10 1.84 0.55
C ILE A 39 -1.19 0.79 -0.01
N LEU A 40 -0.71 1.05 -1.18
CA LEU A 40 0.20 0.19 -1.88
C LEU A 40 1.62 0.59 -1.57
N PHE A 41 2.41 -0.35 -1.16
CA PHE A 41 3.79 -0.12 -0.81
C PHE A 41 4.69 -0.42 -1.99
N LEU A 42 5.40 0.60 -2.44
CA LEU A 42 6.41 0.44 -3.46
C LEU A 42 7.78 0.48 -2.81
N PRO A 43 8.40 -0.68 -2.62
CA PRO A 43 9.68 -0.78 -1.96
C PRO A 43 10.82 -0.33 -2.85
N ARG A 44 11.97 -0.14 -2.24
CA ARG A 44 13.16 0.20 -2.95
C ARG A 44 13.59 -1.00 -3.78
N LYS A 45 13.34 -2.18 -3.23
CA LYS A 45 13.57 -3.40 -3.90
C LYS A 45 12.45 -3.59 -4.92
N ARG A 46 12.74 -4.26 -6.01
CA ARG A 46 11.73 -4.45 -7.06
C ARG A 46 11.51 -5.92 -7.34
N SER A 47 11.74 -6.73 -6.34
CA SER A 47 11.58 -8.16 -6.45
C SER A 47 10.10 -8.53 -6.40
N GLN A 48 9.34 -7.73 -5.70
CA GLN A 48 7.90 -7.92 -5.59
C GLN A 48 7.19 -6.75 -6.20
N ALA A 49 5.89 -6.85 -6.31
CA ALA A 49 5.08 -5.79 -6.89
C ALA A 49 4.65 -4.82 -5.79
N GLU A 50 3.72 -3.97 -6.11
CA GLU A 50 3.15 -3.05 -5.14
C GLU A 50 2.35 -3.82 -4.08
N LEU A 51 2.78 -3.79 -2.84
CA LEU A 51 2.08 -4.54 -1.80
C LEU A 51 1.09 -3.68 -1.10
N CYS A 52 -0.13 -4.07 -1.13
CA CYS A 52 -1.17 -3.38 -0.42
C CYS A 52 -1.05 -3.62 1.09
N ALA A 53 -1.41 -2.64 1.85
CA ALA A 53 -1.40 -2.69 3.28
C ALA A 53 -2.71 -2.13 3.79
N ASP A 54 -3.05 -2.46 5.03
CA ASP A 54 -4.27 -1.93 5.62
C ASP A 54 -3.96 -0.57 6.22
N PRO A 55 -4.52 0.50 5.66
CA PRO A 55 -4.15 1.86 6.05
C PRO A 55 -4.72 2.33 7.39
N LYS A 56 -5.57 1.52 7.97
CA LYS A 56 -6.11 1.83 9.28
C LYS A 56 -5.10 1.57 10.38
N GLU A 57 -4.06 0.80 10.06
CA GLU A 57 -2.98 0.61 10.98
C GLU A 57 -2.24 1.91 11.14
N LEU A 58 -1.80 2.18 12.34
CA LEU A 58 -1.16 3.40 12.67
C LEU A 58 0.11 3.58 11.88
N TRP A 59 0.91 2.53 11.81
CA TRP A 59 2.18 2.59 11.11
C TRP A 59 1.99 2.95 9.63
N VAL A 60 0.98 2.38 8.98
CA VAL A 60 0.69 2.69 7.56
C VAL A 60 0.29 4.16 7.44
N GLN A 61 -0.53 4.61 8.37
CA GLN A 61 -0.99 5.96 8.44
C GLN A 61 0.20 6.92 8.63
N GLN A 62 1.18 6.50 9.43
CA GLN A 62 2.38 7.28 9.65
C GLN A 62 3.23 7.35 8.38
N LEU A 63 3.34 6.20 7.69
CA LEU A 63 4.14 6.11 6.47
C LEU A 63 3.66 7.12 5.43
N MET A 64 2.33 7.27 5.35
CA MET A 64 1.68 8.20 4.42
C MET A 64 2.31 9.59 4.48
N GLN A 65 2.64 10.04 5.68
CA GLN A 65 3.20 11.37 5.83
C GLN A 65 4.63 11.45 5.31
N HIS A 66 5.42 10.42 5.53
CA HIS A 66 6.80 10.40 5.06
C HIS A 66 6.85 10.21 3.56
N LEU A 67 6.02 9.33 3.08
CA LEU A 67 6.04 8.89 1.70
C LEU A 67 5.47 9.91 0.77
N ASP A 68 4.55 10.68 1.26
CA ASP A 68 3.95 11.74 0.45
C ASP A 68 4.99 12.82 0.20
N LYS A 69 5.96 12.89 1.08
CA LYS A 69 7.01 13.87 0.99
C LYS A 69 8.05 13.39 0.01
N THR A 70 8.19 14.11 -1.06
CA THR A 70 9.11 13.78 -2.10
C THR A 70 10.10 14.93 -2.27
N SER A 1 -2.38 -10.52 -6.27
CA SER A 1 -3.12 -10.09 -7.45
C SER A 1 -3.45 -11.30 -8.29
N ASP A 2 -4.62 -11.85 -8.10
CA ASP A 2 -5.05 -13.01 -8.85
C ASP A 2 -6.31 -12.70 -9.59
N GLY A 3 -6.81 -13.67 -10.34
CA GLY A 3 -8.01 -13.48 -11.10
C GLY A 3 -9.21 -13.29 -10.20
N GLY A 4 -9.73 -12.09 -10.19
CA GLY A 4 -10.88 -11.80 -9.38
C GLY A 4 -10.86 -10.38 -8.93
N ALA A 5 -11.20 -9.49 -9.83
CA ALA A 5 -11.23 -8.09 -9.54
C ALA A 5 -12.47 -7.74 -8.74
N GLN A 6 -12.31 -7.69 -7.45
CA GLN A 6 -13.40 -7.35 -6.55
C GLN A 6 -12.90 -6.54 -5.38
N ASP A 7 -11.80 -6.95 -4.79
CA ASP A 7 -11.20 -6.20 -3.70
C ASP A 7 -10.07 -5.42 -4.31
N CYS A 8 -9.85 -4.22 -3.86
CA CYS A 8 -8.83 -3.37 -4.44
C CYS A 8 -7.45 -3.78 -4.01
N CYS A 9 -7.39 -4.52 -2.99
CA CYS A 9 -6.15 -4.89 -2.41
C CYS A 9 -5.71 -6.26 -2.96
N LEU A 10 -4.53 -6.25 -3.58
CA LEU A 10 -3.96 -7.41 -4.22
C LEU A 10 -3.06 -8.25 -3.30
N LYS A 11 -2.70 -7.71 -2.16
CA LYS A 11 -1.85 -8.37 -1.23
C LYS A 11 -2.26 -7.94 0.15
N TYR A 12 -2.36 -8.84 1.09
CA TYR A 12 -2.70 -8.38 2.40
C TYR A 12 -1.45 -8.08 3.16
N SER A 13 -1.46 -7.01 3.89
CA SER A 13 -0.34 -6.65 4.65
C SER A 13 -0.55 -7.01 6.10
N GLN A 14 -0.01 -8.14 6.47
CA GLN A 14 -0.06 -8.64 7.82
C GLN A 14 1.24 -8.27 8.50
N ARG A 15 2.27 -8.31 7.71
CA ARG A 15 3.59 -7.98 8.13
C ARG A 15 3.79 -6.50 8.01
N LYS A 16 4.34 -5.91 9.03
CA LYS A 16 4.56 -4.49 9.06
C LYS A 16 5.74 -4.10 8.20
N ILE A 17 5.54 -3.10 7.41
CA ILE A 17 6.54 -2.63 6.50
C ILE A 17 7.01 -1.27 6.97
N PRO A 18 8.31 -1.08 7.08
CA PRO A 18 8.89 0.21 7.47
C PRO A 18 9.09 1.15 6.26
N ALA A 19 8.91 2.45 6.48
CA ALA A 19 9.06 3.47 5.43
C ALA A 19 10.44 3.44 4.78
N LYS A 20 11.47 3.14 5.56
CA LYS A 20 12.83 3.12 5.02
C LYS A 20 13.06 2.08 3.92
N VAL A 21 12.17 1.10 3.78
CA VAL A 21 12.35 0.11 2.73
C VAL A 21 11.48 0.41 1.51
N VAL A 22 10.65 1.43 1.62
CA VAL A 22 9.82 1.82 0.53
C VAL A 22 10.19 3.22 0.07
N ARG A 23 9.93 3.50 -1.16
CA ARG A 23 10.29 4.73 -1.75
C ARG A 23 9.18 5.75 -1.58
N SER A 24 7.96 5.33 -1.81
CA SER A 24 6.83 6.19 -1.71
C SER A 24 5.57 5.32 -1.72
N TYR A 25 4.42 5.94 -1.78
CA TYR A 25 3.18 5.24 -1.81
C TYR A 25 2.33 5.75 -2.95
N ARG A 26 1.24 5.10 -3.18
CA ARG A 26 0.33 5.46 -4.22
C ARG A 26 -1.05 5.21 -3.65
N LYS A 27 -1.94 6.18 -3.72
CA LYS A 27 -3.23 5.98 -3.13
C LYS A 27 -4.13 5.31 -4.12
N GLN A 28 -4.87 4.37 -3.66
CA GLN A 28 -5.72 3.61 -4.50
C GLN A 28 -7.13 4.02 -4.29
N GLU A 29 -7.82 4.34 -5.35
CA GLU A 29 -9.18 4.75 -5.29
C GLU A 29 -10.07 3.52 -5.05
N PRO A 30 -11.10 3.62 -4.22
CA PRO A 30 -11.99 2.50 -3.90
C PRO A 30 -13.15 2.40 -4.91
N SER A 31 -12.88 2.81 -6.10
CA SER A 31 -13.86 2.96 -7.18
C SER A 31 -14.32 1.63 -7.80
N LEU A 32 -13.47 0.61 -7.76
CA LEU A 32 -13.81 -0.70 -8.34
C LEU A 32 -15.00 -1.28 -7.57
N GLY A 33 -15.05 -0.99 -6.31
CA GLY A 33 -16.09 -1.48 -5.46
C GLY A 33 -15.55 -1.79 -4.13
N CYS A 34 -14.79 -0.86 -3.59
CA CYS A 34 -14.15 -1.07 -2.34
C CYS A 34 -14.64 -0.05 -1.34
N SER A 35 -14.73 -0.44 -0.11
CA SER A 35 -15.20 0.42 0.94
C SER A 35 -14.05 1.31 1.41
N ILE A 36 -12.84 0.84 1.25
CA ILE A 36 -11.69 1.55 1.71
C ILE A 36 -10.70 1.81 0.57
N PRO A 37 -10.07 2.99 0.57
CA PRO A 37 -8.95 3.27 -0.30
C PRO A 37 -7.72 2.59 0.28
N ALA A 38 -6.73 2.44 -0.50
CA ALA A 38 -5.55 1.77 -0.03
C ALA A 38 -4.29 2.55 -0.26
N ILE A 39 -3.35 2.36 0.61
CA ILE A 39 -2.04 2.92 0.47
C ILE A 39 -1.16 1.87 -0.13
N LEU A 40 -0.72 2.11 -1.31
CA LEU A 40 0.10 1.14 -1.98
C LEU A 40 1.54 1.45 -1.70
N PHE A 41 2.28 0.45 -1.37
CA PHE A 41 3.66 0.58 -1.06
C PHE A 41 4.51 0.34 -2.25
N LEU A 42 5.26 1.35 -2.62
CA LEU A 42 6.21 1.25 -3.69
C LEU A 42 7.58 1.06 -3.05
N PRO A 43 8.12 -0.17 -3.10
CA PRO A 43 9.40 -0.49 -2.45
C PRO A 43 10.59 0.16 -3.15
N ARG A 44 11.79 -0.06 -2.60
CA ARG A 44 13.02 0.41 -3.25
C ARG A 44 13.18 -0.40 -4.52
N LYS A 45 12.74 -1.66 -4.43
CA LYS A 45 12.69 -2.57 -5.50
C LYS A 45 11.84 -1.99 -6.61
N ARG A 46 12.36 -2.02 -7.78
CA ARG A 46 11.71 -1.36 -8.91
C ARG A 46 11.12 -2.36 -9.89
N SER A 47 10.99 -3.59 -9.47
CA SER A 47 10.33 -4.58 -10.25
C SER A 47 9.47 -5.47 -9.35
N GLN A 48 8.42 -4.89 -8.83
CA GLN A 48 7.43 -5.54 -7.98
C GLN A 48 6.08 -4.99 -8.31
N ALA A 49 5.07 -5.55 -7.73
CA ALA A 49 3.74 -5.04 -7.89
C ALA A 49 3.54 -3.93 -6.89
N GLU A 50 2.46 -3.22 -6.98
CA GLU A 50 2.17 -2.22 -6.02
C GLU A 50 1.43 -2.90 -4.89
N LEU A 51 2.00 -2.91 -3.71
CA LEU A 51 1.40 -3.66 -2.62
C LEU A 51 0.51 -2.77 -1.81
N CYS A 52 -0.73 -3.13 -1.75
CA CYS A 52 -1.71 -2.39 -1.02
C CYS A 52 -1.59 -2.63 0.49
N ALA A 53 -1.86 -1.61 1.24
CA ALA A 53 -1.86 -1.69 2.66
C ALA A 53 -3.09 -1.01 3.19
N ASP A 54 -3.60 -1.50 4.29
CA ASP A 54 -4.77 -0.93 4.93
C ASP A 54 -4.33 0.30 5.68
N PRO A 55 -4.74 1.48 5.24
CA PRO A 55 -4.24 2.72 5.79
C PRO A 55 -4.87 3.11 7.12
N LYS A 56 -5.80 2.34 7.58
CA LYS A 56 -6.39 2.60 8.89
C LYS A 56 -5.47 2.19 10.02
N GLU A 57 -4.48 1.37 9.71
CA GLU A 57 -3.49 1.02 10.72
C GLU A 57 -2.50 2.16 10.86
N LEU A 58 -2.04 2.38 12.07
CA LEU A 58 -1.20 3.49 12.41
C LEU A 58 0.12 3.46 11.68
N TRP A 59 0.73 2.28 11.58
CA TRP A 59 2.03 2.15 10.94
C TRP A 59 2.02 2.65 9.49
N VAL A 60 0.92 2.43 8.80
CA VAL A 60 0.76 2.89 7.42
C VAL A 60 0.73 4.43 7.39
N GLN A 61 0.02 4.99 8.33
CA GLN A 61 -0.11 6.43 8.46
C GLN A 61 1.23 7.06 8.84
N GLN A 62 2.03 6.31 9.58
CA GLN A 62 3.35 6.74 9.98
C GLN A 62 4.31 6.69 8.78
N LEU A 63 4.06 5.76 7.86
CA LEU A 63 4.90 5.65 6.67
C LEU A 63 4.58 6.78 5.74
N MET A 64 3.29 7.07 5.59
CA MET A 64 2.77 8.10 4.76
C MET A 64 3.51 9.40 4.96
N GLN A 65 3.61 9.85 6.21
CA GLN A 65 4.26 11.12 6.54
C GLN A 65 5.71 11.15 6.04
N HIS A 66 6.41 10.04 6.17
CA HIS A 66 7.81 9.99 5.74
C HIS A 66 7.89 9.92 4.22
N LEU A 67 6.90 9.34 3.61
CA LEU A 67 6.87 9.18 2.18
C LEU A 67 6.50 10.46 1.48
N ASP A 68 5.74 11.27 2.17
CA ASP A 68 5.35 12.59 1.69
C ASP A 68 6.54 13.50 1.54
N LYS A 69 7.60 13.25 2.28
CA LYS A 69 8.74 14.13 2.19
C LYS A 69 9.64 13.75 1.04
N THR A 70 9.90 14.68 0.20
CA THR A 70 10.75 14.47 -0.91
C THR A 70 12.11 15.09 -0.65
N SER A 1 -12.56 -17.82 -2.19
CA SER A 1 -12.99 -18.26 -3.49
C SER A 1 -14.08 -17.34 -4.02
N ASP A 2 -13.97 -16.95 -5.27
CA ASP A 2 -14.95 -16.07 -5.90
C ASP A 2 -14.99 -16.33 -7.39
N GLY A 3 -13.84 -16.53 -7.96
CA GLY A 3 -13.72 -16.75 -9.37
C GLY A 3 -12.72 -15.80 -9.92
N GLY A 4 -12.75 -14.61 -9.38
CA GLY A 4 -11.84 -13.59 -9.76
C GLY A 4 -11.99 -12.42 -8.84
N ALA A 5 -11.39 -12.52 -7.68
CA ALA A 5 -11.49 -11.47 -6.69
C ALA A 5 -10.69 -10.26 -7.11
N GLN A 6 -11.39 -9.18 -7.37
CA GLN A 6 -10.76 -7.96 -7.80
C GLN A 6 -11.16 -6.81 -6.89
N ASP A 7 -11.68 -7.16 -5.73
CA ASP A 7 -12.01 -6.16 -4.74
C ASP A 7 -10.73 -5.53 -4.23
N CYS A 8 -10.76 -4.23 -4.01
CA CYS A 8 -9.60 -3.42 -3.68
C CYS A 8 -8.68 -4.00 -2.59
N CYS A 9 -7.37 -3.74 -2.80
CA CYS A 9 -6.25 -4.20 -1.98
C CYS A 9 -5.85 -5.63 -2.35
N LEU A 10 -4.76 -5.74 -3.09
CA LEU A 10 -4.30 -7.01 -3.65
C LEU A 10 -3.51 -7.91 -2.68
N LYS A 11 -3.00 -7.36 -1.60
CA LYS A 11 -2.21 -8.09 -0.69
C LYS A 11 -2.42 -7.53 0.70
N TYR A 12 -2.33 -8.37 1.69
CA TYR A 12 -2.41 -7.94 3.06
C TYR A 12 -1.01 -7.95 3.64
N SER A 13 -0.71 -7.04 4.51
CA SER A 13 0.59 -7.01 5.09
C SER A 13 0.54 -7.72 6.44
N GLN A 14 1.43 -8.67 6.62
CA GLN A 14 1.47 -9.46 7.84
C GLN A 14 2.49 -8.87 8.82
N ARG A 15 3.40 -8.09 8.29
CA ARG A 15 4.42 -7.45 9.09
C ARG A 15 4.34 -5.96 8.92
N LYS A 16 5.10 -5.26 9.70
CA LYS A 16 5.16 -3.83 9.61
C LYS A 16 6.35 -3.44 8.77
N ILE A 17 6.12 -2.56 7.87
CA ILE A 17 7.13 -2.10 6.97
C ILE A 17 7.45 -0.65 7.29
N PRO A 18 8.72 -0.30 7.52
CA PRO A 18 9.10 1.08 7.74
C PRO A 18 9.25 1.83 6.41
N ALA A 19 8.90 3.13 6.42
CA ALA A 19 8.98 3.97 5.20
C ALA A 19 10.40 4.09 4.66
N LYS A 20 11.37 3.68 5.43
CA LYS A 20 12.78 3.73 5.03
C LYS A 20 13.05 2.73 3.91
N VAL A 21 12.38 1.61 3.98
CA VAL A 21 12.64 0.53 3.03
C VAL A 21 11.72 0.60 1.81
N VAL A 22 10.92 1.63 1.73
CA VAL A 22 10.09 1.83 0.58
C VAL A 22 10.45 3.15 -0.07
N ARG A 23 10.14 3.29 -1.32
CA ARG A 23 10.44 4.46 -2.04
C ARG A 23 9.32 5.46 -1.88
N SER A 24 8.13 5.05 -2.24
CA SER A 24 6.96 5.89 -2.23
C SER A 24 5.74 4.99 -2.14
N TYR A 25 4.57 5.58 -2.06
CA TYR A 25 3.35 4.80 -2.05
C TYR A 25 2.48 5.18 -3.24
N ARG A 26 1.47 4.41 -3.48
CA ARG A 26 0.60 4.63 -4.59
C ARG A 26 -0.82 4.67 -4.07
N LYS A 27 -1.57 5.66 -4.54
CA LYS A 27 -2.91 5.94 -4.07
C LYS A 27 -3.96 5.16 -4.77
N GLN A 28 -4.92 4.78 -4.01
CA GLN A 28 -6.07 4.07 -4.49
C GLN A 28 -7.29 4.68 -3.85
N GLU A 29 -8.11 5.30 -4.65
CA GLU A 29 -9.29 5.87 -4.14
C GLU A 29 -10.45 4.92 -4.35
N PRO A 30 -11.22 4.60 -3.29
CA PRO A 30 -12.35 3.70 -3.37
C PRO A 30 -13.56 4.40 -4.01
N SER A 31 -13.50 4.60 -5.30
CA SER A 31 -14.54 5.29 -6.01
C SER A 31 -15.24 4.39 -7.04
N LEU A 32 -14.50 3.44 -7.61
CA LEU A 32 -15.04 2.61 -8.68
C LEU A 32 -16.11 1.66 -8.14
N GLY A 33 -15.78 0.91 -7.12
CA GLY A 33 -16.76 0.03 -6.54
C GLY A 33 -16.23 -0.78 -5.38
N CYS A 34 -15.49 -0.14 -4.50
CA CYS A 34 -15.00 -0.78 -3.32
C CYS A 34 -15.10 0.17 -2.13
N SER A 35 -15.33 -0.37 -0.97
CA SER A 35 -15.46 0.43 0.22
C SER A 35 -14.12 0.63 0.95
N ILE A 36 -13.12 -0.19 0.62
CA ILE A 36 -11.86 -0.14 1.35
C ILE A 36 -10.70 0.41 0.50
N PRO A 37 -10.08 1.53 0.95
CA PRO A 37 -8.89 2.10 0.31
C PRO A 37 -7.65 1.25 0.57
N ALA A 38 -6.65 1.48 -0.23
CA ALA A 38 -5.43 0.71 -0.14
C ALA A 38 -4.22 1.57 -0.35
N ILE A 39 -3.16 1.23 0.33
CA ILE A 39 -1.89 1.89 0.15
C ILE A 39 -0.91 0.93 -0.45
N LEU A 40 -0.52 1.22 -1.64
CA LEU A 40 0.39 0.39 -2.38
C LEU A 40 1.82 0.83 -2.11
N PHE A 41 2.64 -0.08 -1.68
CA PHE A 41 4.02 0.18 -1.38
C PHE A 41 4.92 -0.17 -2.55
N LEU A 42 5.80 0.76 -2.87
CA LEU A 42 6.88 0.51 -3.81
C LEU A 42 8.16 0.35 -2.99
N PRO A 43 8.59 -0.89 -2.74
CA PRO A 43 9.72 -1.16 -1.85
C PRO A 43 11.10 -1.08 -2.51
N ARG A 44 12.12 -0.92 -1.65
CA ARG A 44 13.52 -0.93 -2.04
C ARG A 44 13.92 -2.36 -2.40
N LYS A 45 13.19 -3.30 -1.83
CA LYS A 45 13.41 -4.71 -2.07
C LYS A 45 13.09 -5.08 -3.50
N ARG A 46 13.60 -6.20 -3.94
CA ARG A 46 13.41 -6.64 -5.29
C ARG A 46 12.03 -7.23 -5.51
N SER A 47 11.06 -6.36 -5.58
CA SER A 47 9.70 -6.68 -5.87
C SER A 47 9.04 -5.40 -6.36
N GLN A 48 9.28 -5.08 -7.60
CA GLN A 48 8.75 -3.88 -8.14
C GLN A 48 7.39 -4.12 -8.73
N ALA A 49 6.45 -3.65 -8.03
CA ALA A 49 5.05 -3.77 -8.34
C ALA A 49 4.33 -2.97 -7.29
N GLU A 50 3.03 -3.01 -7.30
CA GLU A 50 2.28 -2.34 -6.30
C GLU A 50 1.81 -3.35 -5.24
N LEU A 51 2.27 -3.20 -4.03
CA LEU A 51 1.88 -4.09 -2.94
C LEU A 51 0.99 -3.36 -1.96
N CYS A 52 -0.19 -3.87 -1.74
CA CYS A 52 -1.12 -3.24 -0.82
C CYS A 52 -0.80 -3.49 0.64
N ALA A 53 -1.06 -2.48 1.41
CA ALA A 53 -1.02 -2.49 2.82
C ALA A 53 -2.29 -1.82 3.30
N ASP A 54 -2.83 -2.24 4.42
CA ASP A 54 -4.09 -1.68 4.92
C ASP A 54 -3.84 -0.32 5.58
N PRO A 55 -4.32 0.78 4.98
CA PRO A 55 -4.03 2.13 5.46
C PRO A 55 -4.76 2.52 6.74
N LYS A 56 -5.67 1.68 7.16
CA LYS A 56 -6.35 1.88 8.42
C LYS A 56 -5.38 1.65 9.57
N GLU A 57 -4.33 0.91 9.30
CA GLU A 57 -3.27 0.70 10.27
C GLU A 57 -2.53 1.99 10.51
N LEU A 58 -2.09 2.18 11.72
CA LEU A 58 -1.41 3.37 12.10
C LEU A 58 -0.06 3.45 11.44
N TRP A 59 0.65 2.32 11.41
CA TRP A 59 1.97 2.27 10.80
C TRP A 59 1.95 2.68 9.32
N VAL A 60 0.87 2.34 8.62
CA VAL A 60 0.73 2.68 7.21
C VAL A 60 0.53 4.18 7.05
N GLN A 61 -0.28 4.76 7.92
CA GLN A 61 -0.52 6.16 7.89
C GLN A 61 0.76 6.91 8.25
N GLN A 62 1.51 6.36 9.19
CA GLN A 62 2.78 6.92 9.58
C GLN A 62 3.76 6.90 8.40
N LEU A 63 3.61 5.91 7.51
CA LEU A 63 4.44 5.84 6.33
C LEU A 63 4.03 6.89 5.35
N MET A 64 2.72 6.99 5.08
CA MET A 64 2.17 8.02 4.19
C MET A 64 2.68 9.38 4.57
N GLN A 65 2.62 9.72 5.85
CA GLN A 65 3.08 11.03 6.33
C GLN A 65 4.56 11.29 6.01
N HIS A 66 5.38 10.24 6.10
CA HIS A 66 6.81 10.37 5.80
C HIS A 66 7.03 10.48 4.30
N LEU A 67 6.36 9.62 3.56
CA LEU A 67 6.50 9.54 2.11
C LEU A 67 5.89 10.75 1.44
N ASP A 68 4.90 11.30 2.09
CA ASP A 68 4.25 12.56 1.69
C ASP A 68 5.27 13.70 1.69
N LYS A 69 6.31 13.53 2.50
CA LYS A 69 7.35 14.50 2.59
C LYS A 69 8.43 14.18 1.59
N THR A 70 8.49 14.97 0.57
CA THR A 70 9.44 14.81 -0.47
C THR A 70 10.26 16.09 -0.59
N SER A 1 -6.04 -19.47 8.19
CA SER A 1 -4.92 -19.15 7.35
C SER A 1 -5.40 -18.68 5.98
N ASP A 2 -5.26 -17.39 5.71
CA ASP A 2 -5.64 -16.78 4.43
C ASP A 2 -7.12 -16.96 4.10
N GLY A 3 -7.90 -15.97 4.45
CA GLY A 3 -9.32 -16.01 4.19
C GLY A 3 -9.59 -15.97 2.71
N GLY A 4 -9.03 -14.99 2.06
CA GLY A 4 -9.18 -14.88 0.65
C GLY A 4 -9.17 -13.46 0.20
N ALA A 5 -9.02 -13.27 -1.08
CA ALA A 5 -8.99 -11.97 -1.66
C ALA A 5 -10.41 -11.45 -1.81
N GLN A 6 -10.58 -10.21 -1.52
CA GLN A 6 -11.87 -9.56 -1.65
C GLN A 6 -11.74 -8.49 -2.71
N ASP A 7 -12.78 -7.70 -2.92
CA ASP A 7 -12.67 -6.59 -3.88
C ASP A 7 -11.74 -5.57 -3.30
N CYS A 8 -10.78 -5.16 -4.12
CA CYS A 8 -9.74 -4.22 -3.75
C CYS A 8 -8.69 -4.85 -2.84
N CYS A 9 -7.44 -4.40 -3.00
CA CYS A 9 -6.29 -4.85 -2.21
C CYS A 9 -5.85 -6.30 -2.60
N LEU A 10 -4.71 -6.40 -3.30
CA LEU A 10 -4.21 -7.70 -3.83
C LEU A 10 -3.50 -8.53 -2.76
N LYS A 11 -2.92 -7.86 -1.82
CA LYS A 11 -2.13 -8.44 -0.83
C LYS A 11 -2.39 -7.69 0.43
N TYR A 12 -2.51 -8.38 1.51
CA TYR A 12 -2.76 -7.76 2.77
C TYR A 12 -1.43 -7.59 3.49
N SER A 13 -1.33 -6.60 4.35
CA SER A 13 -0.11 -6.37 5.08
C SER A 13 0.14 -7.47 6.10
N GLN A 14 1.12 -8.32 5.79
CA GLN A 14 1.47 -9.44 6.62
C GLN A 14 2.21 -8.98 7.88
N ARG A 15 3.00 -7.95 7.74
CA ARG A 15 3.81 -7.45 8.83
C ARG A 15 4.13 -5.99 8.63
N LYS A 16 4.81 -5.41 9.60
CA LYS A 16 5.14 -3.99 9.58
C LYS A 16 6.31 -3.70 8.65
N ILE A 17 6.08 -2.83 7.72
CA ILE A 17 7.06 -2.44 6.73
C ILE A 17 7.44 -0.98 7.00
N PRO A 18 8.73 -0.67 7.10
CA PRO A 18 9.19 0.70 7.32
C PRO A 18 9.31 1.52 6.02
N ALA A 19 9.01 2.82 6.11
CA ALA A 19 9.06 3.74 4.95
C ALA A 19 10.45 3.84 4.32
N LYS A 20 11.49 3.54 5.06
CA LYS A 20 12.85 3.64 4.51
C LYS A 20 13.17 2.55 3.48
N VAL A 21 12.41 1.48 3.46
CA VAL A 21 12.68 0.42 2.50
C VAL A 21 11.86 0.62 1.23
N VAL A 22 11.01 1.63 1.24
CA VAL A 22 10.20 1.94 0.11
C VAL A 22 10.50 3.36 -0.38
N ARG A 23 9.97 3.71 -1.52
CA ARG A 23 10.07 5.02 -2.01
C ARG A 23 8.90 5.82 -1.50
N SER A 24 7.73 5.32 -1.79
CA SER A 24 6.53 5.96 -1.44
C SER A 24 5.41 4.95 -1.49
N TYR A 25 4.22 5.42 -1.44
CA TYR A 25 3.05 4.61 -1.46
C TYR A 25 2.25 4.93 -2.70
N ARG A 26 1.23 4.18 -2.90
CA ARG A 26 0.38 4.31 -4.03
C ARG A 26 -1.03 4.17 -3.52
N LYS A 27 -1.89 5.10 -3.85
CA LYS A 27 -3.22 5.05 -3.34
C LYS A 27 -4.09 4.20 -4.23
N GLN A 28 -4.95 3.46 -3.63
CA GLN A 28 -5.89 2.68 -4.36
C GLN A 28 -7.19 3.42 -4.39
N GLU A 29 -7.60 3.71 -5.58
CA GLU A 29 -8.71 4.57 -5.86
C GLU A 29 -10.04 3.91 -5.54
N PRO A 30 -10.76 4.43 -4.52
CA PRO A 30 -12.04 3.88 -4.10
C PRO A 30 -13.13 4.09 -5.13
N SER A 31 -12.88 4.99 -6.05
CA SER A 31 -13.81 5.35 -7.08
C SER A 31 -14.09 4.15 -7.99
N LEU A 32 -13.06 3.33 -8.23
CA LEU A 32 -13.19 2.14 -9.07
C LEU A 32 -14.16 1.14 -8.42
N GLY A 33 -14.15 1.08 -7.11
CA GLY A 33 -15.05 0.19 -6.43
C GLY A 33 -14.54 -0.28 -5.11
N CYS A 34 -14.06 0.63 -4.29
CA CYS A 34 -13.63 0.25 -2.96
C CYS A 34 -14.43 1.05 -1.97
N SER A 35 -14.78 0.44 -0.87
CA SER A 35 -15.52 1.12 0.16
C SER A 35 -14.57 2.03 0.93
N ILE A 36 -13.35 1.55 1.08
CA ILE A 36 -12.29 2.28 1.74
C ILE A 36 -11.02 2.24 0.89
N PRO A 37 -10.22 3.32 0.88
CA PRO A 37 -8.98 3.39 0.12
C PRO A 37 -7.90 2.48 0.69
N ALA A 38 -6.92 2.17 -0.09
CA ALA A 38 -5.84 1.30 0.35
C ALA A 38 -4.50 1.94 0.06
N ILE A 39 -3.53 1.58 0.84
CA ILE A 39 -2.19 2.07 0.68
C ILE A 39 -1.31 0.99 0.15
N LEU A 40 -0.84 1.19 -1.03
CA LEU A 40 0.07 0.27 -1.64
C LEU A 40 1.49 0.77 -1.47
N PHE A 41 2.38 -0.12 -1.20
CA PHE A 41 3.77 0.18 -0.98
C PHE A 41 4.57 0.01 -2.24
N LEU A 42 5.38 0.99 -2.54
CA LEU A 42 6.29 0.95 -3.66
C LEU A 42 7.71 0.85 -3.11
N PRO A 43 8.27 -0.36 -3.06
CA PRO A 43 9.58 -0.60 -2.47
C PRO A 43 10.72 -0.03 -3.28
N ARG A 44 11.90 -0.10 -2.69
CA ARG A 44 13.11 0.25 -3.35
C ARG A 44 13.27 -0.68 -4.54
N LYS A 45 13.15 -1.98 -4.26
CA LYS A 45 13.21 -2.95 -5.31
C LYS A 45 11.85 -3.39 -5.65
N ARG A 46 11.40 -3.02 -6.77
CA ARG A 46 10.07 -3.38 -7.17
C ARG A 46 10.07 -4.55 -8.12
N SER A 47 10.32 -5.67 -7.53
CA SER A 47 10.33 -6.94 -8.19
C SER A 47 8.89 -7.45 -8.31
N GLN A 48 8.15 -7.24 -7.26
CA GLN A 48 6.76 -7.62 -7.19
C GLN A 48 5.91 -6.46 -7.65
N ALA A 49 4.62 -6.69 -7.77
CA ALA A 49 3.70 -5.64 -8.11
C ALA A 49 3.48 -4.75 -6.90
N GLU A 50 2.79 -3.65 -7.08
CA GLU A 50 2.48 -2.71 -6.00
C GLU A 50 1.78 -3.46 -4.87
N LEU A 51 2.34 -3.42 -3.66
CA LEU A 51 1.81 -4.22 -2.56
C LEU A 51 0.83 -3.45 -1.73
N CYS A 52 -0.30 -4.00 -1.49
CA CYS A 52 -1.30 -3.36 -0.67
C CYS A 52 -1.02 -3.58 0.81
N ALA A 53 -1.37 -2.61 1.61
CA ALA A 53 -1.25 -2.64 3.03
C ALA A 53 -2.53 -2.09 3.63
N ASP A 54 -2.81 -2.42 4.87
CA ASP A 54 -4.01 -1.92 5.53
C ASP A 54 -3.71 -0.62 6.26
N PRO A 55 -4.21 0.53 5.73
CA PRO A 55 -3.89 1.85 6.27
C PRO A 55 -4.56 2.16 7.60
N LYS A 56 -5.44 1.28 8.05
CA LYS A 56 -6.04 1.42 9.36
C LYS A 56 -5.02 1.23 10.48
N GLU A 57 -3.90 0.60 10.16
CA GLU A 57 -2.83 0.46 11.10
C GLU A 57 -2.06 1.76 11.18
N LEU A 58 -1.61 2.08 12.37
CA LEU A 58 -0.97 3.34 12.63
C LEU A 58 0.35 3.46 11.89
N TRP A 59 1.06 2.36 11.77
CA TRP A 59 2.35 2.38 11.10
C TRP A 59 2.23 2.80 9.64
N VAL A 60 1.13 2.39 8.98
CA VAL A 60 0.90 2.77 7.58
C VAL A 60 0.61 4.26 7.50
N GLN A 61 -0.16 4.76 8.44
CA GLN A 61 -0.50 6.16 8.50
C GLN A 61 0.75 7.00 8.73
N GLN A 62 1.67 6.47 9.52
CA GLN A 62 2.92 7.13 9.78
C GLN A 62 3.81 7.10 8.52
N LEU A 63 3.68 6.04 7.72
CA LEU A 63 4.46 5.95 6.50
C LEU A 63 3.96 6.92 5.47
N MET A 64 2.66 6.85 5.18
CA MET A 64 2.04 7.67 4.14
C MET A 64 2.28 9.15 4.36
N GLN A 65 2.16 9.61 5.60
CA GLN A 65 2.37 11.03 5.91
C GLN A 65 3.83 11.44 5.70
N HIS A 66 4.75 10.51 5.95
CA HIS A 66 6.17 10.74 5.74
C HIS A 66 6.49 10.72 4.25
N LEU A 67 5.92 9.75 3.55
CA LEU A 67 6.18 9.53 2.11
C LEU A 67 5.55 10.62 1.27
N ASP A 68 4.45 11.12 1.75
CA ASP A 68 3.71 12.23 1.13
C ASP A 68 4.58 13.47 1.03
N LYS A 69 5.56 13.54 1.91
CA LYS A 69 6.43 14.69 1.98
C LYS A 69 7.68 14.47 1.16
N THR A 70 7.94 15.41 0.32
CA THR A 70 9.11 15.40 -0.47
C THR A 70 9.91 16.68 -0.18
N SER A 1 -9.90 -15.62 -8.92
CA SER A 1 -10.01 -14.51 -9.85
C SER A 1 -8.63 -13.98 -10.20
N ASP A 2 -8.19 -14.27 -11.41
CA ASP A 2 -6.88 -13.87 -11.88
C ASP A 2 -6.95 -13.47 -13.35
N GLY A 3 -6.12 -12.55 -13.75
CA GLY A 3 -6.09 -12.10 -15.11
C GLY A 3 -6.08 -10.61 -15.19
N GLY A 4 -7.08 -10.05 -15.83
CA GLY A 4 -7.20 -8.62 -15.93
C GLY A 4 -8.10 -8.10 -14.85
N ALA A 5 -8.42 -8.97 -13.92
CA ALA A 5 -9.29 -8.65 -12.83
C ALA A 5 -8.50 -7.95 -11.74
N GLN A 6 -9.10 -6.96 -11.14
CA GLN A 6 -8.47 -6.21 -10.10
C GLN A 6 -9.34 -6.10 -8.88
N ASP A 7 -9.22 -7.07 -8.00
CA ASP A 7 -9.88 -6.95 -6.73
C ASP A 7 -9.00 -6.12 -5.87
N CYS A 8 -9.57 -5.16 -5.19
CA CYS A 8 -8.79 -4.22 -4.44
C CYS A 8 -7.93 -4.85 -3.39
N CYS A 9 -6.66 -4.47 -3.41
CA CYS A 9 -5.62 -4.89 -2.49
C CYS A 9 -5.23 -6.35 -2.76
N LEU A 10 -4.04 -6.55 -3.33
CA LEU A 10 -3.58 -7.91 -3.72
C LEU A 10 -3.04 -8.67 -2.52
N LYS A 11 -2.53 -7.94 -1.57
CA LYS A 11 -1.96 -8.45 -0.42
C LYS A 11 -2.24 -7.49 0.68
N TYR A 12 -2.60 -7.99 1.81
CA TYR A 12 -2.89 -7.21 2.97
C TYR A 12 -1.66 -7.26 3.84
N SER A 13 -1.54 -6.37 4.78
CA SER A 13 -0.39 -6.35 5.62
C SER A 13 -0.35 -7.59 6.52
N GLN A 14 0.42 -8.56 6.10
CA GLN A 14 0.62 -9.78 6.86
C GLN A 14 1.84 -9.64 7.74
N ARG A 15 2.64 -8.66 7.42
CA ARG A 15 3.84 -8.35 8.13
C ARG A 15 4.07 -6.85 8.05
N LYS A 16 4.78 -6.31 8.99
CA LYS A 16 4.98 -4.89 9.07
C LYS A 16 6.03 -4.44 8.07
N ILE A 17 5.74 -3.40 7.34
CA ILE A 17 6.64 -2.90 6.33
C ILE A 17 7.16 -1.52 6.73
N PRO A 18 8.45 -1.44 7.07
CA PRO A 18 9.06 -0.19 7.52
C PRO A 18 9.26 0.84 6.39
N ALA A 19 9.14 2.12 6.75
CA ALA A 19 9.44 3.26 5.86
C ALA A 19 10.79 3.12 5.16
N LYS A 20 11.72 2.45 5.83
CA LYS A 20 13.08 2.27 5.33
C LYS A 20 13.10 1.61 3.98
N VAL A 21 12.27 0.65 3.84
CA VAL A 21 12.26 -0.17 2.64
C VAL A 21 11.31 0.34 1.56
N VAL A 22 10.55 1.38 1.86
CA VAL A 22 9.63 1.89 0.88
C VAL A 22 10.04 3.29 0.43
N ARG A 23 9.67 3.61 -0.78
CA ARG A 23 10.02 4.83 -1.37
C ARG A 23 8.84 5.79 -1.44
N SER A 24 7.72 5.30 -1.89
CA SER A 24 6.54 6.11 -2.03
C SER A 24 5.31 5.22 -1.90
N TYR A 25 4.16 5.80 -1.99
CA TYR A 25 2.91 5.08 -1.83
C TYR A 25 1.90 5.59 -2.84
N ARG A 26 0.79 4.90 -2.95
CA ARG A 26 -0.32 5.37 -3.70
C ARG A 26 -1.59 5.03 -3.03
N LYS A 27 -2.52 5.95 -2.97
CA LYS A 27 -3.78 5.62 -2.42
C LYS A 27 -4.67 5.05 -3.49
N GLN A 28 -5.36 4.03 -3.16
CA GLN A 28 -6.28 3.45 -4.07
C GLN A 28 -7.63 3.98 -3.75
N GLU A 29 -8.15 4.75 -4.66
CA GLU A 29 -9.40 5.42 -4.49
C GLU A 29 -10.56 4.42 -4.55
N PRO A 30 -11.47 4.44 -3.54
CA PRO A 30 -12.58 3.46 -3.42
C PRO A 30 -13.75 3.79 -4.36
N SER A 31 -13.43 4.32 -5.48
CA SER A 31 -14.41 4.76 -6.42
C SER A 31 -14.68 3.68 -7.48
N LEU A 32 -13.65 2.94 -7.86
CA LEU A 32 -13.78 1.92 -8.90
C LEU A 32 -14.69 0.79 -8.40
N GLY A 33 -14.39 0.28 -7.24
CA GLY A 33 -15.22 -0.77 -6.70
C GLY A 33 -14.63 -1.37 -5.44
N CYS A 34 -14.36 -0.53 -4.49
CA CYS A 34 -13.83 -1.01 -3.24
C CYS A 34 -14.50 -0.27 -2.11
N SER A 35 -14.72 -0.93 -1.01
CA SER A 35 -15.40 -0.34 0.11
C SER A 35 -14.48 0.59 0.93
N ILE A 36 -13.17 0.40 0.80
CA ILE A 36 -12.22 1.20 1.56
C ILE A 36 -11.05 1.62 0.66
N PRO A 37 -10.40 2.74 0.98
CA PRO A 37 -9.20 3.15 0.29
C PRO A 37 -8.01 2.32 0.78
N ALA A 38 -7.07 2.14 -0.07
CA ALA A 38 -5.90 1.35 0.25
C ALA A 38 -4.64 2.15 0.02
N ILE A 39 -3.56 1.73 0.62
CA ILE A 39 -2.26 2.35 0.44
C ILE A 39 -1.29 1.34 -0.09
N LEU A 40 -0.84 1.55 -1.27
CA LEU A 40 0.13 0.67 -1.85
C LEU A 40 1.50 1.23 -1.65
N PHE A 41 2.41 0.37 -1.32
CA PHE A 41 3.77 0.73 -1.12
C PHE A 41 4.55 0.47 -2.37
N LEU A 42 5.32 1.44 -2.75
CA LEU A 42 6.23 1.29 -3.83
C LEU A 42 7.61 1.16 -3.20
N PRO A 43 8.10 -0.07 -3.02
CA PRO A 43 9.32 -0.31 -2.31
C PRO A 43 10.56 -0.33 -3.17
N ARG A 44 11.69 -0.39 -2.51
CA ARG A 44 12.96 -0.50 -3.17
C ARG A 44 13.10 -1.90 -3.76
N LYS A 45 12.59 -2.89 -3.04
CA LYS A 45 12.62 -4.23 -3.45
C LYS A 45 11.50 -4.50 -4.43
N ARG A 46 11.81 -5.21 -5.47
CA ARG A 46 10.80 -5.62 -6.43
C ARG A 46 10.88 -7.11 -6.67
N SER A 47 10.32 -7.86 -5.77
CA SER A 47 10.28 -9.30 -5.89
C SER A 47 8.83 -9.76 -6.05
N GLN A 48 7.95 -8.79 -5.98
CA GLN A 48 6.52 -8.99 -6.06
C GLN A 48 5.97 -7.85 -6.87
N ALA A 49 4.69 -7.90 -7.14
CA ALA A 49 4.02 -6.80 -7.84
C ALA A 49 3.90 -5.59 -6.90
N GLU A 50 3.18 -4.58 -7.29
CA GLU A 50 2.96 -3.40 -6.45
C GLU A 50 2.17 -3.81 -5.20
N LEU A 51 2.70 -3.54 -4.01
CA LEU A 51 2.14 -4.08 -2.76
C LEU A 51 1.16 -3.14 -2.09
N CYS A 52 0.00 -3.63 -1.81
CA CYS A 52 -1.00 -2.96 -1.01
C CYS A 52 -0.72 -3.17 0.48
N ALA A 53 -1.21 -2.28 1.30
CA ALA A 53 -1.10 -2.36 2.73
C ALA A 53 -2.36 -1.81 3.35
N ASP A 54 -2.61 -2.20 4.58
CA ASP A 54 -3.77 -1.76 5.35
C ASP A 54 -3.54 -0.37 5.89
N PRO A 55 -4.22 0.64 5.35
CA PRO A 55 -4.02 2.02 5.76
C PRO A 55 -4.70 2.37 7.07
N LYS A 56 -5.52 1.45 7.56
CA LYS A 56 -6.18 1.59 8.85
C LYS A 56 -5.16 1.54 10.01
N GLU A 57 -3.95 1.20 9.66
CA GLU A 57 -2.86 1.14 10.60
C GLU A 57 -2.19 2.48 10.73
N LEU A 58 -1.72 2.77 11.92
CA LEU A 58 -1.12 4.04 12.21
C LEU A 58 0.24 4.16 11.56
N TRP A 59 0.97 3.05 11.49
CA TRP A 59 2.29 3.04 10.89
C TRP A 59 2.23 3.42 9.41
N VAL A 60 1.10 3.11 8.77
CA VAL A 60 0.86 3.48 7.37
C VAL A 60 0.57 4.98 7.28
N GLN A 61 -0.18 5.48 8.25
CA GLN A 61 -0.48 6.91 8.34
C GLN A 61 0.82 7.68 8.51
N GLN A 62 1.73 7.10 9.27
CA GLN A 62 3.05 7.65 9.47
C GLN A 62 3.83 7.59 8.15
N LEU A 63 3.72 6.46 7.42
CA LEU A 63 4.42 6.30 6.16
C LEU A 63 4.03 7.34 5.15
N MET A 64 2.72 7.49 4.92
CA MET A 64 2.23 8.50 3.97
C MET A 64 2.84 9.85 4.24
N GLN A 65 2.84 10.27 5.47
CA GLN A 65 3.33 11.57 5.86
C GLN A 65 4.85 11.69 5.69
N HIS A 66 5.56 10.61 5.92
CA HIS A 66 7.01 10.59 5.78
C HIS A 66 7.39 10.61 4.30
N LEU A 67 6.65 9.86 3.52
CA LEU A 67 6.89 9.71 2.08
C LEU A 67 6.43 10.96 1.34
N ASP A 68 5.51 11.63 1.94
CA ASP A 68 4.98 12.90 1.48
C ASP A 68 6.05 13.99 1.57
N LYS A 69 7.03 13.78 2.44
CA LYS A 69 8.07 14.77 2.65
C LYS A 69 9.05 14.80 1.49
N THR A 70 9.40 15.98 1.10
CA THR A 70 10.35 16.21 0.05
C THR A 70 11.70 16.54 0.67
N SER A 1 -2.03 -19.85 0.78
CA SER A 1 -1.68 -18.57 0.24
C SER A 1 -2.63 -18.23 -0.90
N ASP A 2 -3.00 -16.97 -1.02
CA ASP A 2 -3.92 -16.52 -2.04
C ASP A 2 -3.70 -15.07 -2.33
N GLY A 3 -4.29 -14.58 -3.38
CA GLY A 3 -4.17 -13.20 -3.70
C GLY A 3 -3.88 -12.96 -5.16
N GLY A 4 -4.64 -12.09 -5.75
CA GLY A 4 -4.43 -11.73 -7.13
C GLY A 4 -5.44 -10.73 -7.58
N ALA A 5 -5.65 -9.71 -6.79
CA ALA A 5 -6.62 -8.68 -7.09
C ALA A 5 -6.00 -7.32 -6.86
N GLN A 6 -6.13 -6.46 -7.83
CA GLN A 6 -5.56 -5.13 -7.72
C GLN A 6 -6.55 -4.20 -7.04
N ASP A 7 -7.80 -4.61 -7.03
CA ASP A 7 -8.84 -3.86 -6.38
C ASP A 7 -8.82 -4.16 -4.91
N CYS A 8 -8.82 -3.12 -4.13
CA CYS A 8 -8.72 -3.18 -2.69
C CYS A 8 -7.34 -3.60 -2.25
N CYS A 9 -7.11 -4.86 -2.25
CA CYS A 9 -5.86 -5.38 -1.76
C CYS A 9 -5.64 -6.86 -2.18
N LEU A 10 -4.37 -7.22 -2.31
CA LEU A 10 -3.93 -8.53 -2.72
C LEU A 10 -3.04 -9.23 -1.66
N LYS A 11 -2.50 -8.46 -0.73
CA LYS A 11 -1.60 -8.96 0.26
C LYS A 11 -2.13 -8.66 1.64
N TYR A 12 -2.06 -9.59 2.54
CA TYR A 12 -2.39 -9.30 3.90
C TYR A 12 -1.13 -8.79 4.57
N SER A 13 -1.24 -8.05 5.64
CA SER A 13 -0.07 -7.55 6.31
C SER A 13 0.61 -8.72 7.01
N GLN A 14 1.64 -9.21 6.38
CA GLN A 14 2.41 -10.30 6.89
C GLN A 14 3.58 -9.77 7.69
N ARG A 15 4.09 -8.64 7.26
CA ARG A 15 5.18 -7.98 7.92
C ARG A 15 4.85 -6.51 8.02
N LYS A 16 5.65 -5.76 8.71
CA LYS A 16 5.46 -4.33 8.76
C LYS A 16 6.58 -3.67 7.98
N ILE A 17 6.22 -2.75 7.15
CA ILE A 17 7.15 -2.12 6.25
C ILE A 17 7.37 -0.66 6.65
N PRO A 18 8.58 -0.30 7.09
CA PRO A 18 8.91 1.08 7.42
C PRO A 18 9.05 1.96 6.16
N ALA A 19 8.66 3.23 6.25
CA ALA A 19 8.72 4.16 5.10
C ALA A 19 10.11 4.27 4.50
N LYS A 20 11.14 4.11 5.31
CA LYS A 20 12.51 4.21 4.80
C LYS A 20 12.90 3.09 3.83
N VAL A 21 12.16 1.99 3.80
CA VAL A 21 12.52 0.91 2.88
C VAL A 21 11.62 0.90 1.63
N VAL A 22 10.65 1.79 1.63
CA VAL A 22 9.75 1.92 0.52
C VAL A 22 9.99 3.28 -0.14
N ARG A 23 9.53 3.44 -1.35
CA ARG A 23 9.74 4.70 -2.07
C ARG A 23 8.64 5.65 -1.73
N SER A 24 7.46 5.24 -2.06
CA SER A 24 6.27 5.96 -1.78
C SER A 24 5.14 4.96 -1.90
N TYR A 25 3.96 5.44 -1.83
CA TYR A 25 2.81 4.59 -1.91
C TYR A 25 2.01 4.95 -3.12
N ARG A 26 1.02 4.19 -3.36
CA ARG A 26 0.15 4.38 -4.45
C ARG A 26 -1.22 4.33 -3.84
N LYS A 27 -1.90 5.42 -3.92
CA LYS A 27 -3.16 5.57 -3.28
C LYS A 27 -4.24 5.03 -4.16
N GLN A 28 -5.21 4.42 -3.57
CA GLN A 28 -6.30 3.92 -4.33
C GLN A 28 -7.53 4.67 -3.93
N GLU A 29 -8.03 5.48 -4.83
CA GLU A 29 -9.25 6.21 -4.60
C GLU A 29 -10.37 5.23 -4.53
N PRO A 30 -11.15 5.24 -3.44
CA PRO A 30 -12.24 4.29 -3.23
C PRO A 30 -13.20 4.22 -4.42
N SER A 31 -13.66 5.32 -4.86
CA SER A 31 -14.61 5.38 -5.95
C SER A 31 -14.01 4.82 -7.26
N LEU A 32 -12.70 4.92 -7.40
CA LEU A 32 -11.99 4.38 -8.54
C LEU A 32 -11.50 2.95 -8.31
N GLY A 33 -11.88 2.33 -7.19
CA GLY A 33 -11.38 1.00 -6.94
C GLY A 33 -12.07 0.18 -5.87
N CYS A 34 -12.21 0.70 -4.66
CA CYS A 34 -12.67 -0.14 -3.56
C CYS A 34 -13.67 0.59 -2.66
N SER A 35 -14.36 -0.13 -1.81
CA SER A 35 -15.27 0.48 -0.86
C SER A 35 -14.49 1.26 0.20
N ILE A 36 -13.29 0.82 0.48
CA ILE A 36 -12.42 1.49 1.40
C ILE A 36 -11.18 1.94 0.64
N PRO A 37 -10.53 3.02 1.07
CA PRO A 37 -9.28 3.44 0.46
C PRO A 37 -8.17 2.49 0.83
N ALA A 38 -7.30 2.26 -0.09
CA ALA A 38 -6.21 1.33 0.12
C ALA A 38 -4.88 1.98 -0.18
N ILE A 39 -3.85 1.49 0.48
CA ILE A 39 -2.51 1.96 0.30
C ILE A 39 -1.66 0.87 -0.29
N LEU A 40 -1.20 1.12 -1.47
CA LEU A 40 -0.29 0.26 -2.17
C LEU A 40 1.12 0.74 -1.91
N PHE A 41 1.99 -0.16 -1.57
CA PHE A 41 3.38 0.19 -1.35
C PHE A 41 4.18 -0.03 -2.60
N LEU A 42 4.98 0.96 -2.95
CA LEU A 42 5.91 0.86 -4.06
C LEU A 42 7.32 0.79 -3.46
N PRO A 43 7.82 -0.42 -3.17
CA PRO A 43 9.06 -0.59 -2.46
C PRO A 43 10.30 -0.68 -3.34
N ARG A 44 11.44 -0.85 -2.69
CA ARG A 44 12.70 -1.03 -3.35
C ARG A 44 12.80 -2.39 -4.00
N LYS A 45 12.03 -3.33 -3.48
CA LYS A 45 11.90 -4.62 -4.10
C LYS A 45 10.63 -4.67 -4.90
N ARG A 46 10.78 -4.77 -6.16
CA ARG A 46 9.67 -4.86 -7.08
C ARG A 46 9.45 -6.31 -7.49
N SER A 47 9.66 -7.20 -6.52
CA SER A 47 9.51 -8.63 -6.68
C SER A 47 8.09 -8.96 -7.15
N GLN A 48 7.14 -8.32 -6.54
CA GLN A 48 5.75 -8.51 -6.83
C GLN A 48 5.17 -7.17 -7.22
N ALA A 49 3.92 -7.16 -7.66
CA ALA A 49 3.25 -5.92 -8.05
C ALA A 49 2.99 -5.01 -6.83
N GLU A 50 2.19 -3.98 -7.05
CA GLU A 50 1.83 -3.01 -6.01
C GLU A 50 1.29 -3.73 -4.77
N LEU A 51 2.01 -3.62 -3.69
CA LEU A 51 1.67 -4.34 -2.49
C LEU A 51 0.93 -3.51 -1.54
N CYS A 52 -0.30 -3.78 -1.46
CA CYS A 52 -1.19 -3.11 -0.58
C CYS A 52 -0.91 -3.47 0.87
N ALA A 53 -1.34 -2.60 1.73
CA ALA A 53 -1.23 -2.76 3.14
C ALA A 53 -2.52 -2.30 3.75
N ASP A 54 -2.73 -2.59 5.02
CA ASP A 54 -3.94 -2.14 5.72
C ASP A 54 -3.74 -0.73 6.21
N PRO A 55 -4.35 0.27 5.54
CA PRO A 55 -4.17 1.68 5.91
C PRO A 55 -4.94 2.06 7.16
N LYS A 56 -5.70 1.12 7.63
CA LYS A 56 -6.44 1.23 8.86
C LYS A 56 -5.51 1.19 10.08
N GLU A 57 -4.31 0.61 9.91
CA GLU A 57 -3.37 0.56 11.00
C GLU A 57 -2.51 1.82 11.00
N LEU A 58 -2.10 2.25 12.19
CA LEU A 58 -1.36 3.47 12.39
C LEU A 58 -0.03 3.52 11.64
N TRP A 59 0.66 2.39 11.53
CA TRP A 59 1.98 2.36 10.86
C TRP A 59 1.89 2.87 9.41
N VAL A 60 0.85 2.43 8.68
CA VAL A 60 0.65 2.85 7.29
C VAL A 60 0.32 4.34 7.24
N GLN A 61 -0.43 4.78 8.22
CA GLN A 61 -0.83 6.16 8.33
C GLN A 61 0.36 7.05 8.60
N GLN A 62 1.35 6.52 9.30
CA GLN A 62 2.59 7.22 9.55
C GLN A 62 3.41 7.27 8.26
N LEU A 63 3.41 6.16 7.52
CA LEU A 63 4.19 6.06 6.28
C LEU A 63 3.70 7.05 5.27
N MET A 64 2.39 7.04 5.01
CA MET A 64 1.77 7.93 4.02
C MET A 64 2.12 9.40 4.26
N GLN A 65 2.31 9.77 5.52
CA GLN A 65 2.70 11.12 5.88
C GLN A 65 4.10 11.44 5.38
N HIS A 66 5.01 10.50 5.56
CA HIS A 66 6.40 10.69 5.13
C HIS A 66 6.48 10.56 3.62
N LEU A 67 5.80 9.57 3.10
CA LEU A 67 5.82 9.22 1.68
C LEU A 67 5.14 10.25 0.83
N ASP A 68 4.24 10.99 1.45
CA ASP A 68 3.49 12.07 0.78
C ASP A 68 4.44 13.05 0.10
N LYS A 69 5.63 13.13 0.62
CA LYS A 69 6.65 13.90 0.01
C LYS A 69 7.80 12.97 -0.29
N THR A 70 7.97 12.68 -1.52
CA THR A 70 8.94 11.71 -1.93
C THR A 70 10.22 12.38 -2.37
N SER A 1 -1.54 -19.85 -5.56
CA SER A 1 -1.00 -18.55 -5.24
C SER A 1 -0.99 -17.60 -6.44
N ASP A 2 -2.08 -16.85 -6.57
CA ASP A 2 -2.25 -15.83 -7.61
C ASP A 2 -3.14 -14.76 -7.06
N GLY A 3 -2.87 -13.55 -7.43
CA GLY A 3 -3.65 -12.46 -6.94
C GLY A 3 -3.05 -11.16 -7.34
N GLY A 4 -3.28 -10.78 -8.58
CA GLY A 4 -2.76 -9.54 -9.07
C GLY A 4 -3.65 -8.39 -8.71
N ALA A 5 -4.93 -8.66 -8.62
CA ALA A 5 -5.91 -7.67 -8.28
C ALA A 5 -7.07 -8.32 -7.56
N GLN A 6 -7.09 -8.19 -6.26
CA GLN A 6 -8.16 -8.73 -5.45
C GLN A 6 -8.98 -7.58 -4.92
N ASP A 7 -9.98 -7.87 -4.10
CA ASP A 7 -10.78 -6.80 -3.51
C ASP A 7 -9.91 -6.00 -2.56
N CYS A 8 -9.82 -4.71 -2.85
CA CYS A 8 -8.98 -3.77 -2.10
C CYS A 8 -7.50 -4.03 -2.27
N CYS A 9 -7.05 -5.01 -1.64
CA CYS A 9 -5.67 -5.37 -1.64
C CYS A 9 -5.42 -6.72 -2.26
N LEU A 10 -4.30 -6.82 -2.98
CA LEU A 10 -3.87 -8.07 -3.60
C LEU A 10 -3.22 -8.96 -2.55
N LYS A 11 -2.80 -8.32 -1.46
CA LYS A 11 -2.26 -8.94 -0.28
C LYS A 11 -2.69 -8.12 0.90
N TYR A 12 -3.08 -8.79 1.95
CA TYR A 12 -3.42 -8.10 3.18
C TYR A 12 -2.14 -7.87 3.96
N SER A 13 -2.11 -6.86 4.78
CA SER A 13 -0.91 -6.55 5.49
C SER A 13 -0.78 -7.41 6.74
N GLN A 14 -0.01 -8.46 6.62
CA GLN A 14 0.32 -9.29 7.75
C GLN A 14 1.66 -8.84 8.33
N ARG A 15 2.53 -8.45 7.46
CA ARG A 15 3.84 -7.98 7.80
C ARG A 15 3.85 -6.48 7.80
N LYS A 16 4.64 -5.92 8.67
CA LYS A 16 4.74 -4.50 8.77
C LYS A 16 5.95 -4.02 8.00
N ILE A 17 5.72 -3.11 7.11
CA ILE A 17 6.74 -2.62 6.21
C ILE A 17 7.06 -1.18 6.56
N PRO A 18 8.33 -0.87 6.85
CA PRO A 18 8.76 0.49 7.15
C PRO A 18 8.91 1.35 5.89
N ALA A 19 8.71 2.67 6.05
CA ALA A 19 8.88 3.63 4.95
C ALA A 19 10.31 3.60 4.41
N LYS A 20 11.23 3.13 5.24
CA LYS A 20 12.66 3.12 4.92
C LYS A 20 12.96 2.19 3.77
N VAL A 21 12.17 1.19 3.65
CA VAL A 21 12.39 0.18 2.62
C VAL A 21 11.53 0.42 1.37
N VAL A 22 10.73 1.47 1.39
CA VAL A 22 9.93 1.81 0.25
C VAL A 22 10.33 3.17 -0.30
N ARG A 23 9.86 3.48 -1.46
CA ARG A 23 10.12 4.71 -2.10
C ARG A 23 9.02 5.69 -1.75
N SER A 24 7.81 5.26 -1.97
CA SER A 24 6.65 6.06 -1.74
C SER A 24 5.44 5.14 -1.76
N TYR A 25 4.29 5.71 -1.75
CA TYR A 25 3.06 4.96 -1.75
C TYR A 25 2.20 5.40 -2.92
N ARG A 26 1.13 4.72 -3.11
CA ARG A 26 0.23 4.98 -4.18
C ARG A 26 -1.16 4.83 -3.57
N LYS A 27 -1.99 5.84 -3.68
CA LYS A 27 -3.30 5.77 -3.09
C LYS A 27 -4.26 5.09 -4.00
N GLN A 28 -5.05 4.24 -3.46
CA GLN A 28 -6.03 3.56 -4.25
C GLN A 28 -7.36 4.17 -4.02
N GLU A 29 -7.88 4.74 -5.06
CA GLU A 29 -9.17 5.37 -5.03
C GLU A 29 -10.23 4.31 -4.79
N PRO A 30 -11.09 4.49 -3.78
CA PRO A 30 -12.10 3.48 -3.38
C PRO A 30 -13.07 3.17 -4.53
N SER A 31 -13.23 4.14 -5.37
CA SER A 31 -14.10 4.09 -6.53
C SER A 31 -13.66 2.99 -7.51
N LEU A 32 -12.37 2.67 -7.51
CA LEU A 32 -11.83 1.66 -8.38
C LEU A 32 -12.36 0.29 -7.99
N GLY A 33 -12.60 0.10 -6.70
CA GLY A 33 -13.13 -1.16 -6.27
C GLY A 33 -12.81 -1.49 -4.84
N CYS A 34 -12.89 -0.52 -3.96
CA CYS A 34 -12.68 -0.81 -2.55
C CYS A 34 -13.66 -0.01 -1.71
N SER A 35 -14.01 -0.52 -0.55
CA SER A 35 -14.90 0.20 0.33
C SER A 35 -14.21 1.44 0.92
N ILE A 36 -12.90 1.35 1.07
CA ILE A 36 -12.10 2.40 1.65
C ILE A 36 -10.91 2.70 0.72
N PRO A 37 -10.26 3.86 0.87
CA PRO A 37 -9.05 4.15 0.12
C PRO A 37 -7.90 3.34 0.68
N ALA A 38 -7.05 2.91 -0.18
CA ALA A 38 -5.96 2.05 0.22
C ALA A 38 -4.61 2.68 -0.04
N ILE A 39 -3.59 2.10 0.54
CA ILE A 39 -2.24 2.55 0.39
C ILE A 39 -1.40 1.45 -0.16
N LEU A 40 -0.92 1.64 -1.34
CA LEU A 40 -0.05 0.68 -1.97
C LEU A 40 1.38 1.13 -1.80
N PHE A 41 2.23 0.21 -1.48
CA PHE A 41 3.62 0.49 -1.25
C PHE A 41 4.44 0.24 -2.49
N LEU A 42 5.27 1.19 -2.81
CA LEU A 42 6.22 1.06 -3.87
C LEU A 42 7.60 0.90 -3.24
N PRO A 43 8.18 -0.31 -3.24
CA PRO A 43 9.48 -0.59 -2.59
C PRO A 43 10.65 0.17 -3.22
N ARG A 44 11.85 0.02 -2.63
CA ARG A 44 13.04 0.63 -3.23
C ARG A 44 13.31 -0.08 -4.54
N LYS A 45 13.04 -1.39 -4.56
CA LYS A 45 13.14 -2.17 -5.74
C LYS A 45 12.17 -1.64 -6.75
N ARG A 46 12.63 -1.37 -7.90
CA ARG A 46 11.79 -0.78 -8.92
C ARG A 46 11.00 -1.89 -9.61
N SER A 47 11.64 -3.00 -9.78
CA SER A 47 11.05 -4.12 -10.46
C SER A 47 10.19 -4.96 -9.50
N GLN A 48 9.03 -4.43 -9.17
CA GLN A 48 8.04 -5.05 -8.30
C GLN A 48 6.68 -4.48 -8.60
N ALA A 49 5.65 -5.10 -8.09
CA ALA A 49 4.30 -4.62 -8.27
C ALA A 49 3.96 -3.64 -7.16
N GLU A 50 2.74 -3.17 -7.16
CA GLU A 50 2.27 -2.27 -6.13
C GLU A 50 1.67 -3.09 -5.00
N LEU A 51 2.26 -3.03 -3.84
CA LEU A 51 1.77 -3.83 -2.74
C LEU A 51 0.81 -3.06 -1.89
N CYS A 52 -0.44 -3.38 -2.04
CA CYS A 52 -1.49 -2.75 -1.27
C CYS A 52 -1.35 -3.13 0.20
N ALA A 53 -1.66 -2.19 1.05
CA ALA A 53 -1.55 -2.37 2.45
C ALA A 53 -2.80 -1.84 3.11
N ASP A 54 -3.06 -2.31 4.31
CA ASP A 54 -4.21 -1.88 5.09
C ASP A 54 -3.88 -0.55 5.73
N PRO A 55 -4.43 0.56 5.23
CA PRO A 55 -4.06 1.88 5.70
C PRO A 55 -4.71 2.23 7.02
N LYS A 56 -5.64 1.42 7.44
CA LYS A 56 -6.30 1.58 8.67
C LYS A 56 -5.34 1.35 9.86
N GLU A 57 -4.19 0.75 9.58
CA GLU A 57 -3.19 0.52 10.60
C GLU A 57 -2.38 1.80 10.83
N LEU A 58 -1.88 1.97 12.04
CA LEU A 58 -1.15 3.17 12.42
C LEU A 58 0.13 3.32 11.62
N TRP A 59 0.85 2.23 11.45
CA TRP A 59 2.12 2.26 10.73
C TRP A 59 1.98 2.80 9.30
N VAL A 60 0.89 2.46 8.63
CA VAL A 60 0.66 2.96 7.27
C VAL A 60 0.40 4.46 7.31
N GLN A 61 -0.33 4.89 8.32
CA GLN A 61 -0.61 6.30 8.55
C GLN A 61 0.69 7.06 8.77
N GLN A 62 1.61 6.43 9.48
CA GLN A 62 2.91 6.99 9.75
C GLN A 62 3.77 7.03 8.49
N LEU A 63 3.62 6.02 7.63
CA LEU A 63 4.40 5.96 6.41
C LEU A 63 3.99 7.02 5.43
N MET A 64 2.68 7.08 5.14
CA MET A 64 2.16 8.02 4.15
C MET A 64 2.57 9.46 4.44
N GLN A 65 2.60 9.85 5.73
CA GLN A 65 2.99 11.20 6.11
C GLN A 65 4.45 11.46 5.75
N HIS A 66 5.28 10.49 5.98
CA HIS A 66 6.71 10.60 5.74
C HIS A 66 7.00 10.56 4.24
N LEU A 67 6.32 9.67 3.55
CA LEU A 67 6.51 9.45 2.12
C LEU A 67 5.95 10.58 1.30
N ASP A 68 4.88 11.17 1.82
CA ASP A 68 4.23 12.34 1.18
C ASP A 68 5.22 13.48 1.06
N LYS A 69 6.21 13.46 1.91
CA LYS A 69 7.18 14.48 1.92
C LYS A 69 8.35 14.07 1.07
N THR A 70 8.45 14.69 -0.05
CA THR A 70 9.49 14.40 -0.99
C THR A 70 10.55 15.48 -0.89
N SER A 1 0.05 -15.32 -2.66
CA SER A 1 -0.85 -15.44 -3.79
C SER A 1 -1.48 -14.10 -4.17
N ASP A 2 -1.05 -13.57 -5.30
CA ASP A 2 -1.61 -12.35 -5.85
C ASP A 2 -1.63 -12.44 -7.35
N GLY A 3 -2.40 -11.62 -7.99
CA GLY A 3 -2.61 -11.71 -9.42
C GLY A 3 -4.03 -12.15 -9.68
N GLY A 4 -4.52 -12.90 -8.74
CA GLY A 4 -5.87 -13.33 -8.68
C GLY A 4 -6.26 -13.31 -7.24
N ALA A 5 -7.52 -12.95 -6.94
CA ALA A 5 -8.01 -12.82 -5.55
C ALA A 5 -7.35 -11.60 -4.89
N GLN A 6 -6.93 -10.68 -5.74
CA GLN A 6 -6.20 -9.49 -5.32
C GLN A 6 -7.13 -8.27 -5.33
N ASP A 7 -8.42 -8.53 -5.12
CA ASP A 7 -9.47 -7.50 -5.22
C ASP A 7 -9.17 -6.32 -4.30
N CYS A 8 -9.00 -5.15 -4.94
CA CYS A 8 -8.69 -3.84 -4.30
C CYS A 8 -7.39 -3.79 -3.54
N CYS A 9 -6.86 -4.90 -3.25
CA CYS A 9 -5.66 -4.98 -2.47
C CYS A 9 -4.98 -6.33 -2.72
N LEU A 10 -3.80 -6.28 -3.34
CA LEU A 10 -3.07 -7.51 -3.70
C LEU A 10 -2.27 -8.17 -2.54
N LYS A 11 -2.00 -7.42 -1.49
CA LYS A 11 -1.31 -7.97 -0.32
C LYS A 11 -2.11 -7.65 0.90
N TYR A 12 -2.18 -8.55 1.81
CA TYR A 12 -2.81 -8.26 3.07
C TYR A 12 -1.71 -7.94 4.03
N SER A 13 -1.87 -6.94 4.84
CA SER A 13 -0.85 -6.59 5.76
C SER A 13 -0.85 -7.55 6.94
N GLN A 14 0.05 -8.51 6.88
CA GLN A 14 0.22 -9.50 7.93
C GLN A 14 1.51 -9.23 8.65
N ARG A 15 2.39 -8.52 7.98
CA ARG A 15 3.62 -8.06 8.54
C ARG A 15 3.55 -6.56 8.53
N LYS A 16 4.44 -5.92 9.23
CA LYS A 16 4.46 -4.49 9.24
C LYS A 16 5.68 -4.02 8.46
N ILE A 17 5.49 -3.07 7.59
CA ILE A 17 6.55 -2.63 6.70
C ILE A 17 6.99 -1.22 7.08
N PRO A 18 8.31 -0.96 7.16
CA PRO A 18 8.82 0.37 7.43
C PRO A 18 8.94 1.20 6.14
N ALA A 19 8.70 2.51 6.24
CA ALA A 19 8.83 3.44 5.09
C ALA A 19 10.28 3.53 4.59
N LYS A 20 11.18 2.93 5.32
CA LYS A 20 12.59 2.93 4.99
C LYS A 20 12.84 2.08 3.74
N VAL A 21 12.12 0.99 3.63
CA VAL A 21 12.36 0.04 2.55
C VAL A 21 11.53 0.35 1.30
N VAL A 22 10.71 1.37 1.37
CA VAL A 22 9.92 1.75 0.24
C VAL A 22 10.26 3.17 -0.19
N ARG A 23 9.89 3.54 -1.39
CA ARG A 23 10.15 4.81 -1.91
C ARG A 23 8.98 5.74 -1.65
N SER A 24 7.83 5.31 -2.10
CA SER A 24 6.64 6.08 -2.00
C SER A 24 5.45 5.14 -1.92
N TYR A 25 4.27 5.69 -1.98
CA TYR A 25 3.07 4.90 -1.96
C TYR A 25 2.16 5.36 -3.06
N ARG A 26 1.10 4.64 -3.24
CA ARG A 26 0.11 4.98 -4.18
C ARG A 26 -1.23 4.84 -3.50
N LYS A 27 -1.97 5.90 -3.48
CA LYS A 27 -3.26 5.89 -2.87
C LYS A 27 -4.28 5.40 -3.87
N GLN A 28 -5.10 4.54 -3.46
CA GLN A 28 -6.12 4.02 -4.34
C GLN A 28 -7.44 4.58 -3.95
N GLU A 29 -8.13 5.14 -4.91
CA GLU A 29 -9.45 5.62 -4.68
C GLU A 29 -10.38 4.43 -4.50
N PRO A 30 -11.20 4.42 -3.44
CA PRO A 30 -12.10 3.30 -3.14
C PRO A 30 -13.17 3.13 -4.22
N SER A 31 -13.39 4.18 -4.95
CA SER A 31 -14.39 4.26 -5.99
C SER A 31 -14.15 3.27 -7.14
N LEU A 32 -12.99 2.67 -7.16
CA LEU A 32 -12.66 1.65 -8.14
C LEU A 32 -13.26 0.29 -7.76
N GLY A 33 -14.07 0.26 -6.71
CA GLY A 33 -14.76 -0.96 -6.40
C GLY A 33 -14.86 -1.32 -4.93
N CYS A 34 -14.33 -0.50 -4.03
CA CYS A 34 -14.34 -0.90 -2.62
C CYS A 34 -14.72 0.24 -1.67
N SER A 35 -15.02 -0.10 -0.45
CA SER A 35 -15.44 0.88 0.51
C SER A 35 -14.24 1.63 1.11
N ILE A 36 -13.15 0.93 1.29
CA ILE A 36 -12.00 1.53 1.92
C ILE A 36 -10.89 1.80 0.91
N PRO A 37 -10.19 2.93 1.06
CA PRO A 37 -9.05 3.27 0.22
C PRO A 37 -7.87 2.39 0.55
N ALA A 38 -6.92 2.33 -0.33
CA ALA A 38 -5.77 1.50 -0.10
C ALA A 38 -4.49 2.29 -0.29
N ILE A 39 -3.48 1.88 0.42
CA ILE A 39 -2.16 2.43 0.31
C ILE A 39 -1.26 1.38 -0.25
N LEU A 40 -0.77 1.61 -1.41
CA LEU A 40 0.11 0.67 -2.02
C LEU A 40 1.52 1.12 -1.80
N PHE A 41 2.37 0.21 -1.48
CA PHE A 41 3.75 0.53 -1.26
C PHE A 41 4.52 0.31 -2.52
N LEU A 42 5.22 1.33 -2.92
CA LEU A 42 6.09 1.28 -4.05
C LEU A 42 7.51 1.13 -3.51
N PRO A 43 8.08 -0.08 -3.58
CA PRO A 43 9.38 -0.36 -3.00
C PRO A 43 10.51 0.31 -3.74
N ARG A 44 11.66 0.34 -3.10
CA ARG A 44 12.83 0.90 -3.69
C ARG A 44 13.34 -0.06 -4.78
N LYS A 45 13.18 -1.34 -4.52
CA LYS A 45 13.61 -2.35 -5.39
C LYS A 45 12.52 -2.62 -6.39
N ARG A 46 12.89 -2.77 -7.61
CA ARG A 46 11.93 -2.97 -8.68
C ARG A 46 11.68 -4.44 -8.96
N SER A 47 12.26 -5.29 -8.14
CA SER A 47 12.07 -6.72 -8.26
C SER A 47 10.62 -7.08 -7.94
N GLN A 48 10.02 -6.28 -7.08
CA GLN A 48 8.65 -6.48 -6.65
C GLN A 48 7.77 -5.41 -7.24
N ALA A 49 6.52 -5.75 -7.42
CA ALA A 49 5.54 -4.81 -7.92
C ALA A 49 4.89 -4.13 -6.73
N GLU A 50 3.91 -3.29 -6.98
CA GLU A 50 3.18 -2.55 -5.95
C GLU A 50 2.62 -3.50 -4.88
N LEU A 51 2.88 -3.20 -3.61
CA LEU A 51 2.34 -4.00 -2.53
C LEU A 51 1.28 -3.25 -1.81
N CYS A 52 0.11 -3.76 -1.82
CA CYS A 52 -0.98 -3.12 -1.12
C CYS A 52 -0.82 -3.28 0.39
N ALA A 53 -1.25 -2.29 1.13
CA ALA A 53 -1.21 -2.30 2.57
C ALA A 53 -2.53 -1.80 3.12
N ASP A 54 -2.87 -2.24 4.31
CA ASP A 54 -4.11 -1.85 4.98
C ASP A 54 -3.91 -0.52 5.70
N PRO A 55 -4.44 0.59 5.14
CA PRO A 55 -4.19 1.94 5.65
C PRO A 55 -4.94 2.30 6.93
N LYS A 56 -5.87 1.46 7.33
CA LYS A 56 -6.62 1.66 8.55
C LYS A 56 -5.78 1.56 9.84
N GLU A 57 -4.55 1.14 9.71
CA GLU A 57 -3.67 1.06 10.86
C GLU A 57 -2.76 2.28 10.92
N LEU A 58 -2.37 2.64 12.13
CA LEU A 58 -1.56 3.79 12.40
C LEU A 58 -0.17 3.72 11.75
N TRP A 59 0.39 2.52 11.61
CA TRP A 59 1.73 2.39 11.01
C TRP A 59 1.74 2.92 9.56
N VAL A 60 0.64 2.71 8.84
CA VAL A 60 0.54 3.19 7.45
C VAL A 60 0.40 4.71 7.45
N GLN A 61 -0.32 5.22 8.45
CA GLN A 61 -0.50 6.65 8.65
C GLN A 61 0.86 7.31 8.83
N GLN A 62 1.74 6.64 9.55
CA GLN A 62 3.08 7.11 9.79
C GLN A 62 3.89 7.09 8.50
N LEU A 63 3.74 6.01 7.72
CA LEU A 63 4.51 5.84 6.50
C LEU A 63 4.14 6.88 5.48
N MET A 64 2.83 7.03 5.23
CA MET A 64 2.34 7.98 4.23
C MET A 64 2.88 9.39 4.46
N GLN A 65 3.07 9.76 5.71
CA GLN A 65 3.61 11.07 6.04
C GLN A 65 5.05 11.20 5.58
N HIS A 66 5.82 10.16 5.80
CA HIS A 66 7.22 10.14 5.42
C HIS A 66 7.38 9.98 3.92
N LEU A 67 6.54 9.16 3.34
CA LEU A 67 6.59 8.83 1.92
C LEU A 67 6.04 9.92 1.06
N ASP A 68 5.19 10.72 1.63
CA ASP A 68 4.63 11.89 0.94
C ASP A 68 5.76 12.85 0.59
N LYS A 69 6.82 12.75 1.36
CA LYS A 69 8.01 13.54 1.19
C LYS A 69 9.06 12.75 0.42
N THR A 70 9.88 13.44 -0.30
CA THR A 70 10.93 12.81 -1.01
C THR A 70 12.29 13.32 -0.52
N SER A 1 -6.74 -13.76 -2.58
CA SER A 1 -7.12 -12.80 -3.60
C SER A 1 -6.18 -12.89 -4.80
N ASP A 2 -6.70 -13.36 -5.92
CA ASP A 2 -5.88 -13.49 -7.12
C ASP A 2 -6.18 -12.35 -8.08
N GLY A 3 -7.37 -11.82 -8.00
CA GLY A 3 -7.74 -10.73 -8.87
C GLY A 3 -9.23 -10.64 -9.07
N GLY A 4 -9.79 -11.63 -9.74
CA GLY A 4 -11.20 -11.63 -10.03
C GLY A 4 -11.54 -10.58 -11.05
N ALA A 5 -12.25 -9.56 -10.62
CA ALA A 5 -12.57 -8.43 -11.49
C ALA A 5 -11.75 -7.25 -11.02
N GLN A 6 -10.67 -7.58 -10.34
CA GLN A 6 -9.77 -6.68 -9.67
C GLN A 6 -10.40 -6.11 -8.44
N ASP A 7 -10.35 -6.89 -7.39
CA ASP A 7 -10.88 -6.47 -6.11
C ASP A 7 -9.87 -5.61 -5.45
N CYS A 8 -10.32 -4.60 -4.73
CA CYS A 8 -9.40 -3.72 -4.07
C CYS A 8 -8.53 -4.46 -3.09
N CYS A 9 -7.24 -4.11 -3.13
CA CYS A 9 -6.21 -4.66 -2.31
C CYS A 9 -5.80 -6.04 -2.84
N LEU A 10 -4.60 -6.10 -3.40
CA LEU A 10 -4.09 -7.31 -4.01
C LEU A 10 -3.56 -8.33 -2.99
N LYS A 11 -2.89 -7.85 -2.00
CA LYS A 11 -2.32 -8.63 -0.99
C LYS A 11 -2.36 -7.81 0.26
N TYR A 12 -2.71 -8.41 1.36
CA TYR A 12 -2.74 -7.70 2.61
C TYR A 12 -1.38 -7.79 3.25
N SER A 13 -0.93 -6.69 3.82
CA SER A 13 0.38 -6.67 4.40
C SER A 13 0.31 -7.20 5.83
N GLN A 14 0.74 -8.43 5.98
CA GLN A 14 0.73 -9.11 7.26
C GLN A 14 1.92 -8.67 8.10
N ARG A 15 2.98 -8.25 7.44
CA ARG A 15 4.14 -7.79 8.13
C ARG A 15 4.25 -6.28 8.02
N LYS A 16 5.03 -5.66 8.88
CA LYS A 16 5.19 -4.23 8.85
C LYS A 16 6.42 -3.86 8.04
N ILE A 17 6.28 -2.91 7.17
CA ILE A 17 7.38 -2.43 6.37
C ILE A 17 7.65 -0.97 6.76
N PRO A 18 8.89 -0.65 7.10
CA PRO A 18 9.29 0.73 7.44
C PRO A 18 9.40 1.64 6.19
N ALA A 19 9.09 2.94 6.36
CA ALA A 19 9.20 3.96 5.28
C ALA A 19 10.58 3.99 4.63
N LYS A 20 11.57 3.55 5.36
CA LYS A 20 12.95 3.50 4.86
C LYS A 20 13.10 2.52 3.72
N VAL A 21 12.37 1.45 3.84
CA VAL A 21 12.45 0.33 2.96
C VAL A 21 11.49 0.50 1.75
N VAL A 22 10.71 1.55 1.75
CA VAL A 22 9.88 1.86 0.62
C VAL A 22 10.31 3.20 0.05
N ARG A 23 10.04 3.42 -1.21
CA ARG A 23 10.41 4.66 -1.81
C ARG A 23 9.24 5.58 -2.01
N SER A 24 8.06 5.00 -2.15
CA SER A 24 6.82 5.74 -2.34
C SER A 24 5.65 4.81 -2.02
N TYR A 25 4.45 5.31 -2.15
CA TYR A 25 3.26 4.52 -1.98
C TYR A 25 2.35 4.76 -3.16
N ARG A 26 1.29 4.01 -3.25
CA ARG A 26 0.37 4.18 -4.33
C ARG A 26 -1.03 4.10 -3.75
N LYS A 27 -1.83 5.08 -4.06
CA LYS A 27 -3.16 5.20 -3.50
C LYS A 27 -4.14 4.43 -4.31
N GLN A 28 -4.92 3.65 -3.66
CA GLN A 28 -5.92 2.88 -4.33
C GLN A 28 -7.24 3.60 -4.19
N GLU A 29 -7.79 4.00 -5.30
CA GLU A 29 -9.01 4.75 -5.32
C GLU A 29 -10.21 3.86 -5.03
N PRO A 30 -11.03 4.23 -4.01
CA PRO A 30 -12.23 3.47 -3.63
C PRO A 30 -13.33 3.60 -4.70
N SER A 31 -13.11 4.55 -5.57
CA SER A 31 -14.00 4.93 -6.65
C SER A 31 -14.21 3.78 -7.66
N LEU A 32 -13.27 2.84 -7.67
CA LEU A 32 -13.35 1.70 -8.57
C LEU A 32 -14.25 0.60 -8.00
N GLY A 33 -14.89 0.91 -6.89
CA GLY A 33 -15.79 -0.01 -6.29
C GLY A 33 -15.26 -0.60 -5.02
N CYS A 34 -14.79 0.24 -4.13
CA CYS A 34 -14.33 -0.25 -2.85
C CYS A 34 -14.80 0.68 -1.76
N SER A 35 -15.04 0.14 -0.59
CA SER A 35 -15.51 0.90 0.52
C SER A 35 -14.39 1.79 1.10
N ILE A 36 -13.17 1.28 1.10
CA ILE A 36 -12.06 1.99 1.70
C ILE A 36 -10.90 2.17 0.71
N PRO A 37 -10.16 3.25 0.85
CA PRO A 37 -8.95 3.45 0.07
C PRO A 37 -7.82 2.63 0.67
N ALA A 38 -6.84 2.35 -0.11
CA ALA A 38 -5.74 1.54 0.38
C ALA A 38 -4.41 2.13 0.00
N ILE A 39 -3.43 1.80 0.77
CA ILE A 39 -2.08 2.25 0.55
C ILE A 39 -1.25 1.11 0.09
N LEU A 40 -0.81 1.20 -1.12
CA LEU A 40 0.07 0.21 -1.65
C LEU A 40 1.49 0.70 -1.54
N PHE A 41 2.36 -0.17 -1.18
CA PHE A 41 3.73 0.16 -0.99
C PHE A 41 4.54 -0.08 -2.20
N LEU A 42 5.33 0.90 -2.54
CA LEU A 42 6.30 0.79 -3.60
C LEU A 42 7.65 0.71 -2.91
N PRO A 43 8.21 -0.50 -2.81
CA PRO A 43 9.45 -0.73 -2.06
C PRO A 43 10.65 -0.03 -2.66
N ARG A 44 11.73 0.00 -1.89
CA ARG A 44 12.99 0.54 -2.32
C ARG A 44 13.49 -0.30 -3.48
N LYS A 45 13.31 -1.59 -3.32
CA LYS A 45 13.73 -2.55 -4.27
C LYS A 45 12.72 -2.60 -5.41
N ARG A 46 13.21 -2.93 -6.56
CA ARG A 46 12.37 -2.99 -7.75
C ARG A 46 11.83 -4.42 -7.90
N SER A 47 12.39 -5.32 -7.13
CA SER A 47 12.03 -6.72 -7.13
C SER A 47 10.52 -6.92 -6.91
N GLN A 48 9.98 -6.37 -5.83
CA GLN A 48 8.56 -6.50 -5.56
C GLN A 48 7.76 -5.38 -6.22
N ALA A 49 6.47 -5.57 -6.29
CA ALA A 49 5.58 -4.64 -6.93
C ALA A 49 4.78 -3.90 -5.87
N GLU A 50 3.72 -3.25 -6.31
CA GLU A 50 2.85 -2.51 -5.42
C GLU A 50 2.15 -3.48 -4.45
N LEU A 51 2.42 -3.30 -3.20
CA LEU A 51 1.84 -4.15 -2.18
C LEU A 51 0.91 -3.41 -1.29
N CYS A 52 -0.28 -3.86 -1.29
CA CYS A 52 -1.35 -3.26 -0.51
C CYS A 52 -1.10 -3.40 0.99
N ALA A 53 -1.48 -2.39 1.69
CA ALA A 53 -1.39 -2.31 3.12
C ALA A 53 -2.63 -1.62 3.63
N ASP A 54 -3.05 -2.00 4.82
CA ASP A 54 -4.22 -1.41 5.45
C ASP A 54 -3.84 -0.07 6.07
N PRO A 55 -4.33 1.04 5.52
CA PRO A 55 -3.94 2.38 5.96
C PRO A 55 -4.59 2.82 7.27
N LYS A 56 -5.47 2.00 7.78
CA LYS A 56 -6.08 2.23 9.08
C LYS A 56 -5.07 1.89 10.16
N GLU A 57 -4.12 1.04 9.83
CA GLU A 57 -3.02 0.73 10.71
C GLU A 57 -2.15 1.93 10.90
N LEU A 58 -1.63 2.08 12.08
CA LEU A 58 -0.85 3.24 12.44
C LEU A 58 0.41 3.31 11.63
N TRP A 59 1.12 2.19 11.53
CA TRP A 59 2.38 2.18 10.82
C TRP A 59 2.23 2.64 9.37
N VAL A 60 1.17 2.22 8.69
CA VAL A 60 0.90 2.62 7.30
C VAL A 60 0.59 4.10 7.24
N GLN A 61 -0.24 4.55 8.18
CA GLN A 61 -0.63 5.93 8.27
C GLN A 61 0.62 6.80 8.45
N GLN A 62 1.52 6.37 9.33
CA GLN A 62 2.76 7.08 9.56
C GLN A 62 3.60 7.11 8.29
N LEU A 63 3.62 5.99 7.55
CA LEU A 63 4.40 5.91 6.33
C LEU A 63 3.89 6.88 5.30
N MET A 64 2.59 6.83 5.04
CA MET A 64 1.98 7.67 4.01
C MET A 64 2.17 9.17 4.30
N GLN A 65 2.23 9.53 5.58
CA GLN A 65 2.50 10.91 5.96
C GLN A 65 3.98 11.25 5.70
N HIS A 66 4.85 10.28 5.97
CA HIS A 66 6.30 10.48 5.83
C HIS A 66 6.70 10.50 4.37
N LEU A 67 6.06 9.66 3.60
CA LEU A 67 6.35 9.50 2.17
C LEU A 67 5.80 10.66 1.39
N ASP A 68 4.77 11.24 1.92
CA ASP A 68 4.17 12.45 1.36
C ASP A 68 5.13 13.63 1.50
N LYS A 69 6.02 13.52 2.46
CA LYS A 69 6.96 14.54 2.73
C LYS A 69 8.24 14.13 2.01
N THR A 70 8.90 15.08 1.48
CA THR A 70 10.09 14.83 0.72
C THR A 70 11.32 14.74 1.63
N SER A 1 3.97 -10.98 -8.54
CA SER A 1 2.61 -11.16 -8.04
C SER A 1 1.64 -11.33 -9.20
N ASP A 2 0.98 -12.47 -9.22
CA ASP A 2 0.02 -12.77 -10.25
C ASP A 2 -1.34 -12.24 -9.86
N GLY A 3 -1.77 -11.23 -10.55
CA GLY A 3 -3.04 -10.64 -10.29
C GLY A 3 -3.04 -9.19 -10.63
N GLY A 4 -4.15 -8.71 -11.08
CA GLY A 4 -4.29 -7.32 -11.42
C GLY A 4 -5.56 -6.79 -10.84
N ALA A 5 -6.65 -7.25 -11.37
CA ALA A 5 -7.95 -6.89 -10.89
C ALA A 5 -8.32 -7.79 -9.71
N GLN A 6 -8.08 -7.30 -8.52
CA GLN A 6 -8.41 -8.02 -7.29
C GLN A 6 -9.03 -7.06 -6.31
N ASP A 7 -9.87 -7.56 -5.44
CA ASP A 7 -10.61 -6.71 -4.51
C ASP A 7 -9.73 -6.13 -3.45
N CYS A 8 -9.67 -4.80 -3.43
CA CYS A 8 -8.94 -4.01 -2.45
C CYS A 8 -7.45 -4.26 -2.43
N CYS A 9 -7.08 -5.31 -1.81
CA CYS A 9 -5.71 -5.70 -1.63
C CYS A 9 -5.32 -6.93 -2.44
N LEU A 10 -4.23 -6.82 -3.19
CA LEU A 10 -3.71 -7.93 -3.99
C LEU A 10 -2.90 -8.88 -3.09
N LYS A 11 -2.24 -8.29 -2.12
CA LYS A 11 -1.43 -8.98 -1.16
C LYS A 11 -1.74 -8.40 0.20
N TYR A 12 -1.60 -9.21 1.20
CA TYR A 12 -1.84 -8.78 2.55
C TYR A 12 -0.55 -8.66 3.32
N SER A 13 -0.59 -7.96 4.42
CA SER A 13 0.57 -7.74 5.23
C SER A 13 0.95 -9.04 5.94
N GLN A 14 1.93 -9.73 5.40
CA GLN A 14 2.45 -10.96 5.97
C GLN A 14 3.49 -10.61 7.00
N ARG A 15 4.10 -9.46 6.81
CA ARG A 15 5.04 -8.90 7.73
C ARG A 15 4.86 -7.40 7.73
N LYS A 16 5.48 -6.72 8.65
CA LYS A 16 5.35 -5.28 8.77
C LYS A 16 6.19 -4.56 7.72
N ILE A 17 5.61 -3.57 7.06
CA ILE A 17 6.31 -2.83 6.03
C ILE A 17 6.58 -1.40 6.52
N PRO A 18 7.82 -1.09 6.88
CA PRO A 18 8.22 0.26 7.27
C PRO A 18 8.48 1.14 6.04
N ALA A 19 8.34 2.45 6.18
CA ALA A 19 8.58 3.40 5.08
C ALA A 19 10.05 3.37 4.60
N LYS A 20 10.91 2.76 5.40
CA LYS A 20 12.35 2.61 5.07
C LYS A 20 12.52 1.77 3.84
N VAL A 21 11.74 0.75 3.78
CA VAL A 21 11.87 -0.27 2.72
C VAL A 21 11.04 0.05 1.48
N VAL A 22 10.38 1.17 1.48
CA VAL A 22 9.62 1.58 0.35
C VAL A 22 10.11 2.94 -0.12
N ARG A 23 9.71 3.33 -1.30
CA ARG A 23 10.07 4.63 -1.83
C ARG A 23 9.00 5.62 -1.52
N SER A 24 7.80 5.29 -1.93
CA SER A 24 6.63 6.14 -1.77
C SER A 24 5.39 5.26 -1.73
N TYR A 25 4.23 5.88 -1.76
CA TYR A 25 2.99 5.13 -1.77
C TYR A 25 2.11 5.56 -2.94
N ARG A 26 1.04 4.85 -3.10
CA ARG A 26 0.09 5.10 -4.12
C ARG A 26 -1.28 4.95 -3.52
N LYS A 27 -2.06 5.95 -3.64
CA LYS A 27 -3.36 5.96 -3.10
C LYS A 27 -4.34 5.37 -4.10
N GLN A 28 -5.10 4.42 -3.64
CA GLN A 28 -6.10 3.78 -4.46
C GLN A 28 -7.44 4.34 -4.13
N GLU A 29 -8.11 4.85 -5.13
CA GLU A 29 -9.43 5.38 -4.97
C GLU A 29 -10.38 4.24 -4.67
N PRO A 30 -11.32 4.40 -3.73
CA PRO A 30 -12.29 3.37 -3.38
C PRO A 30 -13.21 3.04 -4.56
N SER A 31 -13.32 4.01 -5.45
CA SER A 31 -14.12 3.94 -6.65
C SER A 31 -13.59 2.86 -7.62
N LEU A 32 -12.35 2.44 -7.40
CA LEU A 32 -11.71 1.40 -8.20
C LEU A 32 -12.46 0.07 -7.95
N GLY A 33 -13.10 -0.02 -6.80
CA GLY A 33 -13.84 -1.18 -6.44
C GLY A 33 -13.55 -1.63 -5.04
N CYS A 34 -13.43 -0.69 -4.13
CA CYS A 34 -13.16 -1.03 -2.76
C CYS A 34 -13.99 -0.17 -1.82
N SER A 35 -14.28 -0.69 -0.65
CA SER A 35 -15.05 0.03 0.35
C SER A 35 -14.23 1.19 0.93
N ILE A 36 -12.94 1.00 0.97
CA ILE A 36 -12.03 1.97 1.53
C ILE A 36 -10.98 2.36 0.51
N PRO A 37 -10.34 3.51 0.69
CA PRO A 37 -9.19 3.88 -0.09
C PRO A 37 -8.00 3.09 0.44
N ALA A 38 -7.16 2.70 -0.43
CA ALA A 38 -6.05 1.87 -0.03
C ALA A 38 -4.73 2.57 -0.24
N ILE A 39 -3.78 2.23 0.59
CA ILE A 39 -2.44 2.74 0.46
C ILE A 39 -1.56 1.65 -0.10
N LEU A 40 -1.10 1.88 -1.27
CA LEU A 40 -0.22 0.99 -1.94
C LEU A 40 1.19 1.38 -1.66
N PHE A 41 1.98 0.45 -1.29
CA PHE A 41 3.35 0.65 -1.00
C PHE A 41 4.18 0.38 -2.22
N LEU A 42 5.01 1.33 -2.57
CA LEU A 42 5.94 1.19 -3.66
C LEU A 42 7.28 0.80 -3.07
N PRO A 43 7.69 -0.47 -3.19
CA PRO A 43 8.95 -0.94 -2.62
C PRO A 43 10.18 -0.29 -3.27
N ARG A 44 11.36 -0.59 -2.74
CA ARG A 44 12.60 -0.05 -3.31
C ARG A 44 12.77 -0.63 -4.71
N LYS A 45 12.24 -1.84 -4.89
CA LYS A 45 12.20 -2.49 -6.14
C LYS A 45 10.94 -2.04 -6.85
N ARG A 46 11.12 -1.40 -7.95
CA ARG A 46 9.99 -0.84 -8.69
C ARG A 46 9.37 -1.94 -9.55
N SER A 47 10.18 -2.92 -9.88
CA SER A 47 9.75 -4.03 -10.73
C SER A 47 8.68 -4.91 -10.06
N GLN A 48 8.45 -4.69 -8.78
CA GLN A 48 7.46 -5.45 -8.05
C GLN A 48 6.14 -4.71 -8.05
N ALA A 49 5.08 -5.44 -7.83
CA ALA A 49 3.75 -4.88 -7.83
C ALA A 49 3.47 -4.17 -6.53
N GLU A 50 2.83 -3.02 -6.63
CA GLU A 50 2.45 -2.16 -5.52
C GLU A 50 1.70 -2.97 -4.46
N LEU A 51 2.14 -2.92 -3.22
CA LEU A 51 1.51 -3.71 -2.17
C LEU A 51 0.45 -2.90 -1.44
N CYS A 52 -0.70 -3.48 -1.26
CA CYS A 52 -1.81 -2.81 -0.60
C CYS A 52 -1.67 -2.89 0.92
N ALA A 53 -2.08 -1.83 1.56
CA ALA A 53 -2.05 -1.72 2.99
C ALA A 53 -3.28 -0.97 3.45
N ASP A 54 -3.77 -1.32 4.64
CA ASP A 54 -4.95 -0.67 5.22
C ASP A 54 -4.53 0.59 5.96
N PRO A 55 -4.90 1.77 5.44
CA PRO A 55 -4.45 3.05 5.98
C PRO A 55 -5.16 3.47 7.25
N LYS A 56 -6.08 2.67 7.68
CA LYS A 56 -6.81 2.94 8.88
C LYS A 56 -5.97 2.67 10.13
N GLU A 57 -4.87 1.97 9.96
CA GLU A 57 -3.96 1.75 11.05
C GLU A 57 -2.93 2.86 11.11
N LEU A 58 -2.49 3.18 12.32
CA LEU A 58 -1.57 4.27 12.57
C LEU A 58 -0.26 4.14 11.81
N TRP A 59 0.28 2.92 11.72
CA TRP A 59 1.57 2.73 11.07
C TRP A 59 1.59 3.21 9.62
N VAL A 60 0.49 2.96 8.89
CA VAL A 60 0.38 3.38 7.50
C VAL A 60 0.30 4.91 7.42
N GLN A 61 -0.44 5.48 8.34
CA GLN A 61 -0.60 6.94 8.42
C GLN A 61 0.75 7.60 8.67
N GLN A 62 1.57 6.93 9.49
CA GLN A 62 2.91 7.38 9.79
C GLN A 62 3.82 7.28 8.58
N LEU A 63 3.59 6.27 7.74
CA LEU A 63 4.42 6.08 6.57
C LEU A 63 4.15 7.15 5.56
N MET A 64 2.85 7.44 5.34
CA MET A 64 2.42 8.50 4.41
C MET A 64 3.15 9.81 4.70
N GLN A 65 3.34 10.11 5.98
CA GLN A 65 4.05 11.33 6.41
C GLN A 65 5.48 11.38 5.87
N HIS A 66 6.16 10.26 5.95
CA HIS A 66 7.54 10.15 5.50
C HIS A 66 7.60 10.12 3.98
N LEU A 67 6.65 9.43 3.39
CA LEU A 67 6.60 9.21 1.95
C LEU A 67 6.13 10.44 1.21
N ASP A 68 5.39 11.28 1.90
CA ASP A 68 4.94 12.58 1.36
C ASP A 68 6.16 13.45 1.04
N LYS A 69 7.24 13.15 1.71
CA LYS A 69 8.48 13.83 1.54
C LYS A 69 9.43 12.95 0.77
N THR A 70 10.32 13.54 0.04
CA THR A 70 11.30 12.78 -0.68
C THR A 70 12.49 12.50 0.26
N SER A 1 -15.73 -13.75 -13.26
CA SER A 1 -15.18 -15.07 -12.99
C SER A 1 -13.78 -14.92 -12.36
N ASP A 2 -12.84 -14.35 -13.09
CA ASP A 2 -11.52 -14.09 -12.54
C ASP A 2 -11.30 -12.59 -12.49
N GLY A 3 -10.95 -12.10 -11.33
CA GLY A 3 -10.78 -10.67 -11.16
C GLY A 3 -9.36 -10.22 -11.28
N GLY A 4 -9.14 -9.25 -12.14
CA GLY A 4 -7.83 -8.68 -12.30
C GLY A 4 -7.78 -7.29 -11.73
N ALA A 5 -7.17 -6.37 -12.44
CA ALA A 5 -7.04 -5.00 -11.99
C ALA A 5 -8.38 -4.28 -12.03
N GLN A 6 -9.12 -4.45 -10.98
CA GLN A 6 -10.43 -3.88 -10.74
C GLN A 6 -10.86 -4.34 -9.37
N ASP A 7 -10.32 -5.47 -8.97
CA ASP A 7 -10.49 -5.98 -7.64
C ASP A 7 -9.43 -5.30 -6.80
N CYS A 8 -9.76 -4.90 -5.60
CA CYS A 8 -8.85 -4.09 -4.83
C CYS A 8 -8.03 -4.85 -3.80
N CYS A 9 -6.77 -4.44 -3.71
CA CYS A 9 -5.79 -4.91 -2.75
C CYS A 9 -5.33 -6.34 -3.05
N LEU A 10 -4.09 -6.44 -3.54
CA LEU A 10 -3.52 -7.71 -3.95
C LEU A 10 -2.97 -8.57 -2.79
N LYS A 11 -2.61 -7.95 -1.70
CA LYS A 11 -2.11 -8.65 -0.56
C LYS A 11 -2.50 -7.86 0.67
N TYR A 12 -2.80 -8.53 1.76
CA TYR A 12 -3.13 -7.84 3.00
C TYR A 12 -1.88 -7.69 3.82
N SER A 13 -1.83 -6.68 4.66
CA SER A 13 -0.65 -6.47 5.44
C SER A 13 -0.59 -7.44 6.63
N GLN A 14 0.15 -8.51 6.43
CA GLN A 14 0.38 -9.52 7.44
C GLN A 14 1.70 -9.21 8.11
N ARG A 15 2.49 -8.51 7.37
CA ARG A 15 3.76 -8.04 7.79
C ARG A 15 3.75 -6.55 7.60
N LYS A 16 4.47 -5.86 8.41
CA LYS A 16 4.46 -4.42 8.34
C LYS A 16 5.75 -3.95 7.66
N ILE A 17 5.61 -3.05 6.72
CA ILE A 17 6.75 -2.58 5.93
C ILE A 17 7.05 -1.13 6.31
N PRO A 18 8.22 -0.87 6.90
CA PRO A 18 8.61 0.48 7.33
C PRO A 18 8.92 1.43 6.16
N ALA A 19 8.65 2.73 6.36
CA ALA A 19 8.87 3.78 5.33
C ALA A 19 10.31 3.81 4.85
N LYS A 20 11.24 3.45 5.70
CA LYS A 20 12.66 3.50 5.32
C LYS A 20 13.04 2.49 4.23
N VAL A 21 12.23 1.47 4.03
CA VAL A 21 12.54 0.47 3.02
C VAL A 21 11.61 0.60 1.81
N VAL A 22 10.83 1.65 1.80
CA VAL A 22 9.93 1.92 0.71
C VAL A 22 10.18 3.32 0.18
N ARG A 23 9.87 3.52 -1.06
CA ARG A 23 10.09 4.77 -1.70
C ARG A 23 8.89 5.66 -1.60
N SER A 24 7.77 5.18 -2.06
CA SER A 24 6.56 5.91 -2.08
C SER A 24 5.38 4.96 -2.01
N TYR A 25 4.21 5.50 -2.05
CA TYR A 25 3.00 4.73 -1.96
C TYR A 25 2.03 5.12 -3.06
N ARG A 26 1.05 4.29 -3.27
CA ARG A 26 0.06 4.51 -4.27
C ARG A 26 -1.30 4.51 -3.61
N LYS A 27 -2.04 5.56 -3.84
CA LYS A 27 -3.34 5.73 -3.23
C LYS A 27 -4.43 5.11 -4.07
N GLN A 28 -5.18 4.21 -3.47
CA GLN A 28 -6.30 3.61 -4.16
C GLN A 28 -7.58 4.10 -3.51
N GLU A 29 -8.34 4.88 -4.24
CA GLU A 29 -9.58 5.38 -3.73
C GLU A 29 -10.67 4.32 -3.87
N PRO A 30 -11.54 4.20 -2.88
CA PRO A 30 -12.59 3.17 -2.87
C PRO A 30 -13.71 3.50 -3.86
N SER A 31 -13.60 4.66 -4.45
CA SER A 31 -14.55 5.20 -5.39
C SER A 31 -14.43 4.45 -6.73
N LEU A 32 -13.32 3.76 -6.92
CA LEU A 32 -13.11 2.92 -8.10
C LEU A 32 -14.08 1.73 -8.00
N GLY A 33 -14.36 1.35 -6.78
CA GLY A 33 -15.23 0.24 -6.52
C GLY A 33 -14.63 -0.65 -5.47
N CYS A 34 -14.35 -0.10 -4.32
CA CYS A 34 -13.78 -0.88 -3.26
C CYS A 34 -14.43 -0.49 -1.96
N SER A 35 -14.40 -1.38 -0.99
CA SER A 35 -14.99 -1.15 0.28
C SER A 35 -14.20 -0.14 1.12
N ILE A 36 -12.88 -0.25 1.08
CA ILE A 36 -12.02 0.64 1.85
C ILE A 36 -10.86 1.10 0.98
N PRO A 37 -10.25 2.25 1.29
CA PRO A 37 -9.08 2.73 0.56
C PRO A 37 -7.87 1.90 0.90
N ALA A 38 -6.92 1.90 0.03
CA ALA A 38 -5.73 1.12 0.24
C ALA A 38 -4.48 1.91 -0.09
N ILE A 39 -3.41 1.57 0.58
CA ILE A 39 -2.12 2.15 0.36
C ILE A 39 -1.20 1.09 -0.14
N LEU A 40 -0.77 1.23 -1.34
CA LEU A 40 0.13 0.27 -1.92
C LEU A 40 1.55 0.79 -1.82
N PHE A 41 2.47 -0.07 -1.46
CA PHE A 41 3.86 0.29 -1.27
C PHE A 41 4.71 0.01 -2.49
N LEU A 42 5.51 0.99 -2.88
CA LEU A 42 6.54 0.81 -3.89
C LEU A 42 7.88 0.69 -3.16
N PRO A 43 8.31 -0.54 -2.83
CA PRO A 43 9.49 -0.75 -2.01
C PRO A 43 10.80 -0.45 -2.73
N ARG A 44 11.84 -0.26 -1.95
CA ARG A 44 13.16 0.06 -2.48
C ARG A 44 13.78 -1.17 -3.15
N LYS A 45 13.21 -2.35 -2.89
CA LYS A 45 13.68 -3.61 -3.42
C LYS A 45 13.69 -3.58 -4.96
N ARG A 46 12.53 -3.45 -5.58
CA ARG A 46 12.46 -3.39 -7.04
C ARG A 46 11.64 -2.21 -7.51
N SER A 47 10.74 -1.76 -6.65
CA SER A 47 9.82 -0.62 -6.90
C SER A 47 8.69 -0.99 -7.88
N GLN A 48 8.92 -2.01 -8.68
CA GLN A 48 7.92 -2.53 -9.59
C GLN A 48 7.03 -3.46 -8.82
N ALA A 49 5.74 -3.39 -9.11
CA ALA A 49 4.68 -4.13 -8.40
C ALA A 49 4.47 -3.56 -7.02
N GLU A 50 3.34 -2.94 -6.85
CA GLU A 50 3.01 -2.28 -5.63
C GLU A 50 2.35 -3.25 -4.67
N LEU A 51 2.85 -3.29 -3.45
CA LEU A 51 2.30 -4.16 -2.45
C LEU A 51 1.27 -3.45 -1.61
N CYS A 52 0.05 -3.93 -1.64
CA CYS A 52 -1.04 -3.35 -0.87
C CYS A 52 -0.79 -3.49 0.63
N ALA A 53 -1.19 -2.50 1.37
CA ALA A 53 -1.12 -2.47 2.79
C ALA A 53 -2.40 -1.87 3.30
N ASP A 54 -2.77 -2.22 4.51
CA ASP A 54 -4.00 -1.75 5.10
C ASP A 54 -3.77 -0.42 5.80
N PRO A 55 -4.27 0.71 5.25
CA PRO A 55 -4.03 2.05 5.80
C PRO A 55 -4.83 2.33 7.07
N LYS A 56 -5.60 1.36 7.45
CA LYS A 56 -6.39 1.40 8.67
C LYS A 56 -5.52 1.53 9.92
N GLU A 57 -4.31 1.03 9.86
CA GLU A 57 -3.41 1.14 10.98
C GLU A 57 -2.64 2.45 10.89
N LEU A 58 -2.21 2.94 12.03
CA LEU A 58 -1.56 4.22 12.11
C LEU A 58 -0.17 4.24 11.45
N TRP A 59 0.55 3.11 11.46
CA TRP A 59 1.90 3.04 10.87
C TRP A 59 1.88 3.44 9.39
N VAL A 60 0.87 2.96 8.65
CA VAL A 60 0.73 3.28 7.22
C VAL A 60 0.55 4.77 7.04
N GLN A 61 -0.23 5.35 7.92
CA GLN A 61 -0.54 6.75 7.90
C GLN A 61 0.71 7.58 8.23
N GLN A 62 1.58 7.02 9.04
CA GLN A 62 2.85 7.65 9.35
C GLN A 62 3.76 7.55 8.12
N LEU A 63 3.68 6.41 7.43
CA LEU A 63 4.49 6.20 6.23
C LEU A 63 4.11 7.20 5.18
N MET A 64 2.80 7.37 4.94
CA MET A 64 2.28 8.35 3.96
C MET A 64 2.91 9.72 4.17
N GLN A 65 2.93 10.16 5.42
CA GLN A 65 3.47 11.46 5.79
C GLN A 65 4.98 11.53 5.55
N HIS A 66 5.68 10.45 5.84
CA HIS A 66 7.14 10.41 5.67
C HIS A 66 7.50 10.30 4.19
N LEU A 67 6.80 9.43 3.49
CA LEU A 67 7.01 9.16 2.06
C LEU A 67 6.67 10.35 1.23
N ASP A 68 5.80 11.17 1.77
CA ASP A 68 5.43 12.45 1.16
C ASP A 68 6.68 13.33 0.97
N LYS A 69 7.71 13.08 1.78
CA LYS A 69 9.00 13.74 1.66
C LYS A 69 9.88 12.96 0.70
N THR A 70 10.49 13.65 -0.24
CA THR A 70 11.41 13.03 -1.13
C THR A 70 12.83 13.40 -0.68
N SER A 1 -3.88 -19.19 -7.34
CA SER A 1 -5.08 -19.33 -6.52
C SER A 1 -5.86 -18.03 -6.55
N ASP A 2 -6.99 -17.99 -5.82
CA ASP A 2 -7.77 -16.76 -5.62
C ASP A 2 -8.35 -16.21 -6.92
N GLY A 3 -8.63 -17.10 -7.85
CA GLY A 3 -9.14 -16.71 -9.14
C GLY A 3 -10.64 -16.64 -9.17
N GLY A 4 -11.29 -16.91 -8.06
CA GLY A 4 -12.73 -16.85 -7.99
C GLY A 4 -13.22 -15.43 -7.92
N ALA A 5 -13.24 -14.88 -6.73
CA ALA A 5 -13.67 -13.53 -6.51
C ALA A 5 -12.47 -12.61 -6.53
N GLN A 6 -12.60 -11.49 -7.18
CA GLN A 6 -11.51 -10.55 -7.27
C GLN A 6 -11.72 -9.41 -6.30
N ASP A 7 -10.95 -9.40 -5.26
CA ASP A 7 -11.02 -8.37 -4.23
C ASP A 7 -9.94 -7.35 -4.39
N CYS A 8 -10.27 -6.10 -4.08
CA CYS A 8 -9.28 -5.03 -4.08
C CYS A 8 -8.20 -5.35 -3.06
N CYS A 9 -6.97 -5.05 -3.42
CA CYS A 9 -5.82 -5.29 -2.59
C CYS A 9 -5.49 -6.81 -2.55
N LEU A 10 -4.32 -7.15 -3.04
CA LEU A 10 -3.91 -8.54 -3.16
C LEU A 10 -3.41 -9.09 -1.83
N LYS A 11 -2.63 -8.31 -1.14
CA LYS A 11 -2.02 -8.74 0.06
C LYS A 11 -2.72 -8.10 1.23
N TYR A 12 -3.00 -8.86 2.24
CA TYR A 12 -3.45 -8.28 3.45
C TYR A 12 -2.26 -8.13 4.34
N SER A 13 -2.20 -7.05 5.05
CA SER A 13 -1.00 -6.73 5.76
C SER A 13 -0.83 -7.58 7.01
N GLN A 14 0.11 -8.50 6.93
CA GLN A 14 0.43 -9.37 8.02
C GLN A 14 1.63 -8.85 8.79
N ARG A 15 2.36 -7.92 8.20
CA ARG A 15 3.57 -7.44 8.81
C ARG A 15 3.82 -5.97 8.56
N LYS A 16 4.51 -5.35 9.48
CA LYS A 16 4.86 -3.95 9.41
C LYS A 16 6.16 -3.78 8.68
N ILE A 17 6.16 -2.90 7.72
CA ILE A 17 7.33 -2.62 6.93
C ILE A 17 7.62 -1.10 7.02
N PRO A 18 8.89 -0.72 7.23
CA PRO A 18 9.27 0.70 7.35
C PRO A 18 9.19 1.50 6.03
N ALA A 19 8.83 2.80 6.13
CA ALA A 19 8.82 3.71 4.97
C ALA A 19 10.23 3.90 4.40
N LYS A 20 11.22 3.57 5.21
CA LYS A 20 12.62 3.70 4.83
C LYS A 20 12.95 2.86 3.61
N VAL A 21 12.35 1.70 3.54
CA VAL A 21 12.64 0.75 2.46
C VAL A 21 11.73 0.91 1.25
N VAL A 22 10.81 1.85 1.30
CA VAL A 22 9.95 2.09 0.18
C VAL A 22 10.24 3.45 -0.41
N ARG A 23 9.72 3.69 -1.58
CA ARG A 23 9.95 4.91 -2.27
C ARG A 23 8.84 5.89 -1.96
N SER A 24 7.65 5.46 -2.23
CA SER A 24 6.48 6.25 -2.04
C SER A 24 5.26 5.35 -2.01
N TYR A 25 4.09 5.93 -1.93
CA TYR A 25 2.88 5.15 -1.91
C TYR A 25 1.92 5.61 -2.98
N ARG A 26 0.97 4.80 -3.28
CA ARG A 26 -0.01 5.06 -4.29
C ARG A 26 -1.34 4.74 -3.70
N LYS A 27 -2.19 5.72 -3.61
CA LYS A 27 -3.46 5.52 -2.97
C LYS A 27 -4.47 5.01 -3.91
N GLN A 28 -5.25 4.11 -3.42
CA GLN A 28 -6.34 3.59 -4.18
C GLN A 28 -7.57 4.32 -3.76
N GLU A 29 -8.07 5.12 -4.66
CA GLU A 29 -9.22 5.92 -4.43
C GLU A 29 -10.44 5.01 -4.34
N PRO A 30 -11.19 5.09 -3.22
CA PRO A 30 -12.37 4.22 -2.90
C PRO A 30 -13.54 4.20 -3.93
N SER A 31 -13.27 4.54 -5.14
CA SER A 31 -14.21 4.47 -6.22
C SER A 31 -13.74 3.47 -7.27
N LEU A 32 -12.42 3.42 -7.47
CA LEU A 32 -11.81 2.54 -8.46
C LEU A 32 -11.48 1.19 -7.86
N GLY A 33 -11.76 1.04 -6.60
CA GLY A 33 -11.46 -0.21 -5.93
C GLY A 33 -12.57 -0.66 -5.03
N CYS A 34 -12.56 -0.19 -3.83
CA CYS A 34 -13.54 -0.58 -2.84
C CYS A 34 -13.96 0.60 -2.03
N SER A 35 -14.94 0.41 -1.15
CA SER A 35 -15.45 1.47 -0.30
C SER A 35 -14.37 1.92 0.71
N ILE A 36 -13.43 1.04 0.99
CA ILE A 36 -12.33 1.36 1.88
C ILE A 36 -11.07 1.53 1.02
N PRO A 37 -10.31 2.62 1.24
CA PRO A 37 -9.11 2.90 0.48
C PRO A 37 -7.98 1.91 0.75
N ALA A 38 -7.05 1.88 -0.15
CA ALA A 38 -5.90 1.01 -0.05
C ALA A 38 -4.62 1.79 -0.30
N ILE A 39 -3.53 1.37 0.32
CA ILE A 39 -2.24 2.00 0.14
C ILE A 39 -1.30 1.08 -0.56
N LEU A 40 -0.92 1.43 -1.74
CA LEU A 40 0.05 0.69 -2.50
C LEU A 40 1.44 1.14 -2.15
N PHE A 41 2.27 0.22 -1.80
CA PHE A 41 3.65 0.48 -1.48
C PHE A 41 4.51 0.27 -2.68
N LEU A 42 5.27 1.27 -3.03
CA LEU A 42 6.22 1.15 -4.08
C LEU A 42 7.59 1.03 -3.43
N PRO A 43 8.14 -0.18 -3.35
CA PRO A 43 9.41 -0.43 -2.66
C PRO A 43 10.61 0.05 -3.44
N ARG A 44 11.74 0.10 -2.76
CA ARG A 44 12.97 0.43 -3.40
C ARG A 44 13.36 -0.74 -4.31
N LYS A 45 13.08 -1.94 -3.84
CA LYS A 45 13.32 -3.11 -4.59
C LYS A 45 12.21 -3.30 -5.58
N ARG A 46 12.42 -2.78 -6.72
CA ARG A 46 11.44 -2.85 -7.77
C ARG A 46 11.64 -4.13 -8.56
N SER A 47 11.19 -5.19 -7.97
CA SER A 47 11.25 -6.51 -8.55
C SER A 47 10.05 -7.30 -8.03
N GLN A 48 9.01 -6.56 -7.67
CA GLN A 48 7.78 -7.11 -7.14
C GLN A 48 6.62 -6.45 -7.84
N ALA A 49 5.42 -6.93 -7.58
CA ALA A 49 4.20 -6.36 -8.15
C ALA A 49 3.80 -5.12 -7.35
N GLU A 50 2.59 -4.65 -7.53
CA GLU A 50 2.12 -3.54 -6.75
C GLU A 50 1.57 -4.11 -5.45
N LEU A 51 2.21 -3.81 -4.37
CA LEU A 51 1.77 -4.33 -3.08
C LEU A 51 0.92 -3.33 -2.36
N CYS A 52 -0.21 -3.75 -1.91
CA CYS A 52 -1.08 -2.92 -1.16
C CYS A 52 -0.96 -3.24 0.32
N ALA A 53 -1.30 -2.28 1.11
CA ALA A 53 -1.34 -2.39 2.53
C ALA A 53 -2.63 -1.77 2.99
N ASP A 54 -3.13 -2.21 4.11
CA ASP A 54 -4.36 -1.68 4.64
C ASP A 54 -4.04 -0.50 5.54
N PRO A 55 -4.45 0.71 5.13
CA PRO A 55 -4.07 1.94 5.81
C PRO A 55 -4.75 2.18 7.15
N LYS A 56 -5.61 1.30 7.55
CA LYS A 56 -6.27 1.39 8.83
C LYS A 56 -5.30 1.24 10.01
N GLU A 57 -4.17 0.59 9.79
CA GLU A 57 -3.18 0.50 10.85
C GLU A 57 -2.33 1.76 10.86
N LEU A 58 -1.94 2.17 12.06
CA LEU A 58 -1.23 3.40 12.28
C LEU A 58 0.10 3.44 11.55
N TRP A 59 0.79 2.32 11.44
CA TRP A 59 2.09 2.29 10.79
C TRP A 59 2.00 2.73 9.33
N VAL A 60 0.93 2.34 8.64
CA VAL A 60 0.74 2.73 7.24
C VAL A 60 0.57 4.22 7.14
N GLN A 61 -0.22 4.74 8.07
CA GLN A 61 -0.49 6.17 8.15
C GLN A 61 0.81 6.94 8.40
N GLN A 62 1.66 6.39 9.25
CA GLN A 62 2.94 6.98 9.55
C GLN A 62 3.87 6.92 8.33
N LEU A 63 3.71 5.88 7.50
CA LEU A 63 4.52 5.78 6.30
C LEU A 63 4.08 6.84 5.33
N MET A 64 2.74 6.92 5.12
CA MET A 64 2.14 7.91 4.25
C MET A 64 2.67 9.29 4.55
N GLN A 65 2.57 9.69 5.80
CA GLN A 65 3.00 11.01 6.26
C GLN A 65 4.49 11.27 5.98
N HIS A 66 5.31 10.24 6.14
CA HIS A 66 6.73 10.39 5.86
C HIS A 66 6.97 10.50 4.35
N LEU A 67 6.28 9.66 3.62
CA LEU A 67 6.40 9.59 2.17
C LEU A 67 5.92 10.85 1.50
N ASP A 68 5.04 11.57 2.18
CA ASP A 68 4.61 12.91 1.72
C ASP A 68 5.80 13.84 1.54
N LYS A 69 6.88 13.58 2.27
CA LYS A 69 8.09 14.35 2.08
C LYS A 69 8.83 13.80 0.90
N THR A 70 8.80 14.52 -0.17
CA THR A 70 9.47 14.11 -1.35
C THR A 70 10.85 14.74 -1.36
N SER A 1 -4.35 -16.06 -4.65
CA SER A 1 -5.59 -15.89 -5.37
C SER A 1 -5.45 -16.52 -6.75
N ASP A 2 -6.53 -17.11 -7.25
CA ASP A 2 -6.55 -17.73 -8.58
C ASP A 2 -6.91 -16.67 -9.61
N GLY A 3 -7.59 -15.65 -9.14
CA GLY A 3 -8.05 -14.60 -9.99
C GLY A 3 -9.49 -14.30 -9.68
N GLY A 4 -10.08 -13.38 -10.40
CA GLY A 4 -11.45 -13.00 -10.14
C GLY A 4 -11.53 -12.22 -8.87
N ALA A 5 -10.68 -11.23 -8.76
CA ALA A 5 -10.56 -10.46 -7.56
C ALA A 5 -11.62 -9.38 -7.45
N GLN A 6 -12.44 -9.50 -6.43
CA GLN A 6 -13.41 -8.49 -6.09
C GLN A 6 -12.73 -7.49 -5.18
N ASP A 7 -11.83 -7.99 -4.37
CA ASP A 7 -11.06 -7.18 -3.46
C ASP A 7 -9.87 -6.59 -4.22
N CYS A 8 -9.52 -5.38 -3.89
CA CYS A 8 -8.47 -4.66 -4.63
C CYS A 8 -7.09 -4.91 -4.10
N CYS A 9 -7.02 -5.60 -3.03
CA CYS A 9 -5.77 -5.80 -2.38
C CYS A 9 -5.15 -7.17 -2.75
N LEU A 10 -3.97 -7.12 -3.37
CA LEU A 10 -3.24 -8.29 -3.84
C LEU A 10 -2.44 -9.00 -2.72
N LYS A 11 -1.95 -8.24 -1.75
CA LYS A 11 -1.21 -8.79 -0.62
C LYS A 11 -1.66 -8.07 0.61
N TYR A 12 -1.88 -8.78 1.65
CA TYR A 12 -2.28 -8.15 2.87
C TYR A 12 -1.08 -8.05 3.75
N SER A 13 -0.90 -6.94 4.39
CA SER A 13 0.29 -6.77 5.14
C SER A 13 0.17 -7.40 6.53
N GLN A 14 0.75 -8.55 6.67
CA GLN A 14 0.74 -9.31 7.91
C GLN A 14 1.88 -8.91 8.81
N ARG A 15 2.87 -8.27 8.24
CA ARG A 15 4.00 -7.79 8.99
C ARG A 15 4.20 -6.31 8.77
N LYS A 16 5.08 -5.71 9.53
CA LYS A 16 5.29 -4.28 9.48
C LYS A 16 6.18 -3.89 8.31
N ILE A 17 5.76 -2.88 7.60
CA ILE A 17 6.51 -2.37 6.48
C ILE A 17 7.01 -1.00 6.87
N PRO A 18 8.31 -0.79 6.91
CA PRO A 18 8.85 0.53 7.16
C PRO A 18 8.92 1.36 5.87
N ALA A 19 8.69 2.66 5.98
CA ALA A 19 8.71 3.56 4.81
C ALA A 19 10.07 3.60 4.13
N LYS A 20 11.13 3.32 4.86
CA LYS A 20 12.45 3.36 4.27
C LYS A 20 12.73 2.21 3.30
N VAL A 21 11.91 1.15 3.35
CA VAL A 21 12.12 0.03 2.43
C VAL A 21 11.29 0.22 1.17
N VAL A 22 10.47 1.25 1.15
CA VAL A 22 9.68 1.55 0.01
C VAL A 22 10.13 2.90 -0.54
N ARG A 23 9.68 3.23 -1.71
CA ARG A 23 10.05 4.49 -2.31
C ARG A 23 8.94 5.51 -2.23
N SER A 24 7.71 5.05 -2.26
CA SER A 24 6.56 5.92 -2.20
C SER A 24 5.32 5.08 -1.96
N TYR A 25 4.17 5.73 -1.94
CA TYR A 25 2.92 5.05 -1.76
C TYR A 25 1.94 5.54 -2.80
N ARG A 26 0.89 4.82 -2.95
CA ARG A 26 -0.14 5.17 -3.87
C ARG A 26 -1.49 4.99 -3.21
N LYS A 27 -2.36 5.96 -3.34
CA LYS A 27 -3.65 5.86 -2.74
C LYS A 27 -4.63 5.17 -3.62
N GLN A 28 -5.23 4.17 -3.06
CA GLN A 28 -6.27 3.46 -3.72
C GLN A 28 -7.55 4.01 -3.19
N GLU A 29 -8.25 4.69 -4.02
CA GLU A 29 -9.45 5.34 -3.65
C GLU A 29 -10.64 4.44 -3.94
N PRO A 30 -11.49 4.18 -2.93
CA PRO A 30 -12.62 3.24 -3.03
C PRO A 30 -13.63 3.60 -4.13
N SER A 31 -13.61 4.83 -4.55
CA SER A 31 -14.49 5.35 -5.56
C SER A 31 -14.17 4.75 -6.95
N LEU A 32 -12.96 4.24 -7.12
CA LEU A 32 -12.56 3.60 -8.36
C LEU A 32 -13.35 2.31 -8.52
N GLY A 33 -13.46 1.58 -7.44
CA GLY A 33 -14.20 0.35 -7.44
C GLY A 33 -13.73 -0.57 -6.35
N CYS A 34 -13.48 -0.01 -5.18
CA CYS A 34 -13.00 -0.80 -4.07
C CYS A 34 -13.90 -0.59 -2.88
N SER A 35 -14.05 -1.60 -2.06
CA SER A 35 -14.89 -1.49 -0.89
C SER A 35 -14.15 -0.75 0.22
N ILE A 36 -12.85 -0.92 0.27
CA ILE A 36 -12.04 -0.26 1.27
C ILE A 36 -10.90 0.50 0.61
N PRO A 37 -10.50 1.63 1.21
CA PRO A 37 -9.34 2.39 0.73
C PRO A 37 -8.06 1.66 1.06
N ALA A 38 -7.07 1.88 0.27
CA ALA A 38 -5.81 1.23 0.49
C ALA A 38 -4.64 2.14 0.16
N ILE A 39 -3.55 1.91 0.85
CA ILE A 39 -2.29 2.58 0.58
C ILE A 39 -1.35 1.56 0.02
N LEU A 40 -1.01 1.72 -1.20
CA LEU A 40 -0.13 0.80 -1.85
C LEU A 40 1.28 1.21 -1.67
N PHE A 41 2.08 0.28 -1.28
CA PHE A 41 3.46 0.50 -1.05
C PHE A 41 4.25 0.13 -2.28
N LEU A 42 4.95 1.10 -2.80
CA LEU A 42 5.86 0.87 -3.89
C LEU A 42 7.21 0.60 -3.30
N PRO A 43 7.69 -0.65 -3.38
CA PRO A 43 8.97 -1.03 -2.80
C PRO A 43 10.14 -0.29 -3.42
N ARG A 44 11.25 -0.29 -2.73
CA ARG A 44 12.43 0.36 -3.20
C ARG A 44 12.95 -0.35 -4.44
N LYS A 45 12.74 -1.65 -4.50
CA LYS A 45 13.10 -2.41 -5.67
C LYS A 45 11.88 -2.66 -6.49
N ARG A 46 11.92 -2.28 -7.73
CA ARG A 46 10.80 -2.52 -8.58
C ARG A 46 10.96 -3.85 -9.26
N SER A 47 10.71 -4.86 -8.51
CA SER A 47 10.74 -6.23 -8.96
C SER A 47 9.51 -6.91 -8.40
N GLN A 48 8.62 -6.09 -7.88
CA GLN A 48 7.42 -6.52 -7.23
C GLN A 48 6.30 -5.61 -7.68
N ALA A 49 5.10 -5.93 -7.31
CA ALA A 49 3.94 -5.14 -7.66
C ALA A 49 3.78 -4.01 -6.64
N GLU A 50 2.63 -3.39 -6.66
CA GLU A 50 2.29 -2.37 -5.70
C GLU A 50 1.57 -3.06 -4.56
N LEU A 51 2.13 -3.05 -3.37
CA LEU A 51 1.56 -3.81 -2.27
C LEU A 51 0.63 -2.97 -1.44
N CYS A 52 -0.62 -3.30 -1.50
CA CYS A 52 -1.65 -2.63 -0.79
C CYS A 52 -1.56 -2.87 0.73
N ALA A 53 -1.89 -1.84 1.47
CA ALA A 53 -1.91 -1.89 2.90
C ALA A 53 -3.09 -1.09 3.39
N ASP A 54 -3.61 -1.45 4.54
CA ASP A 54 -4.76 -0.77 5.12
C ASP A 54 -4.32 0.47 5.85
N PRO A 55 -4.67 1.67 5.35
CA PRO A 55 -4.26 2.93 5.98
C PRO A 55 -5.01 3.19 7.27
N LYS A 56 -5.99 2.36 7.53
CA LYS A 56 -6.73 2.40 8.77
C LYS A 56 -5.85 2.03 9.96
N GLU A 57 -4.70 1.42 9.68
CA GLU A 57 -3.74 1.11 10.71
C GLU A 57 -2.80 2.30 10.87
N LEU A 58 -2.28 2.48 12.05
CA LEU A 58 -1.49 3.64 12.35
C LEU A 58 -0.15 3.65 11.63
N TRP A 59 0.49 2.51 11.54
CA TRP A 59 1.82 2.43 10.94
C TRP A 59 1.83 2.87 9.47
N VAL A 60 0.73 2.63 8.78
CA VAL A 60 0.61 3.03 7.38
C VAL A 60 0.56 4.57 7.27
N GLN A 61 -0.10 5.18 8.23
CA GLN A 61 -0.24 6.62 8.31
C GLN A 61 1.12 7.24 8.59
N GLN A 62 1.92 6.54 9.38
CA GLN A 62 3.26 7.00 9.70
C GLN A 62 4.14 6.94 8.47
N LEU A 63 3.86 5.98 7.58
CA LEU A 63 4.64 5.82 6.38
C LEU A 63 4.35 6.89 5.39
N MET A 64 3.06 7.05 5.05
CA MET A 64 2.63 8.01 4.05
C MET A 64 3.17 9.42 4.31
N GLN A 65 3.08 9.89 5.55
CA GLN A 65 3.58 11.22 5.88
C GLN A 65 5.09 11.30 5.68
N HIS A 66 5.76 10.25 6.08
CA HIS A 66 7.21 10.16 6.01
C HIS A 66 7.68 10.05 4.55
N LEU A 67 6.84 9.47 3.72
CA LEU A 67 7.13 9.29 2.29
C LEU A 67 6.95 10.55 1.52
N ASP A 68 6.09 11.39 2.01
CA ASP A 68 5.93 12.70 1.41
C ASP A 68 7.20 13.51 1.57
N LYS A 69 7.96 13.20 2.61
CA LYS A 69 9.23 13.85 2.83
C LYS A 69 10.26 13.09 2.03
N THR A 70 10.81 13.73 1.05
CA THR A 70 11.76 13.11 0.20
C THR A 70 13.09 13.87 0.27
N SER A 1 -8.71 -15.58 4.96
CA SER A 1 -7.66 -16.56 4.85
C SER A 1 -6.29 -15.88 4.84
N ASP A 2 -6.02 -15.09 3.82
CA ASP A 2 -4.75 -14.37 3.70
C ASP A 2 -4.93 -13.16 2.85
N GLY A 3 -5.48 -13.38 1.70
CA GLY A 3 -5.68 -12.35 0.74
C GLY A 3 -5.04 -12.76 -0.55
N GLY A 4 -5.84 -13.23 -1.46
CA GLY A 4 -5.33 -13.68 -2.73
C GLY A 4 -6.24 -13.28 -3.86
N ALA A 5 -6.30 -12.01 -4.11
CA ALA A 5 -7.13 -11.47 -5.17
C ALA A 5 -6.37 -10.33 -5.82
N GLN A 6 -6.94 -9.70 -6.82
CA GLN A 6 -6.30 -8.53 -7.39
C GLN A 6 -7.24 -7.35 -7.41
N ASP A 7 -8.49 -7.58 -7.06
CA ASP A 7 -9.46 -6.51 -6.98
C ASP A 7 -9.13 -5.62 -5.80
N CYS A 8 -8.86 -4.37 -6.09
CA CYS A 8 -8.46 -3.36 -5.12
C CYS A 8 -7.19 -3.75 -4.38
N CYS A 9 -7.36 -4.42 -3.31
CA CYS A 9 -6.30 -4.83 -2.46
C CYS A 9 -5.91 -6.24 -2.83
N LEU A 10 -4.70 -6.40 -3.31
CA LEU A 10 -4.24 -7.69 -3.79
C LEU A 10 -3.82 -8.60 -2.63
N LYS A 11 -2.96 -8.10 -1.80
CA LYS A 11 -2.41 -8.83 -0.69
C LYS A 11 -2.38 -7.88 0.49
N TYR A 12 -2.54 -8.41 1.66
CA TYR A 12 -2.48 -7.62 2.87
C TYR A 12 -1.15 -7.82 3.54
N SER A 13 -0.59 -6.75 4.04
CA SER A 13 0.69 -6.83 4.68
C SER A 13 0.52 -7.18 6.15
N GLN A 14 1.02 -8.35 6.55
CA GLN A 14 0.98 -8.73 7.96
C GLN A 14 2.30 -8.36 8.61
N ARG A 15 3.28 -8.06 7.79
CA ARG A 15 4.58 -7.68 8.25
C ARG A 15 4.63 -6.19 8.37
N LYS A 16 5.53 -5.71 9.17
CA LYS A 16 5.67 -4.31 9.36
C LYS A 16 6.70 -3.78 8.40
N ILE A 17 6.29 -2.89 7.55
CA ILE A 17 7.14 -2.37 6.53
C ILE A 17 7.47 -0.92 6.81
N PRO A 18 8.76 -0.61 7.04
CA PRO A 18 9.21 0.74 7.26
C PRO A 18 9.33 1.52 5.94
N ALA A 19 9.09 2.83 6.01
CA ALA A 19 9.25 3.72 4.84
C ALA A 19 10.63 3.60 4.18
N LYS A 20 11.62 3.13 4.95
CA LYS A 20 12.98 2.97 4.48
C LYS A 20 13.10 1.95 3.37
N VAL A 21 12.31 0.91 3.45
CA VAL A 21 12.39 -0.17 2.46
C VAL A 21 11.46 0.07 1.28
N VAL A 22 10.69 1.14 1.36
CA VAL A 22 9.84 1.49 0.27
C VAL A 22 10.30 2.84 -0.27
N ARG A 23 9.71 3.26 -1.34
CA ARG A 23 10.03 4.50 -1.90
C ARG A 23 8.96 5.50 -1.58
N SER A 24 7.75 5.15 -1.91
CA SER A 24 6.61 5.99 -1.70
C SER A 24 5.41 5.06 -1.65
N TYR A 25 4.24 5.61 -1.73
CA TYR A 25 3.05 4.82 -1.69
C TYR A 25 2.15 5.23 -2.85
N ARG A 26 1.12 4.48 -3.07
CA ARG A 26 0.23 4.70 -4.15
C ARG A 26 -1.16 4.51 -3.59
N LYS A 27 -1.98 5.50 -3.71
CA LYS A 27 -3.27 5.43 -3.10
C LYS A 27 -4.28 4.77 -3.98
N GLN A 28 -5.09 4.00 -3.36
CA GLN A 28 -6.18 3.35 -4.00
C GLN A 28 -7.41 4.15 -3.74
N GLU A 29 -7.97 4.70 -4.77
CA GLU A 29 -9.19 5.40 -4.62
C GLU A 29 -10.32 4.40 -4.71
N PRO A 30 -11.32 4.48 -3.84
CA PRO A 30 -12.43 3.52 -3.79
C PRO A 30 -13.36 3.60 -5.02
N SER A 31 -13.02 4.51 -5.91
CA SER A 31 -13.75 4.78 -7.12
C SER A 31 -13.64 3.60 -8.11
N LEU A 32 -12.65 2.75 -7.89
CA LEU A 32 -12.45 1.56 -8.72
C LEU A 32 -13.37 0.42 -8.28
N GLY A 33 -14.25 0.71 -7.34
CA GLY A 33 -15.16 -0.28 -6.85
C GLY A 33 -14.68 -0.89 -5.58
N CYS A 34 -14.11 -0.06 -4.72
CA CYS A 34 -13.58 -0.57 -3.47
C CYS A 34 -14.42 -0.01 -2.35
N SER A 35 -14.52 -0.74 -1.27
CA SER A 35 -15.29 -0.31 -0.15
C SER A 35 -14.51 0.74 0.66
N ILE A 36 -13.21 0.52 0.79
CA ILE A 36 -12.35 1.42 1.53
C ILE A 36 -11.16 1.82 0.68
N PRO A 37 -10.61 3.02 0.88
CA PRO A 37 -9.36 3.42 0.23
C PRO A 37 -8.20 2.67 0.86
N ALA A 38 -7.26 2.34 0.05
CA ALA A 38 -6.12 1.52 0.49
C ALA A 38 -4.81 2.18 0.17
N ILE A 39 -3.75 1.70 0.80
CA ILE A 39 -2.42 2.20 0.59
C ILE A 39 -1.55 1.14 -0.03
N LEU A 40 -1.15 1.39 -1.23
CA LEU A 40 -0.23 0.54 -1.92
C LEU A 40 1.16 1.02 -1.64
N PHE A 41 2.03 0.12 -1.33
CA PHE A 41 3.40 0.43 -1.09
C PHE A 41 4.20 0.23 -2.34
N LEU A 42 5.01 1.22 -2.63
CA LEU A 42 5.94 1.14 -3.72
C LEU A 42 7.29 0.80 -3.09
N PRO A 43 7.66 -0.49 -3.09
CA PRO A 43 8.85 -0.96 -2.40
C PRO A 43 10.13 -0.68 -3.17
N ARG A 44 11.24 -0.75 -2.49
CA ARG A 44 12.52 -0.63 -3.13
C ARG A 44 12.75 -1.92 -3.93
N LYS A 45 12.21 -3.02 -3.40
CA LYS A 45 12.21 -4.31 -4.02
C LYS A 45 11.34 -4.24 -5.29
N ARG A 46 11.63 -5.06 -6.24
CA ARG A 46 10.82 -5.11 -7.43
C ARG A 46 10.57 -6.57 -7.77
N SER A 47 9.61 -7.14 -7.10
CA SER A 47 9.27 -8.53 -7.29
C SER A 47 7.78 -8.67 -7.54
N GLN A 48 6.99 -8.17 -6.63
CA GLN A 48 5.57 -8.23 -6.75
C GLN A 48 5.09 -6.88 -7.23
N ALA A 49 3.82 -6.78 -7.51
CA ALA A 49 3.24 -5.50 -7.88
C ALA A 49 3.15 -4.62 -6.63
N GLU A 50 2.53 -3.47 -6.75
CA GLU A 50 2.35 -2.57 -5.63
C GLU A 50 1.65 -3.33 -4.49
N LEU A 51 2.19 -3.27 -3.30
CA LEU A 51 1.65 -4.05 -2.21
C LEU A 51 0.65 -3.25 -1.40
N CYS A 52 -0.51 -3.78 -1.27
CA CYS A 52 -1.56 -3.17 -0.50
C CYS A 52 -1.31 -3.31 0.98
N ALA A 53 -1.67 -2.29 1.70
CA ALA A 53 -1.60 -2.24 3.09
C ALA A 53 -2.80 -1.47 3.57
N ASP A 54 -3.33 -1.81 4.70
CA ASP A 54 -4.47 -1.12 5.20
C ASP A 54 -4.02 0.07 6.03
N PRO A 55 -4.44 1.28 5.63
CA PRO A 55 -4.01 2.52 6.31
C PRO A 55 -4.71 2.75 7.63
N LYS A 56 -5.42 1.75 8.06
CA LYS A 56 -6.07 1.74 9.34
C LYS A 56 -5.02 1.58 10.45
N GLU A 57 -3.89 1.01 10.08
CA GLU A 57 -2.78 0.85 10.97
C GLU A 57 -1.99 2.12 11.07
N LEU A 58 -1.49 2.38 12.25
CA LEU A 58 -0.76 3.57 12.53
C LEU A 58 0.56 3.58 11.79
N TRP A 59 1.18 2.41 11.65
CA TRP A 59 2.45 2.32 10.96
C TRP A 59 2.30 2.75 9.48
N VAL A 60 1.18 2.37 8.87
CA VAL A 60 0.90 2.77 7.49
C VAL A 60 0.66 4.27 7.42
N GLN A 61 -0.07 4.79 8.42
CA GLN A 61 -0.34 6.20 8.50
C GLN A 61 0.97 6.97 8.62
N GLN A 62 1.85 6.51 9.51
CA GLN A 62 3.16 7.12 9.71
C GLN A 62 3.97 7.09 8.41
N LEU A 63 3.78 6.04 7.61
CA LEU A 63 4.51 5.95 6.36
C LEU A 63 4.02 6.99 5.40
N MET A 64 2.69 7.01 5.14
CA MET A 64 2.14 7.96 4.17
C MET A 64 2.48 9.40 4.54
N GLN A 65 2.43 9.72 5.83
CA GLN A 65 2.77 11.05 6.33
C GLN A 65 4.22 11.40 5.98
N HIS A 66 5.11 10.46 6.23
CA HIS A 66 6.52 10.68 6.01
C HIS A 66 6.85 10.65 4.51
N LEU A 67 6.09 9.88 3.76
CA LEU A 67 6.27 9.75 2.30
C LEU A 67 5.74 10.96 1.58
N ASP A 68 4.77 11.61 2.15
CA ASP A 68 4.27 12.90 1.60
C ASP A 68 5.39 13.93 1.58
N LYS A 69 6.34 13.76 2.46
CA LYS A 69 7.41 14.67 2.59
C LYS A 69 8.51 14.34 1.60
N THR A 70 8.79 15.28 0.80
CA THR A 70 9.82 15.19 -0.19
C THR A 70 10.83 16.32 -0.01
N SER A 1 3.99 -14.60 -10.65
CA SER A 1 2.93 -15.14 -11.48
C SER A 1 1.73 -14.20 -11.40
N ASP A 2 1.09 -14.16 -10.26
CA ASP A 2 -0.03 -13.28 -10.03
C ASP A 2 0.12 -12.70 -8.66
N GLY A 3 -0.72 -11.78 -8.31
CA GLY A 3 -0.56 -11.11 -7.05
C GLY A 3 0.17 -9.83 -7.24
N GLY A 4 -0.29 -9.07 -8.19
CA GLY A 4 0.30 -7.82 -8.52
C GLY A 4 -0.55 -7.11 -9.51
N ALA A 5 -0.94 -5.89 -9.16
CA ALA A 5 -1.79 -5.02 -10.01
C ALA A 5 -3.20 -5.58 -10.19
N GLN A 6 -4.11 -5.07 -9.40
CA GLN A 6 -5.50 -5.46 -9.44
C GLN A 6 -6.30 -4.41 -8.72
N ASP A 7 -7.60 -4.50 -8.80
CA ASP A 7 -8.47 -3.59 -8.09
C ASP A 7 -8.41 -3.86 -6.61
N CYS A 8 -8.48 -2.79 -5.83
CA CYS A 8 -8.43 -2.86 -4.38
C CYS A 8 -7.09 -3.43 -3.91
N CYS A 9 -7.08 -4.05 -2.76
CA CYS A 9 -5.89 -4.59 -2.21
C CYS A 9 -5.65 -6.03 -2.74
N LEU A 10 -4.43 -6.26 -3.19
CA LEU A 10 -3.96 -7.53 -3.70
C LEU A 10 -3.58 -8.47 -2.56
N LYS A 11 -2.81 -7.96 -1.62
CA LYS A 11 -2.37 -8.75 -0.49
C LYS A 11 -2.37 -7.93 0.75
N TYR A 12 -2.83 -8.49 1.81
CA TYR A 12 -2.89 -7.76 3.03
C TYR A 12 -1.60 -7.92 3.78
N SER A 13 -1.13 -6.87 4.34
CA SER A 13 0.12 -6.88 5.00
C SER A 13 0.03 -7.40 6.41
N GLN A 14 0.40 -8.67 6.54
CA GLN A 14 0.44 -9.35 7.81
C GLN A 14 1.70 -8.92 8.52
N ARG A 15 2.64 -8.50 7.72
CA ARG A 15 3.90 -8.00 8.17
C ARG A 15 3.85 -6.51 8.09
N LYS A 16 4.64 -5.86 8.88
CA LYS A 16 4.61 -4.43 8.93
C LYS A 16 5.88 -3.88 8.27
N ILE A 17 5.70 -2.89 7.41
CA ILE A 17 6.77 -2.37 6.59
C ILE A 17 7.14 -0.93 7.01
N PRO A 18 8.43 -0.65 7.28
CA PRO A 18 8.89 0.69 7.59
C PRO A 18 9.14 1.53 6.31
N ALA A 19 8.87 2.82 6.39
CA ALA A 19 9.04 3.76 5.25
C ALA A 19 10.44 3.73 4.63
N LYS A 20 11.45 3.43 5.42
CA LYS A 20 12.80 3.45 4.93
C LYS A 20 13.11 2.33 3.91
N VAL A 21 12.27 1.30 3.87
CA VAL A 21 12.50 0.22 2.92
C VAL A 21 11.65 0.40 1.66
N VAL A 22 10.82 1.44 1.66
CA VAL A 22 10.03 1.73 0.51
C VAL A 22 10.47 3.06 -0.09
N ARG A 23 10.02 3.32 -1.26
CA ARG A 23 10.33 4.50 -1.96
C ARG A 23 9.24 5.54 -1.78
N SER A 24 8.02 5.14 -2.06
CA SER A 24 6.86 5.99 -1.96
C SER A 24 5.64 5.11 -1.89
N TYR A 25 4.47 5.69 -1.93
CA TYR A 25 3.26 4.92 -1.92
C TYR A 25 2.45 5.23 -3.17
N ARG A 26 1.40 4.50 -3.36
CA ARG A 26 0.59 4.62 -4.51
C ARG A 26 -0.84 4.66 -4.03
N LYS A 27 -1.57 5.61 -4.54
CA LYS A 27 -2.89 5.93 -4.04
C LYS A 27 -3.94 5.07 -4.66
N GLN A 28 -4.89 4.72 -3.86
CA GLN A 28 -6.03 4.01 -4.32
C GLN A 28 -7.25 4.61 -3.71
N GLU A 29 -8.03 5.23 -4.53
CA GLU A 29 -9.25 5.86 -4.11
C GLU A 29 -10.36 4.85 -4.25
N PRO A 30 -10.98 4.45 -3.13
CA PRO A 30 -12.03 3.46 -3.14
C PRO A 30 -13.35 4.03 -3.67
N SER A 31 -13.43 4.16 -4.98
CA SER A 31 -14.59 4.71 -5.61
C SER A 31 -15.28 3.69 -6.53
N LEU A 32 -14.50 3.02 -7.37
CA LEU A 32 -15.04 2.06 -8.33
C LEU A 32 -15.08 0.66 -7.76
N GLY A 33 -13.97 0.24 -7.21
CA GLY A 33 -13.83 -1.12 -6.75
C GLY A 33 -14.40 -1.37 -5.38
N CYS A 34 -13.65 -1.04 -4.38
CA CYS A 34 -14.05 -1.33 -3.03
C CYS A 34 -14.46 -0.08 -2.30
N SER A 35 -15.04 -0.26 -1.14
CA SER A 35 -15.41 0.84 -0.29
C SER A 35 -14.26 1.16 0.66
N ILE A 36 -13.31 0.26 0.75
CA ILE A 36 -12.17 0.45 1.63
C ILE A 36 -10.91 0.76 0.80
N PRO A 37 -10.14 1.77 1.24
CA PRO A 37 -8.90 2.18 0.58
C PRO A 37 -7.75 1.24 0.85
N ALA A 38 -6.78 1.33 0.00
CA ALA A 38 -5.60 0.54 0.11
C ALA A 38 -4.39 1.39 -0.22
N ILE A 39 -3.40 1.38 0.64
CA ILE A 39 -2.17 2.10 0.38
C ILE A 39 -1.17 1.15 -0.20
N LEU A 40 -0.83 1.37 -1.42
CA LEU A 40 0.11 0.54 -2.07
C LEU A 40 1.51 1.05 -1.88
N PHE A 41 2.37 0.16 -1.54
CA PHE A 41 3.74 0.44 -1.27
C PHE A 41 4.60 0.20 -2.47
N LEU A 42 5.45 1.16 -2.76
CA LEU A 42 6.47 1.03 -3.76
C LEU A 42 7.76 0.72 -3.03
N PRO A 43 8.16 -0.55 -2.97
CA PRO A 43 9.35 -0.95 -2.21
C PRO A 43 10.65 -0.55 -2.90
N ARG A 44 11.75 -0.82 -2.24
CA ARG A 44 13.06 -0.60 -2.82
C ARG A 44 13.27 -1.64 -3.91
N LYS A 45 12.80 -2.84 -3.62
CA LYS A 45 12.84 -3.94 -4.52
C LYS A 45 11.73 -3.78 -5.55
N ARG A 46 11.91 -4.38 -6.68
CA ARG A 46 10.86 -4.41 -7.67
C ARG A 46 10.92 -5.77 -8.34
N SER A 47 10.14 -6.67 -7.82
CA SER A 47 10.05 -7.99 -8.38
C SER A 47 8.62 -8.24 -8.84
N GLN A 48 7.72 -7.42 -8.35
CA GLN A 48 6.32 -7.53 -8.62
C GLN A 48 5.70 -6.15 -8.58
N ALA A 49 4.43 -6.07 -8.91
CA ALA A 49 3.70 -4.81 -8.89
C ALA A 49 3.52 -4.27 -7.46
N GLU A 50 2.76 -3.22 -7.35
CA GLU A 50 2.60 -2.48 -6.11
C GLU A 50 1.91 -3.32 -5.06
N LEU A 51 2.45 -3.35 -3.86
CA LEU A 51 1.88 -4.11 -2.76
C LEU A 51 1.02 -3.24 -1.88
N CYS A 52 -0.20 -3.60 -1.67
CA CYS A 52 -1.08 -2.83 -0.84
C CYS A 52 -0.91 -3.14 0.64
N ALA A 53 -1.39 -2.23 1.43
CA ALA A 53 -1.41 -2.32 2.85
C ALA A 53 -2.69 -1.65 3.33
N ASP A 54 -3.20 -2.09 4.45
CA ASP A 54 -4.41 -1.51 5.01
C ASP A 54 -4.05 -0.26 5.81
N PRO A 55 -4.48 0.92 5.33
CA PRO A 55 -4.08 2.21 5.90
C PRO A 55 -4.71 2.57 7.25
N LYS A 56 -5.58 1.73 7.74
CA LYS A 56 -6.23 1.95 9.03
C LYS A 56 -5.27 1.84 10.20
N GLU A 57 -4.14 1.20 9.99
CA GLU A 57 -3.15 1.09 11.04
C GLU A 57 -2.24 2.31 11.06
N LEU A 58 -1.78 2.66 12.26
CA LEU A 58 -0.96 3.82 12.48
C LEU A 58 0.33 3.79 11.67
N TRP A 59 0.94 2.61 11.53
CA TRP A 59 2.19 2.50 10.80
C TRP A 59 2.04 2.95 9.34
N VAL A 60 0.89 2.67 8.72
CA VAL A 60 0.67 3.07 7.34
C VAL A 60 0.46 4.57 7.28
N GLN A 61 -0.22 5.11 8.28
CA GLN A 61 -0.46 6.55 8.39
C GLN A 61 0.88 7.26 8.51
N GLN A 62 1.76 6.68 9.33
CA GLN A 62 3.11 7.18 9.50
C GLN A 62 3.89 7.13 8.20
N LEU A 63 3.66 6.08 7.41
CA LEU A 63 4.35 5.95 6.14
C LEU A 63 3.88 7.00 5.17
N MET A 64 2.56 7.10 4.99
CA MET A 64 1.95 8.11 4.10
C MET A 64 2.50 9.49 4.37
N GLN A 65 2.44 9.92 5.61
CA GLN A 65 2.91 11.25 5.99
C GLN A 65 4.42 11.42 5.72
N HIS A 66 5.21 10.40 6.03
CA HIS A 66 6.66 10.44 5.84
C HIS A 66 7.00 10.48 4.35
N LEU A 67 6.34 9.63 3.58
CA LEU A 67 6.58 9.49 2.15
C LEU A 67 6.04 10.67 1.39
N ASP A 68 5.05 11.30 1.97
CA ASP A 68 4.47 12.53 1.44
C ASP A 68 5.53 13.62 1.39
N LYS A 69 6.57 13.49 2.23
CA LYS A 69 7.68 14.41 2.17
C LYS A 69 8.70 13.85 1.21
N THR A 70 8.78 14.43 0.08
CA THR A 70 9.77 14.07 -0.86
C THR A 70 10.56 15.33 -1.22
N SER A 1 -10.42 -18.35 -9.88
CA SER A 1 -10.77 -18.06 -8.50
C SER A 1 -10.66 -16.57 -8.26
N ASP A 2 -10.93 -16.13 -7.02
CA ASP A 2 -10.75 -14.74 -6.56
C ASP A 2 -11.73 -13.77 -7.22
N GLY A 3 -11.51 -12.49 -7.01
CA GLY A 3 -12.39 -11.48 -7.56
C GLY A 3 -12.05 -11.16 -8.99
N GLY A 4 -12.89 -10.40 -9.65
CA GLY A 4 -12.69 -10.07 -11.04
C GLY A 4 -11.76 -8.87 -11.25
N ALA A 5 -12.15 -7.99 -12.15
CA ALA A 5 -11.31 -6.82 -12.53
C ALA A 5 -11.69 -5.60 -11.71
N GLN A 6 -12.43 -5.85 -10.67
CA GLN A 6 -12.89 -4.81 -9.75
C GLN A 6 -11.94 -4.80 -8.55
N ASP A 7 -10.74 -5.30 -8.80
CA ASP A 7 -9.74 -5.52 -7.79
C ASP A 7 -9.21 -4.26 -7.16
N CYS A 8 -8.97 -4.38 -5.90
CA CYS A 8 -8.35 -3.38 -5.10
C CYS A 8 -7.60 -4.13 -4.03
N CYS A 9 -6.43 -3.65 -3.70
CA CYS A 9 -5.53 -4.28 -2.76
C CYS A 9 -5.05 -5.64 -3.35
N LEU A 10 -3.85 -5.65 -3.90
CA LEU A 10 -3.35 -6.84 -4.62
C LEU A 10 -2.84 -7.92 -3.66
N LYS A 11 -2.40 -7.50 -2.52
CA LYS A 11 -1.91 -8.37 -1.53
C LYS A 11 -2.26 -7.73 -0.22
N TYR A 12 -2.74 -8.49 0.72
CA TYR A 12 -3.05 -7.92 2.01
C TYR A 12 -1.83 -8.02 2.88
N SER A 13 -1.54 -6.99 3.61
CA SER A 13 -0.37 -6.99 4.43
C SER A 13 -0.69 -6.92 5.91
N GLN A 14 -0.58 -8.06 6.58
CA GLN A 14 -0.70 -8.10 8.03
C GLN A 14 0.71 -8.02 8.63
N ARG A 15 1.66 -8.03 7.72
CA ARG A 15 3.06 -7.82 8.01
C ARG A 15 3.32 -6.33 8.19
N LYS A 16 4.42 -5.97 8.81
CA LYS A 16 4.70 -4.59 9.11
C LYS A 16 5.82 -4.07 8.21
N ILE A 17 5.55 -2.99 7.50
CA ILE A 17 6.52 -2.39 6.59
C ILE A 17 6.97 -1.01 7.12
N PRO A 18 8.27 -0.74 7.15
CA PRO A 18 8.80 0.59 7.46
C PRO A 18 8.98 1.45 6.19
N ALA A 19 8.83 2.76 6.34
CA ALA A 19 8.98 3.72 5.21
C ALA A 19 10.41 3.80 4.69
N LYS A 20 11.32 3.17 5.39
CA LYS A 20 12.72 3.12 5.00
C LYS A 20 12.90 2.22 3.80
N VAL A 21 12.14 1.14 3.78
CA VAL A 21 12.28 0.13 2.74
C VAL A 21 11.34 0.37 1.56
N VAL A 22 10.55 1.39 1.63
CA VAL A 22 9.69 1.75 0.55
C VAL A 22 10.07 3.11 -0.01
N ARG A 23 9.63 3.38 -1.21
CA ARG A 23 9.98 4.60 -1.89
C ARG A 23 8.86 5.59 -1.83
N SER A 24 7.71 5.18 -2.29
CA SER A 24 6.55 6.03 -2.35
C SER A 24 5.29 5.18 -2.24
N TYR A 25 4.15 5.82 -2.14
CA TYR A 25 2.89 5.11 -2.07
C TYR A 25 1.86 5.75 -2.99
N ARG A 26 0.72 5.12 -3.12
CA ARG A 26 -0.41 5.68 -3.84
C ARG A 26 -1.63 5.44 -3.02
N LYS A 27 -2.63 6.23 -3.25
CA LYS A 27 -3.89 6.00 -2.65
C LYS A 27 -4.72 5.19 -3.62
N GLN A 28 -5.14 4.02 -3.22
CA GLN A 28 -5.96 3.23 -4.07
C GLN A 28 -7.38 3.48 -3.66
N GLU A 29 -8.09 4.11 -4.54
CA GLU A 29 -9.43 4.53 -4.30
C GLU A 29 -10.44 3.37 -4.25
N PRO A 30 -11.42 3.44 -3.34
CA PRO A 30 -12.47 2.44 -3.22
C PRO A 30 -13.61 2.73 -4.23
N SER A 31 -13.45 3.80 -4.94
CA SER A 31 -14.42 4.32 -5.88
C SER A 31 -14.59 3.40 -7.09
N LEU A 32 -13.53 2.66 -7.41
CA LEU A 32 -13.56 1.70 -8.50
C LEU A 32 -14.66 0.66 -8.21
N GLY A 33 -14.79 0.29 -6.96
CA GLY A 33 -15.79 -0.67 -6.59
C GLY A 33 -15.41 -1.42 -5.35
N CYS A 34 -14.97 -0.71 -4.34
CA CYS A 34 -14.55 -1.33 -3.11
C CYS A 34 -15.06 -0.54 -1.91
N SER A 35 -15.02 -1.14 -0.75
CA SER A 35 -15.44 -0.47 0.45
C SER A 35 -14.27 0.25 1.11
N ILE A 36 -13.09 -0.31 1.02
CA ILE A 36 -11.93 0.29 1.67
C ILE A 36 -10.86 0.77 0.69
N PRO A 37 -10.21 1.90 1.01
CA PRO A 37 -9.07 2.41 0.26
C PRO A 37 -7.81 1.75 0.73
N ALA A 38 -6.85 1.74 -0.12
CA ALA A 38 -5.61 1.11 0.20
C ALA A 38 -4.43 2.03 -0.02
N ILE A 39 -3.37 1.76 0.66
CA ILE A 39 -2.11 2.43 0.46
C ILE A 39 -1.22 1.50 -0.32
N LEU A 40 -0.90 1.90 -1.48
CA LEU A 40 -0.14 1.10 -2.37
C LEU A 40 1.34 1.43 -2.17
N PHE A 41 2.12 0.47 -1.73
CA PHE A 41 3.53 0.68 -1.46
C PHE A 41 4.39 0.29 -2.64
N LEU A 42 5.30 1.17 -2.98
CA LEU A 42 6.34 0.88 -3.94
C LEU A 42 7.62 0.69 -3.15
N PRO A 43 8.18 -0.51 -3.14
CA PRO A 43 9.33 -0.82 -2.32
C PRO A 43 10.67 -0.40 -2.94
N ARG A 44 11.65 -0.23 -2.08
CA ARG A 44 13.01 0.03 -2.48
C ARG A 44 13.59 -1.27 -3.04
N LYS A 45 13.10 -2.37 -2.49
CA LYS A 45 13.50 -3.69 -2.84
C LYS A 45 13.17 -3.94 -4.30
N ARG A 46 14.00 -4.68 -4.96
CA ARG A 46 13.83 -4.97 -6.38
C ARG A 46 13.21 -6.34 -6.57
N SER A 47 13.22 -7.12 -5.53
CA SER A 47 12.65 -8.44 -5.58
C SER A 47 11.16 -8.42 -5.16
N GLN A 48 10.64 -7.25 -4.90
CA GLN A 48 9.25 -7.11 -4.52
C GLN A 48 8.50 -6.28 -5.54
N ALA A 49 7.26 -6.62 -5.73
CA ALA A 49 6.38 -5.91 -6.63
C ALA A 49 5.58 -4.91 -5.82
N GLU A 50 4.48 -4.45 -6.36
CA GLU A 50 3.60 -3.53 -5.66
C GLU A 50 2.97 -4.20 -4.42
N LEU A 51 2.83 -3.47 -3.34
CA LEU A 51 2.23 -4.02 -2.13
C LEU A 51 1.09 -3.16 -1.66
N CYS A 52 0.05 -3.78 -1.27
CA CYS A 52 -1.06 -3.08 -0.67
C CYS A 52 -0.93 -3.07 0.83
N ALA A 53 -1.37 -1.99 1.44
CA ALA A 53 -1.39 -1.84 2.86
C ALA A 53 -2.69 -1.19 3.26
N ASP A 54 -3.19 -1.57 4.42
CA ASP A 54 -4.40 -1.02 4.96
C ASP A 54 -4.06 0.20 5.83
N PRO A 55 -4.45 1.40 5.40
CA PRO A 55 -4.05 2.66 6.04
C PRO A 55 -4.75 2.98 7.35
N LYS A 56 -5.61 2.13 7.78
CA LYS A 56 -6.32 2.32 9.04
C LYS A 56 -5.40 2.15 10.25
N GLU A 57 -4.23 1.59 10.02
CA GLU A 57 -3.26 1.39 11.07
C GLU A 57 -2.31 2.58 11.13
N LEU A 58 -1.81 2.87 12.32
CA LEU A 58 -0.99 4.03 12.53
C LEU A 58 0.34 3.93 11.82
N TRP A 59 0.90 2.74 11.73
CA TRP A 59 2.20 2.58 11.08
C TRP A 59 2.15 3.01 9.61
N VAL A 60 1.02 2.74 8.95
CA VAL A 60 0.84 3.15 7.56
C VAL A 60 0.76 4.66 7.49
N GLN A 61 0.07 5.23 8.46
CA GLN A 61 -0.08 6.68 8.58
C GLN A 61 1.30 7.33 8.79
N GLN A 62 2.15 6.64 9.56
CA GLN A 62 3.50 7.10 9.82
C GLN A 62 4.34 7.01 8.55
N LEU A 63 4.06 6.03 7.71
CA LEU A 63 4.82 5.87 6.48
C LEU A 63 4.48 6.98 5.52
N MET A 64 3.17 7.24 5.39
CA MET A 64 2.65 8.33 4.54
C MET A 64 3.38 9.64 4.81
N GLN A 65 3.69 9.91 6.07
CA GLN A 65 4.39 11.12 6.46
C GLN A 65 5.79 11.20 5.85
N HIS A 66 6.52 10.11 5.92
CA HIS A 66 7.88 10.06 5.42
C HIS A 66 7.90 10.03 3.91
N LEU A 67 6.97 9.28 3.35
CA LEU A 67 6.89 9.06 1.91
C LEU A 67 6.31 10.25 1.20
N ASP A 68 5.55 11.04 1.95
CA ASP A 68 5.00 12.32 1.47
C ASP A 68 6.16 13.20 1.01
N LYS A 69 7.30 12.99 1.64
CA LYS A 69 8.50 13.67 1.33
C LYS A 69 9.37 12.79 0.45
N THR A 70 9.46 13.12 -0.79
CA THR A 70 10.26 12.36 -1.68
C THR A 70 11.67 12.96 -1.71
N SER A 1 5.41 -17.21 -7.57
CA SER A 1 5.90 -16.62 -6.33
C SER A 1 5.88 -15.09 -6.45
N ASP A 2 5.48 -14.42 -5.36
CA ASP A 2 5.40 -12.94 -5.27
C ASP A 2 4.46 -12.34 -6.30
N GLY A 3 3.25 -12.16 -5.89
CA GLY A 3 2.24 -11.61 -6.72
C GLY A 3 0.93 -11.66 -6.01
N GLY A 4 0.00 -12.41 -6.56
CA GLY A 4 -1.30 -12.55 -5.96
C GLY A 4 -2.10 -11.29 -6.06
N ALA A 5 -1.97 -10.61 -7.19
CA ALA A 5 -2.69 -9.38 -7.43
C ALA A 5 -4.17 -9.66 -7.59
N GLN A 6 -4.96 -8.96 -6.83
CA GLN A 6 -6.39 -9.13 -6.87
C GLN A 6 -7.05 -7.77 -6.99
N ASP A 7 -8.35 -7.76 -7.09
CA ASP A 7 -9.12 -6.53 -7.19
C ASP A 7 -9.08 -5.76 -5.89
N CYS A 8 -8.79 -4.47 -6.01
CA CYS A 8 -8.73 -3.51 -4.90
C CYS A 8 -7.55 -3.68 -3.99
N CYS A 9 -7.32 -4.86 -3.60
CA CYS A 9 -6.25 -5.15 -2.71
C CYS A 9 -5.75 -6.57 -2.97
N LEU A 10 -4.46 -6.78 -2.81
CA LEU A 10 -3.83 -8.06 -3.05
C LEU A 10 -3.18 -8.62 -1.80
N LYS A 11 -2.54 -7.75 -1.05
CA LYS A 11 -1.83 -8.14 0.14
C LYS A 11 -2.36 -7.36 1.30
N TYR A 12 -2.39 -7.97 2.43
CA TYR A 12 -2.80 -7.29 3.62
C TYR A 12 -1.65 -7.23 4.59
N SER A 13 -1.77 -6.34 5.53
CA SER A 13 -0.76 -6.09 6.52
C SER A 13 -0.48 -7.35 7.34
N GLN A 14 0.64 -7.98 7.09
CA GLN A 14 1.01 -9.15 7.85
C GLN A 14 1.83 -8.75 9.07
N ARG A 15 2.65 -7.72 8.88
CA ARG A 15 3.50 -7.16 9.93
C ARG A 15 3.72 -5.69 9.64
N LYS A 16 4.30 -5.01 10.58
CA LYS A 16 4.62 -3.63 10.41
C LYS A 16 5.83 -3.44 9.55
N ILE A 17 5.70 -2.64 8.55
CA ILE A 17 6.75 -2.40 7.60
C ILE A 17 7.21 -0.95 7.75
N PRO A 18 8.53 -0.71 7.81
CA PRO A 18 9.06 0.64 7.93
C PRO A 18 9.15 1.37 6.58
N ALA A 19 8.90 2.67 6.60
CA ALA A 19 8.97 3.52 5.40
C ALA A 19 10.33 3.48 4.73
N LYS A 20 11.38 3.20 5.49
CA LYS A 20 12.73 3.22 4.93
C LYS A 20 12.97 2.09 3.92
N VAL A 21 12.11 1.07 3.90
CA VAL A 21 12.30 -0.03 2.95
C VAL A 21 11.57 0.24 1.65
N VAL A 22 10.69 1.24 1.66
CA VAL A 22 9.99 1.61 0.47
C VAL A 22 10.44 3.00 0.07
N ARG A 23 9.98 3.48 -1.05
CA ARG A 23 10.36 4.75 -1.49
C ARG A 23 9.17 5.70 -1.50
N SER A 24 8.02 5.17 -1.83
CA SER A 24 6.82 5.96 -1.94
C SER A 24 5.62 5.04 -1.88
N TYR A 25 4.44 5.59 -1.92
CA TYR A 25 3.24 4.80 -1.95
C TYR A 25 2.37 5.27 -3.10
N ARG A 26 1.32 4.57 -3.32
CA ARG A 26 0.43 4.84 -4.39
C ARG A 26 -1.00 4.80 -3.85
N LYS A 27 -1.76 5.83 -4.17
CA LYS A 27 -3.13 5.99 -3.69
C LYS A 27 -4.11 5.27 -4.53
N GLN A 28 -5.09 4.75 -3.87
CA GLN A 28 -6.18 4.09 -4.53
C GLN A 28 -7.45 4.51 -3.85
N GLU A 29 -8.24 5.26 -4.54
CA GLU A 29 -9.48 5.73 -4.00
C GLU A 29 -10.54 4.65 -4.12
N PRO A 30 -11.40 4.49 -3.10
CA PRO A 30 -12.44 3.44 -3.10
C PRO A 30 -13.57 3.73 -4.12
N SER A 31 -13.42 4.82 -4.84
CA SER A 31 -14.37 5.28 -5.84
C SER A 31 -14.33 4.36 -7.07
N LEU A 32 -13.25 3.60 -7.20
CA LEU A 32 -13.09 2.62 -8.28
C LEU A 32 -13.92 1.36 -8.00
N GLY A 33 -14.66 1.39 -6.91
CA GLY A 33 -15.48 0.26 -6.56
C GLY A 33 -14.82 -0.59 -5.52
N CYS A 34 -14.30 0.05 -4.50
CA CYS A 34 -13.67 -0.68 -3.41
C CYS A 34 -14.29 -0.25 -2.11
N SER A 35 -14.34 -1.12 -1.15
CA SER A 35 -14.92 -0.80 0.14
C SER A 35 -13.94 0.03 0.95
N ILE A 36 -12.67 -0.30 0.86
CA ILE A 36 -11.65 0.43 1.58
C ILE A 36 -10.64 0.99 0.60
N PRO A 37 -10.01 2.12 0.94
CA PRO A 37 -8.91 2.65 0.16
C PRO A 37 -7.69 1.80 0.36
N ALA A 38 -6.89 1.73 -0.62
CA ALA A 38 -5.74 0.89 -0.56
C ALA A 38 -4.46 1.67 -0.72
N ILE A 39 -3.52 1.37 0.13
CA ILE A 39 -2.22 1.96 0.04
C ILE A 39 -1.27 0.98 -0.58
N LEU A 40 -0.82 1.32 -1.74
CA LEU A 40 0.09 0.49 -2.46
C LEU A 40 1.51 0.96 -2.16
N PHE A 41 2.38 0.04 -1.87
CA PHE A 41 3.76 0.36 -1.56
C PHE A 41 4.62 0.26 -2.79
N LEU A 42 5.43 1.29 -3.01
CA LEU A 42 6.34 1.34 -4.13
C LEU A 42 7.79 1.40 -3.65
N PRO A 43 8.55 0.31 -3.83
CA PRO A 43 9.94 0.24 -3.45
C PRO A 43 10.90 0.57 -4.61
N ARG A 44 12.17 0.65 -4.28
CA ARG A 44 13.24 0.84 -5.23
C ARG A 44 13.47 -0.43 -6.04
N LYS A 45 13.35 -1.57 -5.37
CA LYS A 45 13.61 -2.86 -5.95
C LYS A 45 12.68 -3.11 -7.15
N ARG A 46 11.39 -3.20 -6.87
CA ARG A 46 10.35 -3.48 -7.84
C ARG A 46 10.57 -4.83 -8.52
N SER A 47 10.15 -5.84 -7.86
CA SER A 47 10.22 -7.20 -8.36
C SER A 47 8.90 -7.87 -8.02
N GLN A 48 7.94 -7.01 -7.74
CA GLN A 48 6.62 -7.37 -7.34
C GLN A 48 5.67 -6.39 -8.00
N ALA A 49 4.41 -6.62 -7.85
CA ALA A 49 3.40 -5.70 -8.33
C ALA A 49 3.24 -4.59 -7.28
N GLU A 50 2.26 -3.74 -7.44
CA GLU A 50 1.97 -2.73 -6.43
C GLU A 50 1.42 -3.45 -5.20
N LEU A 51 2.05 -3.28 -4.04
CA LEU A 51 1.61 -4.03 -2.87
C LEU A 51 0.64 -3.24 -2.02
N CYS A 52 -0.54 -3.76 -1.88
CA CYS A 52 -1.57 -3.20 -1.02
C CYS A 52 -1.20 -3.39 0.45
N ALA A 53 -1.65 -2.47 1.27
CA ALA A 53 -1.45 -2.48 2.67
C ALA A 53 -2.69 -1.87 3.31
N ASP A 54 -2.97 -2.24 4.55
CA ASP A 54 -4.16 -1.73 5.27
C ASP A 54 -3.87 -0.38 5.86
N PRO A 55 -4.40 0.72 5.30
CA PRO A 55 -4.12 2.05 5.82
C PRO A 55 -4.82 2.30 7.15
N LYS A 56 -5.69 1.37 7.52
CA LYS A 56 -6.35 1.37 8.81
C LYS A 56 -5.35 1.14 9.95
N GLU A 57 -4.18 0.61 9.60
CA GLU A 57 -3.11 0.44 10.56
C GLU A 57 -2.38 1.74 10.74
N LEU A 58 -1.86 1.95 11.92
CA LEU A 58 -1.20 3.18 12.25
C LEU A 58 0.11 3.28 11.50
N TRP A 59 0.82 2.16 11.36
CA TRP A 59 2.11 2.15 10.70
C TRP A 59 2.02 2.63 9.24
N VAL A 60 0.93 2.30 8.56
CA VAL A 60 0.74 2.72 7.17
C VAL A 60 0.54 4.24 7.11
N GLN A 61 -0.15 4.77 8.10
CA GLN A 61 -0.38 6.19 8.20
C GLN A 61 0.93 6.92 8.45
N GLN A 62 1.76 6.32 9.28
CA GLN A 62 3.08 6.83 9.56
C GLN A 62 3.92 6.82 8.28
N LEU A 63 3.76 5.76 7.49
CA LEU A 63 4.50 5.65 6.24
C LEU A 63 4.07 6.72 5.28
N MET A 64 2.75 6.84 5.04
CA MET A 64 2.22 7.86 4.12
C MET A 64 2.78 9.24 4.42
N GLN A 65 2.73 9.62 5.68
CA GLN A 65 3.21 10.92 6.10
C GLN A 65 4.70 11.11 5.82
N HIS A 66 5.46 10.05 6.01
CA HIS A 66 6.89 10.12 5.76
C HIS A 66 7.19 10.12 4.26
N LEU A 67 6.35 9.43 3.51
CA LEU A 67 6.49 9.26 2.06
C LEU A 67 6.08 10.49 1.30
N ASP A 68 5.12 11.20 1.83
CA ASP A 68 4.70 12.49 1.23
C ASP A 68 5.84 13.48 1.27
N LYS A 69 6.73 13.27 2.19
CA LYS A 69 7.85 14.14 2.37
C LYS A 69 9.05 13.51 1.71
N THR A 70 9.94 14.33 1.20
CA THR A 70 11.11 13.83 0.53
C THR A 70 12.11 13.29 1.57
N SER A 1 -2.89 -11.44 -14.47
CA SER A 1 -3.62 -10.32 -15.01
C SER A 1 -2.72 -9.10 -15.13
N ASP A 2 -2.90 -8.36 -16.21
CA ASP A 2 -2.16 -7.14 -16.47
C ASP A 2 -2.92 -5.93 -15.97
N GLY A 3 -4.23 -6.01 -16.05
CA GLY A 3 -5.06 -4.92 -15.65
C GLY A 3 -6.46 -5.10 -16.18
N GLY A 4 -7.29 -4.12 -15.98
CA GLY A 4 -8.67 -4.26 -16.38
C GLY A 4 -9.45 -4.92 -15.29
N ALA A 5 -9.81 -4.12 -14.30
CA ALA A 5 -10.49 -4.54 -13.09
C ALA A 5 -9.56 -5.33 -12.18
N GLN A 6 -8.79 -4.60 -11.42
CA GLN A 6 -7.90 -5.17 -10.49
C GLN A 6 -8.60 -5.24 -9.15
N ASP A 7 -8.55 -6.41 -8.52
CA ASP A 7 -9.16 -6.57 -7.20
C ASP A 7 -8.49 -5.65 -6.23
N CYS A 8 -9.27 -4.84 -5.55
CA CYS A 8 -8.69 -3.92 -4.65
C CYS A 8 -8.12 -4.58 -3.43
N CYS A 9 -6.88 -4.20 -3.13
CA CYS A 9 -6.06 -4.79 -2.11
C CYS A 9 -5.72 -6.23 -2.50
N LEU A 10 -4.59 -6.39 -3.16
CA LEU A 10 -4.17 -7.65 -3.76
C LEU A 10 -3.60 -8.61 -2.72
N LYS A 11 -2.62 -8.15 -2.00
CA LYS A 11 -1.96 -8.90 -0.97
C LYS A 11 -1.85 -7.98 0.19
N TYR A 12 -1.97 -8.50 1.34
CA TYR A 12 -1.99 -7.69 2.52
C TYR A 12 -0.63 -7.71 3.15
N SER A 13 -0.18 -6.57 3.59
CA SER A 13 1.06 -6.50 4.31
C SER A 13 0.76 -6.88 5.75
N GLN A 14 1.05 -8.12 6.08
CA GLN A 14 0.78 -8.65 7.41
C GLN A 14 2.00 -8.54 8.29
N ARG A 15 3.09 -8.11 7.70
CA ARG A 15 4.30 -7.89 8.43
C ARG A 15 4.58 -6.40 8.52
N LYS A 16 5.29 -6.03 9.54
CA LYS A 16 5.64 -4.66 9.77
C LYS A 16 6.85 -4.31 8.92
N ILE A 17 6.66 -3.44 7.99
CA ILE A 17 7.70 -3.05 7.08
C ILE A 17 8.10 -1.59 7.36
N PRO A 18 9.39 -1.35 7.62
CA PRO A 18 9.90 -0.02 7.94
C PRO A 18 9.83 0.95 6.74
N ALA A 19 9.59 2.21 7.01
CA ALA A 19 9.37 3.21 5.99
C ALA A 19 10.62 3.58 5.18
N LYS A 20 11.79 3.31 5.70
CA LYS A 20 13.02 3.66 4.96
C LYS A 20 13.27 2.75 3.75
N VAL A 21 12.62 1.59 3.72
CA VAL A 21 12.82 0.65 2.62
C VAL A 21 11.80 0.87 1.51
N VAL A 22 10.92 1.82 1.72
CA VAL A 22 9.93 2.18 0.76
C VAL A 22 10.06 3.66 0.44
N ARG A 23 9.66 4.04 -0.73
CA ARG A 23 9.79 5.38 -1.17
C ARG A 23 8.47 6.00 -1.53
N SER A 24 7.60 5.23 -2.12
CA SER A 24 6.33 5.77 -2.53
C SER A 24 5.23 4.79 -2.25
N TYR A 25 4.05 5.30 -2.18
CA TYR A 25 2.89 4.50 -2.01
C TYR A 25 1.95 4.74 -3.16
N ARG A 26 0.98 3.90 -3.27
CA ARG A 26 0.03 3.92 -4.33
C ARG A 26 -1.33 3.91 -3.67
N LYS A 27 -2.09 4.95 -3.89
CA LYS A 27 -3.37 5.10 -3.26
C LYS A 27 -4.43 4.41 -4.05
N GLN A 28 -5.24 3.63 -3.39
CA GLN A 28 -6.32 2.98 -4.05
C GLN A 28 -7.63 3.61 -3.59
N GLU A 29 -8.29 4.26 -4.52
CA GLU A 29 -9.49 5.05 -4.26
C GLU A 29 -10.78 4.21 -4.31
N PRO A 30 -11.52 4.14 -3.18
CA PRO A 30 -12.76 3.35 -3.08
C PRO A 30 -13.87 3.84 -4.00
N SER A 31 -13.93 5.11 -4.22
CA SER A 31 -15.00 5.72 -5.02
C SER A 31 -14.90 5.38 -6.50
N LEU A 32 -13.77 4.86 -6.91
CA LEU A 32 -13.57 4.42 -8.28
C LEU A 32 -13.98 2.97 -8.47
N GLY A 33 -14.57 2.37 -7.45
CA GLY A 33 -15.09 1.03 -7.58
C GLY A 33 -14.56 0.04 -6.55
N CYS A 34 -14.36 0.49 -5.33
CA CYS A 34 -13.95 -0.42 -4.28
C CYS A 34 -14.68 -0.14 -2.98
N SER A 35 -14.72 -1.12 -2.12
CA SER A 35 -15.35 -1.01 -0.83
C SER A 35 -14.43 -0.30 0.19
N ILE A 36 -13.12 -0.51 0.08
CA ILE A 36 -12.19 0.02 1.06
C ILE A 36 -11.03 0.77 0.39
N PRO A 37 -10.47 1.75 1.09
CA PRO A 37 -9.26 2.43 0.64
C PRO A 37 -8.03 1.62 1.00
N ALA A 38 -7.06 1.67 0.16
CA ALA A 38 -5.85 0.93 0.40
C ALA A 38 -4.63 1.74 0.06
N ILE A 39 -3.56 1.48 0.77
CA ILE A 39 -2.27 2.08 0.51
C ILE A 39 -1.35 1.00 0.07
N LEU A 40 -0.94 1.08 -1.14
CA LEU A 40 -0.07 0.11 -1.68
C LEU A 40 1.36 0.61 -1.61
N PHE A 41 2.24 -0.26 -1.27
CA PHE A 41 3.62 0.06 -1.10
C PHE A 41 4.41 -0.19 -2.35
N LEU A 42 5.16 0.81 -2.72
CA LEU A 42 6.12 0.72 -3.78
C LEU A 42 7.49 0.90 -3.14
N PRO A 43 8.14 -0.21 -2.80
CA PRO A 43 9.39 -0.19 -2.07
C PRO A 43 10.57 0.25 -2.91
N ARG A 44 11.75 0.19 -2.31
CA ARG A 44 12.97 0.48 -3.00
C ARG A 44 13.21 -0.57 -4.10
N LYS A 45 12.61 -1.74 -3.94
CA LYS A 45 12.75 -2.78 -4.92
C LYS A 45 11.69 -2.65 -5.97
N ARG A 46 12.11 -2.40 -7.17
CA ARG A 46 11.21 -2.32 -8.31
C ARG A 46 10.93 -3.69 -8.87
N SER A 47 11.59 -4.69 -8.30
CA SER A 47 11.35 -6.05 -8.66
C SER A 47 10.03 -6.52 -8.03
N GLN A 48 9.57 -5.77 -7.05
CA GLN A 48 8.33 -6.07 -6.37
C GLN A 48 7.20 -5.30 -7.00
N ALA A 49 6.00 -5.78 -6.79
CA ALA A 49 4.81 -5.16 -7.31
C ALA A 49 4.30 -4.15 -6.30
N GLU A 50 3.08 -3.72 -6.47
CA GLU A 50 2.45 -2.83 -5.53
C GLU A 50 1.74 -3.65 -4.46
N LEU A 51 2.20 -3.56 -3.22
CA LEU A 51 1.64 -4.36 -2.13
C LEU A 51 0.64 -3.56 -1.31
N CYS A 52 -0.48 -4.13 -1.01
CA CYS A 52 -1.51 -3.44 -0.25
C CYS A 52 -1.23 -3.42 1.24
N ALA A 53 -1.58 -2.32 1.85
CA ALA A 53 -1.48 -2.11 3.25
C ALA A 53 -2.73 -1.36 3.69
N ASP A 54 -3.17 -1.62 4.89
CA ASP A 54 -4.38 -0.98 5.41
C ASP A 54 -4.05 0.38 6.01
N PRO A 55 -4.54 1.46 5.38
CA PRO A 55 -4.20 2.83 5.77
C PRO A 55 -4.90 3.31 7.02
N LYS A 56 -5.76 2.49 7.54
CA LYS A 56 -6.41 2.76 8.79
C LYS A 56 -5.40 2.62 9.94
N GLU A 57 -4.42 1.73 9.72
CA GLU A 57 -3.37 1.46 10.68
C GLU A 57 -2.42 2.63 10.79
N LEU A 58 -1.91 2.83 11.98
CA LEU A 58 -1.06 3.96 12.29
C LEU A 58 0.25 3.90 11.52
N TRP A 59 0.85 2.72 11.43
CA TRP A 59 2.13 2.58 10.75
C TRP A 59 2.04 2.96 9.26
N VAL A 60 0.90 2.65 8.65
CA VAL A 60 0.67 3.01 7.24
C VAL A 60 0.43 4.50 7.13
N GLN A 61 -0.21 5.08 8.15
CA GLN A 61 -0.39 6.51 8.19
C GLN A 61 0.95 7.20 8.31
N GLN A 62 1.81 6.68 9.18
CA GLN A 62 3.16 7.20 9.35
C GLN A 62 3.91 7.06 8.01
N LEU A 63 3.68 5.94 7.33
CA LEU A 63 4.25 5.67 6.03
C LEU A 63 3.84 6.69 5.00
N MET A 64 2.55 6.87 4.81
CA MET A 64 2.07 7.81 3.83
C MET A 64 2.52 9.24 4.13
N GLN A 65 2.67 9.57 5.41
CA GLN A 65 3.18 10.90 5.80
C GLN A 65 4.66 11.02 5.45
N HIS A 66 5.42 10.00 5.81
CA HIS A 66 6.86 9.95 5.55
C HIS A 66 7.14 9.94 4.05
N LEU A 67 6.35 9.20 3.33
CA LEU A 67 6.52 9.04 1.89
C LEU A 67 6.04 10.26 1.15
N ASP A 68 5.09 10.94 1.76
CA ASP A 68 4.56 12.23 1.27
C ASP A 68 5.69 13.26 1.21
N LYS A 69 6.69 13.05 2.03
CA LYS A 69 7.81 13.90 2.08
C LYS A 69 8.91 13.28 1.24
N THR A 70 9.61 14.09 0.55
CA THR A 70 10.67 13.63 -0.29
C THR A 70 11.98 14.23 0.22
N SER A 1 10.14 -12.43 -9.36
CA SER A 1 9.49 -11.17 -9.70
C SER A 1 8.31 -11.41 -10.63
N ASP A 2 7.11 -11.37 -10.10
CA ASP A 2 5.92 -11.63 -10.91
C ASP A 2 5.20 -10.35 -11.22
N GLY A 3 4.57 -9.79 -10.22
CA GLY A 3 3.83 -8.58 -10.41
C GLY A 3 2.40 -8.84 -10.82
N GLY A 4 1.72 -9.69 -10.09
CA GLY A 4 0.34 -9.97 -10.37
C GLY A 4 -0.57 -9.21 -9.43
N ALA A 5 -1.43 -8.39 -9.98
CA ALA A 5 -2.34 -7.59 -9.18
C ALA A 5 -3.70 -8.26 -9.09
N GLN A 6 -4.38 -8.05 -7.99
CA GLN A 6 -5.68 -8.61 -7.74
C GLN A 6 -6.63 -7.49 -7.35
N ASP A 7 -7.91 -7.80 -7.16
CA ASP A 7 -8.92 -6.76 -6.90
C ASP A 7 -8.70 -6.03 -5.60
N CYS A 8 -8.48 -4.72 -5.71
CA CYS A 8 -8.31 -3.77 -4.59
C CYS A 8 -7.09 -4.01 -3.70
N CYS A 9 -6.54 -5.15 -3.83
CA CYS A 9 -5.42 -5.56 -3.06
C CYS A 9 -4.91 -6.87 -3.65
N LEU A 10 -3.65 -7.15 -3.47
CA LEU A 10 -3.03 -8.34 -3.99
C LEU A 10 -2.36 -9.16 -2.89
N LYS A 11 -1.92 -8.51 -1.86
CA LYS A 11 -1.27 -9.16 -0.76
C LYS A 11 -1.65 -8.37 0.46
N TYR A 12 -2.00 -9.02 1.52
CA TYR A 12 -2.43 -8.31 2.70
C TYR A 12 -1.27 -8.02 3.61
N SER A 13 -1.44 -7.04 4.47
CA SER A 13 -0.42 -6.63 5.40
C SER A 13 -0.14 -7.77 6.39
N GLN A 14 0.96 -8.48 6.16
CA GLN A 14 1.32 -9.60 7.02
C GLN A 14 2.09 -9.08 8.24
N ARG A 15 2.73 -7.97 8.08
CA ARG A 15 3.51 -7.37 9.12
C ARG A 15 3.51 -5.87 8.91
N LYS A 16 4.28 -5.18 9.73
CA LYS A 16 4.50 -3.76 9.54
C LYS A 16 5.65 -3.57 8.57
N ILE A 17 5.48 -2.71 7.61
CA ILE A 17 6.51 -2.42 6.64
C ILE A 17 7.00 -1.01 6.89
N PRO A 18 8.28 -0.84 7.23
CA PRO A 18 8.84 0.48 7.52
C PRO A 18 9.05 1.32 6.25
N ALA A 19 8.84 2.63 6.37
CA ALA A 19 9.01 3.58 5.26
C ALA A 19 10.40 3.57 4.63
N LYS A 20 11.44 3.17 5.35
CA LYS A 20 12.77 3.17 4.75
C LYS A 20 12.97 2.06 3.72
N VAL A 21 12.11 1.05 3.73
CA VAL A 21 12.28 -0.05 2.80
C VAL A 21 11.41 0.14 1.56
N VAL A 22 10.61 1.18 1.59
CA VAL A 22 9.81 1.54 0.46
C VAL A 22 10.25 2.90 -0.04
N ARG A 23 9.83 3.27 -1.19
CA ARG A 23 10.20 4.51 -1.76
C ARG A 23 9.07 5.52 -1.62
N SER A 24 7.86 5.09 -1.90
CA SER A 24 6.71 5.94 -1.84
C SER A 24 5.47 5.07 -1.78
N TYR A 25 4.32 5.67 -1.93
CA TYR A 25 3.07 4.94 -1.92
C TYR A 25 2.17 5.41 -3.05
N ARG A 26 1.08 4.73 -3.21
CA ARG A 26 0.13 5.01 -4.26
C ARG A 26 -1.26 4.83 -3.66
N LYS A 27 -2.11 5.81 -3.84
CA LYS A 27 -3.44 5.81 -3.26
C LYS A 27 -4.42 5.09 -4.12
N GLN A 28 -5.34 4.41 -3.52
CA GLN A 28 -6.33 3.66 -4.25
C GLN A 28 -7.71 4.21 -3.95
N GLU A 29 -8.44 4.55 -5.01
CA GLU A 29 -9.77 5.13 -4.90
C GLU A 29 -10.79 4.09 -4.48
N PRO A 30 -11.42 4.26 -3.31
CA PRO A 30 -12.52 3.37 -2.88
C PRO A 30 -13.71 3.52 -3.82
N SER A 31 -13.82 4.71 -4.35
CA SER A 31 -14.85 5.11 -5.25
C SER A 31 -14.77 4.37 -6.58
N LEU A 32 -13.56 3.99 -6.95
CA LEU A 32 -13.33 3.23 -8.16
C LEU A 32 -14.09 1.93 -8.10
N GLY A 33 -13.97 1.24 -6.99
CA GLY A 33 -14.68 0.01 -6.82
C GLY A 33 -14.16 -0.79 -5.68
N CYS A 34 -13.85 -0.12 -4.59
CA CYS A 34 -13.32 -0.79 -3.43
C CYS A 34 -14.07 -0.36 -2.20
N SER A 35 -14.28 -1.28 -1.30
CA SER A 35 -15.03 -1.01 -0.10
C SER A 35 -14.24 -0.13 0.87
N ILE A 36 -12.95 -0.31 0.87
CA ILE A 36 -12.07 0.45 1.71
C ILE A 36 -10.90 0.98 0.89
N PRO A 37 -10.27 2.08 1.33
CA PRO A 37 -9.11 2.62 0.66
C PRO A 37 -7.91 1.74 0.93
N ALA A 38 -6.93 1.83 0.10
CA ALA A 38 -5.76 1.03 0.25
C ALA A 38 -4.53 1.86 -0.06
N ILE A 39 -3.50 1.65 0.69
CA ILE A 39 -2.24 2.29 0.45
C ILE A 39 -1.32 1.30 -0.22
N LEU A 40 -1.00 1.58 -1.42
CA LEU A 40 -0.09 0.76 -2.15
C LEU A 40 1.31 1.20 -1.86
N PHE A 41 2.14 0.31 -1.50
CA PHE A 41 3.50 0.61 -1.23
C PHE A 41 4.31 0.38 -2.45
N LEU A 42 5.10 1.36 -2.79
CA LEU A 42 6.03 1.24 -3.86
C LEU A 42 7.36 0.95 -3.21
N PRO A 43 7.81 -0.31 -3.26
CA PRO A 43 9.01 -0.73 -2.57
C PRO A 43 10.25 -0.12 -3.17
N ARG A 44 11.34 -0.25 -2.46
CA ARG A 44 12.57 0.22 -2.96
C ARG A 44 13.00 -0.66 -4.10
N LYS A 45 12.73 -1.95 -3.94
CA LYS A 45 13.01 -2.92 -4.88
C LYS A 45 11.80 -3.14 -5.74
N ARG A 46 11.89 -2.71 -6.93
CA ARG A 46 10.82 -2.88 -7.85
C ARG A 46 10.97 -4.18 -8.58
N SER A 47 10.54 -5.21 -7.93
CA SER A 47 10.59 -6.53 -8.48
C SER A 47 9.26 -7.24 -8.20
N GLN A 48 8.26 -6.45 -7.89
CA GLN A 48 6.95 -6.97 -7.62
C GLN A 48 5.95 -5.85 -7.84
N ALA A 49 4.68 -6.16 -7.78
CA ALA A 49 3.66 -5.16 -8.02
C ALA A 49 3.37 -4.36 -6.76
N GLU A 50 2.61 -3.28 -6.93
CA GLU A 50 2.21 -2.37 -5.85
C GLU A 50 1.58 -3.16 -4.68
N LEU A 51 2.14 -3.01 -3.48
CA LEU A 51 1.63 -3.77 -2.34
C LEU A 51 0.63 -2.98 -1.57
N CYS A 52 -0.55 -3.48 -1.51
CA CYS A 52 -1.60 -2.85 -0.74
C CYS A 52 -1.41 -3.07 0.75
N ALA A 53 -1.74 -2.08 1.51
CA ALA A 53 -1.63 -2.11 2.91
C ALA A 53 -2.85 -1.47 3.51
N ASP A 54 -3.19 -1.86 4.73
CA ASP A 54 -4.36 -1.31 5.41
C ASP A 54 -4.01 0.07 5.96
N PRO A 55 -4.58 1.12 5.40
CA PRO A 55 -4.22 2.48 5.76
C PRO A 55 -4.90 3.00 7.00
N LYS A 56 -5.79 2.23 7.55
CA LYS A 56 -6.46 2.58 8.78
C LYS A 56 -5.53 2.34 9.95
N GLU A 57 -4.57 1.47 9.73
CA GLU A 57 -3.57 1.16 10.72
C GLU A 57 -2.60 2.30 10.90
N LEU A 58 -2.11 2.44 12.12
CA LEU A 58 -1.24 3.53 12.52
C LEU A 58 0.03 3.57 11.69
N TRP A 59 0.67 2.43 11.54
CA TRP A 59 1.95 2.35 10.87
C TRP A 59 1.91 2.88 9.43
N VAL A 60 0.82 2.64 8.74
CA VAL A 60 0.67 3.12 7.36
C VAL A 60 0.48 4.64 7.36
N GLN A 61 -0.23 5.13 8.35
CA GLN A 61 -0.45 6.56 8.51
C GLN A 61 0.87 7.27 8.80
N GLN A 62 1.74 6.57 9.51
CA GLN A 62 3.06 7.07 9.82
C GLN A 62 3.93 7.09 8.55
N LEU A 63 3.73 6.09 7.68
CA LEU A 63 4.52 5.97 6.47
C LEU A 63 4.20 7.07 5.48
N MET A 64 2.89 7.35 5.27
CA MET A 64 2.46 8.39 4.33
C MET A 64 3.18 9.73 4.52
N GLN A 65 3.41 10.12 5.76
CA GLN A 65 4.09 11.39 6.04
C GLN A 65 5.54 11.40 5.54
N HIS A 66 6.22 10.27 5.69
CA HIS A 66 7.62 10.14 5.26
C HIS A 66 7.70 10.03 3.75
N LEU A 67 6.77 9.29 3.20
CA LEU A 67 6.72 8.98 1.78
C LEU A 67 6.25 10.14 0.96
N ASP A 68 5.50 10.99 1.62
CA ASP A 68 5.01 12.24 1.02
C ASP A 68 6.19 13.11 0.63
N LYS A 69 7.30 12.89 1.31
CA LYS A 69 8.53 13.56 1.04
C LYS A 69 9.37 12.69 0.15
N THR A 70 10.05 13.29 -0.78
CA THR A 70 10.86 12.55 -1.70
C THR A 70 12.28 12.47 -1.17
N SER A 1 2.53 -13.21 -8.27
CA SER A 1 1.27 -13.87 -8.59
C SER A 1 0.37 -12.92 -9.37
N ASP A 2 -0.80 -13.37 -9.76
CA ASP A 2 -1.76 -12.53 -10.47
C ASP A 2 -2.69 -11.86 -9.48
N GLY A 3 -3.19 -10.71 -9.83
CA GLY A 3 -4.09 -10.01 -8.97
C GLY A 3 -4.87 -8.96 -9.70
N GLY A 4 -6.02 -8.63 -9.19
CA GLY A 4 -6.83 -7.62 -9.80
C GLY A 4 -8.28 -7.84 -9.52
N ALA A 5 -9.10 -7.69 -10.57
CA ALA A 5 -10.55 -7.81 -10.50
C ALA A 5 -11.14 -6.69 -9.64
N GLN A 6 -12.38 -6.82 -9.24
CA GLN A 6 -13.00 -5.81 -8.39
C GLN A 6 -12.64 -6.04 -6.93
N ASP A 7 -11.99 -7.14 -6.66
CA ASP A 7 -11.49 -7.42 -5.32
C ASP A 7 -10.29 -6.52 -5.12
N CYS A 8 -10.34 -5.69 -4.13
CA CYS A 8 -9.31 -4.72 -3.95
C CYS A 8 -8.33 -5.11 -2.86
N CYS A 9 -7.06 -4.78 -3.09
CA CYS A 9 -5.95 -5.03 -2.18
C CYS A 9 -5.50 -6.50 -2.28
N LEU A 10 -4.26 -6.71 -2.76
CA LEU A 10 -3.75 -8.06 -2.98
C LEU A 10 -3.32 -8.71 -1.67
N LYS A 11 -2.67 -7.94 -0.84
CA LYS A 11 -2.24 -8.43 0.43
C LYS A 11 -2.66 -7.48 1.49
N TYR A 12 -3.17 -8.00 2.56
CA TYR A 12 -3.58 -7.21 3.67
C TYR A 12 -2.46 -7.21 4.70
N SER A 13 -2.50 -6.26 5.60
CA SER A 13 -1.44 -6.07 6.59
C SER A 13 -1.20 -7.30 7.47
N GLN A 14 -0.19 -8.05 7.12
CA GLN A 14 0.24 -9.20 7.90
C GLN A 14 1.65 -8.95 8.39
N ARG A 15 2.44 -8.29 7.53
CA ARG A 15 3.79 -7.92 7.85
C ARG A 15 3.87 -6.41 7.87
N LYS A 16 4.86 -5.88 8.52
CA LYS A 16 5.06 -4.45 8.57
C LYS A 16 6.21 -4.08 7.66
N ILE A 17 5.94 -3.23 6.71
CA ILE A 17 6.93 -2.81 5.76
C ILE A 17 7.26 -1.35 6.04
N PRO A 18 8.47 -1.08 6.49
CA PRO A 18 8.90 0.27 6.86
C PRO A 18 9.11 1.20 5.65
N ALA A 19 8.82 2.49 5.85
CA ALA A 19 8.95 3.49 4.79
C ALA A 19 10.38 3.62 4.26
N LYS A 20 11.36 3.25 5.07
CA LYS A 20 12.75 3.36 4.62
C LYS A 20 13.14 2.31 3.57
N VAL A 21 12.35 1.26 3.42
CA VAL A 21 12.67 0.27 2.42
C VAL A 21 11.89 0.52 1.14
N VAL A 22 11.00 1.49 1.16
CA VAL A 22 10.23 1.82 0.00
C VAL A 22 10.63 3.21 -0.47
N ARG A 23 10.10 3.63 -1.59
CA ARG A 23 10.41 4.93 -2.08
C ARG A 23 9.24 5.89 -1.92
N SER A 24 8.04 5.33 -1.91
CA SER A 24 6.83 6.10 -1.76
C SER A 24 5.66 5.12 -1.67
N TYR A 25 4.47 5.64 -1.72
CA TYR A 25 3.29 4.83 -1.68
C TYR A 25 2.43 5.17 -2.86
N ARG A 26 1.42 4.40 -3.06
CA ARG A 26 0.53 4.54 -4.16
C ARG A 26 -0.86 4.33 -3.59
N LYS A 27 -1.66 5.33 -3.71
CA LYS A 27 -2.96 5.34 -3.12
C LYS A 27 -3.97 4.67 -4.03
N GLN A 28 -4.77 3.80 -3.47
CA GLN A 28 -5.82 3.16 -4.19
C GLN A 28 -7.12 3.83 -3.82
N GLU A 29 -7.71 4.52 -4.78
CA GLU A 29 -8.91 5.30 -4.55
C GLU A 29 -10.15 4.39 -4.56
N PRO A 30 -10.91 4.42 -3.45
CA PRO A 30 -12.15 3.63 -3.28
C PRO A 30 -13.20 3.89 -4.37
N SER A 31 -13.22 5.08 -4.92
CA SER A 31 -14.23 5.52 -5.89
C SER A 31 -14.23 4.71 -7.20
N LEU A 32 -13.18 3.96 -7.45
CA LEU A 32 -13.12 3.15 -8.65
C LEU A 32 -13.75 1.78 -8.43
N GLY A 33 -14.37 1.58 -7.28
CA GLY A 33 -15.07 0.35 -7.03
C GLY A 33 -14.56 -0.42 -5.85
N CYS A 34 -13.92 0.24 -4.91
CA CYS A 34 -13.43 -0.45 -3.72
C CYS A 34 -14.12 0.12 -2.51
N SER A 35 -14.46 -0.72 -1.56
CA SER A 35 -15.12 -0.26 -0.36
C SER A 35 -14.11 0.39 0.59
N ILE A 36 -12.95 -0.19 0.66
CA ILE A 36 -11.89 0.31 1.50
C ILE A 36 -10.76 0.89 0.64
N PRO A 37 -10.17 2.00 1.09
CA PRO A 37 -8.98 2.55 0.45
C PRO A 37 -7.78 1.69 0.78
N ALA A 38 -6.82 1.71 -0.07
CA ALA A 38 -5.65 0.90 0.13
C ALA A 38 -4.39 1.69 -0.14
N ILE A 39 -3.36 1.40 0.61
CA ILE A 39 -2.08 2.03 0.41
C ILE A 39 -1.12 1.02 -0.13
N LEU A 40 -0.73 1.24 -1.32
CA LEU A 40 0.24 0.40 -1.97
C LEU A 40 1.61 0.93 -1.66
N PHE A 41 2.49 0.07 -1.36
CA PHE A 41 3.83 0.43 -1.10
C PHE A 41 4.64 0.28 -2.36
N LEU A 42 5.33 1.33 -2.72
CA LEU A 42 6.21 1.30 -3.84
C LEU A 42 7.61 1.10 -3.31
N PRO A 43 8.16 -0.11 -3.47
CA PRO A 43 9.46 -0.46 -2.93
C PRO A 43 10.60 0.35 -3.53
N ARG A 44 11.76 0.27 -2.92
CA ARG A 44 12.91 0.98 -3.39
C ARG A 44 13.42 0.37 -4.69
N LYS A 45 13.10 -0.90 -4.90
CA LYS A 45 13.44 -1.58 -6.11
C LYS A 45 12.37 -1.32 -7.14
N ARG A 46 12.78 -0.92 -8.33
CA ARG A 46 11.82 -0.58 -9.37
C ARG A 46 11.32 -1.80 -10.15
N SER A 47 11.91 -2.94 -9.88
CA SER A 47 11.55 -4.17 -10.58
C SER A 47 10.47 -4.93 -9.80
N GLN A 48 9.84 -4.29 -8.85
CA GLN A 48 8.81 -4.93 -8.08
C GLN A 48 7.47 -4.27 -8.34
N ALA A 49 6.41 -4.89 -7.85
CA ALA A 49 5.06 -4.40 -8.08
C ALA A 49 4.56 -3.55 -6.91
N GLU A 50 3.25 -3.40 -6.84
CA GLU A 50 2.61 -2.55 -5.85
C GLU A 50 2.07 -3.42 -4.71
N LEU A 51 2.60 -3.27 -3.52
CA LEU A 51 2.17 -4.09 -2.40
C LEU A 51 1.20 -3.34 -1.51
N CYS A 52 0.02 -3.85 -1.37
CA CYS A 52 -1.03 -3.23 -0.57
C CYS A 52 -0.78 -3.37 0.92
N ALA A 53 -1.20 -2.37 1.63
CA ALA A 53 -1.16 -2.30 3.04
C ALA A 53 -2.42 -1.57 3.49
N ASP A 54 -2.91 -1.89 4.65
CA ASP A 54 -4.13 -1.28 5.15
C ASP A 54 -3.82 0.03 5.80
N PRO A 55 -4.35 1.14 5.27
CA PRO A 55 -4.10 2.45 5.86
C PRO A 55 -4.89 2.64 7.15
N LYS A 56 -5.62 1.60 7.51
CA LYS A 56 -6.29 1.48 8.79
C LYS A 56 -5.25 1.31 9.89
N GLU A 57 -4.08 0.82 9.50
CA GLU A 57 -2.96 0.64 10.41
C GLU A 57 -2.30 1.96 10.65
N LEU A 58 -1.86 2.16 11.85
CA LEU A 58 -1.24 3.41 12.22
C LEU A 58 0.12 3.54 11.56
N TRP A 59 0.86 2.45 11.51
CA TRP A 59 2.17 2.46 10.89
C TRP A 59 2.08 2.89 9.42
N VAL A 60 1.06 2.41 8.73
CA VAL A 60 0.82 2.80 7.33
C VAL A 60 0.53 4.29 7.24
N GLN A 61 -0.29 4.79 8.15
CA GLN A 61 -0.62 6.20 8.21
C GLN A 61 0.64 7.02 8.41
N GLN A 62 1.47 6.57 9.33
CA GLN A 62 2.73 7.22 9.62
C GLN A 62 3.66 7.17 8.41
N LEU A 63 3.62 6.08 7.65
CA LEU A 63 4.46 5.96 6.46
C LEU A 63 4.02 6.94 5.42
N MET A 64 2.73 6.87 5.06
CA MET A 64 2.20 7.72 4.01
C MET A 64 2.39 9.20 4.31
N GLN A 65 2.28 9.58 5.57
CA GLN A 65 2.49 10.96 5.94
C GLN A 65 3.96 11.35 5.82
N HIS A 66 4.86 10.43 6.14
CA HIS A 66 6.31 10.68 6.06
C HIS A 66 6.76 10.68 4.61
N LEU A 67 6.22 9.76 3.83
CA LEU A 67 6.54 9.64 2.39
C LEU A 67 6.03 10.85 1.64
N ASP A 68 4.97 11.40 2.15
CA ASP A 68 4.39 12.64 1.65
C ASP A 68 5.35 13.81 1.89
N LYS A 69 6.21 13.66 2.87
CA LYS A 69 7.11 14.71 3.27
C LYS A 69 8.47 14.54 2.63
N THR A 70 8.82 15.46 1.79
CA THR A 70 10.10 15.48 1.17
C THR A 70 10.96 16.49 1.94
#